data_2N1G
#
_entry.id   2N1G
#
loop_
_entity.id
_entity.type
_entity.pdbx_description
1 polymer 'DNA repair protein REV1'
2 polymer 'DNA polymerase delta subunit 3'
#
loop_
_entity_poly.entity_id
_entity_poly.type
_entity_poly.pdbx_seq_one_letter_code
_entity_poly.pdbx_strand_id
1 'polypeptide(L)'
;NLAGAVEFNDVKTLLREWITTISDPMEEDILQVVKYCTDLIEEKDLEKLDLVIKYMKRLMQQSVESVWNMAFDFILDNVQ
VVLQQTYGSTLKVT
;
A
2 'polypeptide(L)' KGNMMSNFFGKAAMNK B
#
# COMPACT_ATOMS: atom_id res chain seq x y z
N ASN A 1 3.57 9.78 0.24
CA ASN A 1 2.62 9.98 1.36
C ASN A 1 1.75 8.71 1.46
N LEU A 2 0.56 8.85 2.05
CA LEU A 2 -0.57 7.90 1.90
C LEU A 2 -1.83 8.77 1.77
N ALA A 3 -2.29 8.96 0.52
CA ALA A 3 -3.50 9.76 0.17
C ALA A 3 -3.24 11.27 0.25
N GLY A 4 -2.83 11.76 1.42
CA GLY A 4 -2.59 13.19 1.64
C GLY A 4 -1.69 13.45 2.84
N ALA A 5 -1.31 12.39 3.57
CA ALA A 5 -0.50 12.51 4.79
C ALA A 5 0.53 11.38 4.88
N VAL A 6 1.77 11.75 5.26
CA VAL A 6 2.90 10.80 5.43
C VAL A 6 2.87 10.20 6.87
N GLU A 7 2.01 10.79 7.74
CA GLU A 7 1.77 10.32 9.11
C GLU A 7 1.41 8.83 9.11
N PHE A 8 2.20 7.99 9.82
CA PHE A 8 1.95 6.54 9.89
C PHE A 8 0.61 6.24 10.57
N ASN A 9 0.10 7.18 11.39
CA ASN A 9 -1.22 7.06 12.02
C ASN A 9 -2.30 7.09 10.93
N ASP A 10 -2.10 7.95 9.91
CA ASP A 10 -2.99 8.06 8.74
C ASP A 10 -2.85 6.81 7.83
N VAL A 11 -1.59 6.47 7.49
CA VAL A 11 -1.21 5.26 6.71
C VAL A 11 -1.92 4.00 7.25
N LYS A 12 -1.77 3.81 8.55
CA LYS A 12 -2.28 2.66 9.31
C LYS A 12 -3.83 2.66 9.28
N THR A 13 -4.43 3.83 9.56
CA THR A 13 -5.90 4.02 9.58
C THR A 13 -6.51 3.88 8.15
N LEU A 14 -5.70 4.08 7.12
CA LEU A 14 -6.10 3.75 5.74
C LEU A 14 -6.06 2.20 5.54
N LEU A 15 -4.83 1.66 5.61
CA LEU A 15 -4.52 0.23 5.29
C LEU A 15 -5.35 -0.79 6.10
N ARG A 16 -5.58 -0.53 7.40
CA ARG A 16 -6.12 -1.55 8.33
C ARG A 16 -7.54 -1.96 7.95
N GLU A 17 -8.45 -0.99 7.91
CA GLU A 17 -9.87 -1.24 7.56
C GLU A 17 -10.03 -1.50 6.07
N TRP A 18 -9.10 -1.00 5.23
CA TRP A 18 -9.09 -1.30 3.79
C TRP A 18 -9.00 -2.81 3.58
N ILE A 19 -7.92 -3.40 4.08
CA ILE A 19 -7.62 -4.81 3.88
C ILE A 19 -8.66 -5.73 4.56
N THR A 20 -9.14 -5.34 5.75
CA THR A 20 -10.05 -6.19 6.55
C THR A 20 -11.52 -6.09 6.08
N THR A 21 -11.96 -4.87 5.66
CA THR A 21 -13.40 -4.56 5.47
C THR A 21 -13.83 -4.61 3.99
N ILE A 22 -13.06 -3.96 3.08
CA ILE A 22 -13.50 -3.78 1.67
C ILE A 22 -13.48 -5.16 0.95
N SER A 23 -14.67 -5.62 0.51
CA SER A 23 -14.84 -6.96 -0.09
C SER A 23 -14.08 -7.09 -1.42
N ASP A 24 -14.05 -5.99 -2.18
CA ASP A 24 -13.44 -5.94 -3.51
C ASP A 24 -12.69 -4.60 -3.65
N PRO A 25 -11.33 -4.59 -3.45
CA PRO A 25 -10.53 -3.37 -3.65
C PRO A 25 -10.50 -2.93 -5.12
N MET A 26 -11.01 -1.73 -5.37
CA MET A 26 -10.90 -1.07 -6.68
C MET A 26 -9.44 -0.63 -6.91
N GLU A 27 -9.08 -0.54 -8.20
CA GLU A 27 -7.68 -0.36 -8.64
C GLU A 27 -7.08 0.97 -8.15
N GLU A 28 -7.92 1.95 -7.79
CA GLU A 28 -7.47 3.33 -7.55
C GLU A 28 -6.68 3.48 -6.22
N ASP A 29 -7.10 2.77 -5.14
CA ASP A 29 -6.30 2.75 -3.88
C ASP A 29 -5.09 1.80 -4.07
N ILE A 30 -5.24 0.81 -4.96
CA ILE A 30 -4.16 -0.15 -5.27
C ILE A 30 -3.03 0.54 -6.05
N LEU A 31 -3.37 1.46 -6.97
CA LEU A 31 -2.37 2.18 -7.77
C LEU A 31 -1.75 3.33 -6.96
N GLN A 32 -2.50 3.90 -5.99
CA GLN A 32 -1.97 4.98 -5.13
C GLN A 32 -0.92 4.40 -4.17
N VAL A 33 -1.17 3.19 -3.61
CA VAL A 33 -0.23 2.54 -2.66
C VAL A 33 1.06 2.06 -3.38
N VAL A 34 0.92 1.45 -4.57
CA VAL A 34 2.08 0.98 -5.38
C VAL A 34 2.94 2.18 -5.81
N LYS A 35 2.27 3.29 -6.17
CA LYS A 35 2.92 4.56 -6.55
C LYS A 35 3.84 5.07 -5.42
N TYR A 36 3.31 5.09 -4.18
CA TYR A 36 4.05 5.59 -3.02
C TYR A 36 5.18 4.65 -2.63
N CYS A 37 4.93 3.33 -2.76
CA CYS A 37 5.94 2.30 -2.46
C CYS A 37 7.21 2.53 -3.30
N THR A 38 7.01 2.66 -4.61
CA THR A 38 8.08 2.91 -5.57
C THR A 38 8.68 4.34 -5.40
N ASP A 39 7.82 5.28 -4.96
CA ASP A 39 8.23 6.68 -4.75
C ASP A 39 9.03 6.86 -3.45
N LEU A 40 8.75 6.03 -2.43
CA LEU A 40 9.48 6.05 -1.14
C LEU A 40 10.87 5.46 -1.33
N ILE A 41 11.00 4.54 -2.30
CA ILE A 41 12.31 4.06 -2.79
C ILE A 41 13.13 5.25 -3.35
N GLU A 42 12.55 5.99 -4.31
CA GLU A 42 13.29 7.05 -5.07
C GLU A 42 13.44 8.35 -4.25
N GLU A 43 12.57 8.54 -3.25
CA GLU A 43 12.61 9.74 -2.35
C GLU A 43 13.46 9.48 -1.09
N LYS A 44 14.22 8.35 -1.11
CA LYS A 44 15.17 7.97 -0.03
C LYS A 44 14.45 7.73 1.32
N ASP A 45 13.12 7.54 1.29
CA ASP A 45 12.31 7.35 2.49
C ASP A 45 11.83 5.89 2.54
N LEU A 46 12.80 4.95 2.47
CA LEU A 46 12.52 3.52 2.64
C LEU A 46 12.27 3.17 4.12
N GLU A 47 12.35 4.19 5.00
CA GLU A 47 11.95 4.10 6.41
C GLU A 47 10.43 3.94 6.45
N LYS A 48 9.75 4.85 5.75
CA LYS A 48 8.30 4.86 5.69
C LYS A 48 7.79 3.68 4.85
N LEU A 49 8.58 3.31 3.82
CA LEU A 49 8.32 2.11 2.99
C LEU A 49 8.26 0.85 3.87
N ASP A 50 9.20 0.75 4.82
CA ASP A 50 9.24 -0.33 5.83
C ASP A 50 7.88 -0.40 6.57
N LEU A 51 7.44 0.74 7.12
CA LEU A 51 6.17 0.87 7.87
C LEU A 51 4.94 0.45 7.01
N VAL A 52 4.82 1.06 5.81
CA VAL A 52 3.69 0.86 4.87
C VAL A 52 3.57 -0.62 4.44
N ILE A 53 4.67 -1.16 3.88
CA ILE A 53 4.73 -2.52 3.29
C ILE A 53 4.54 -3.62 4.35
N LYS A 54 5.14 -3.43 5.54
CA LYS A 54 5.07 -4.45 6.61
C LYS A 54 3.65 -4.58 7.15
N TYR A 55 2.92 -3.46 7.19
CA TYR A 55 1.58 -3.41 7.76
C TYR A 55 0.58 -3.96 6.73
N MET A 56 0.76 -3.50 5.49
CA MET A 56 -0.03 -3.91 4.32
C MET A 56 0.05 -5.43 4.12
N LYS A 57 1.29 -5.96 4.12
CA LYS A 57 1.56 -7.39 3.86
C LYS A 57 0.95 -8.23 4.99
N ARG A 58 1.13 -7.76 6.24
CA ARG A 58 0.75 -8.52 7.47
C ARG A 58 -0.74 -8.84 7.49
N LEU A 59 -1.55 -7.84 7.11
CA LEU A 59 -3.01 -7.95 7.07
C LEU A 59 -3.48 -8.79 5.86
N MET A 60 -2.85 -8.54 4.69
CA MET A 60 -3.13 -9.28 3.44
C MET A 60 -2.69 -10.75 3.52
N GLN A 61 -1.76 -11.03 4.44
CA GLN A 61 -1.28 -12.38 4.73
C GLN A 61 -2.32 -13.14 5.58
N GLN A 62 -2.80 -12.47 6.66
CA GLN A 62 -3.71 -13.10 7.65
C GLN A 62 -5.17 -13.17 7.12
N SER A 63 -5.46 -12.47 6.02
CA SER A 63 -6.74 -12.64 5.28
C SER A 63 -6.73 -14.03 4.61
N VAL A 64 -7.79 -14.83 4.86
CA VAL A 64 -7.83 -16.26 4.46
C VAL A 64 -7.81 -16.42 2.91
N GLU A 65 -8.96 -16.14 2.27
CA GLU A 65 -9.10 -16.21 0.80
C GLU A 65 -9.89 -14.99 0.31
N SER A 66 -9.17 -13.99 -0.18
CA SER A 66 -9.74 -12.78 -0.78
C SER A 66 -8.78 -12.21 -1.83
N VAL A 67 -9.21 -11.13 -2.52
CA VAL A 67 -8.38 -10.38 -3.50
C VAL A 67 -7.07 -9.86 -2.84
N TRP A 68 -7.14 -9.67 -1.52
CA TRP A 68 -6.03 -9.14 -0.69
C TRP A 68 -4.77 -10.00 -0.75
N ASN A 69 -4.92 -11.31 -1.01
CA ASN A 69 -3.77 -12.23 -1.16
C ASN A 69 -3.04 -11.98 -2.50
N MET A 70 -3.82 -11.66 -3.55
CA MET A 70 -3.29 -11.32 -4.87
C MET A 70 -2.68 -9.90 -4.86
N ALA A 71 -3.30 -9.00 -4.07
CA ALA A 71 -2.83 -7.62 -3.88
C ALA A 71 -1.51 -7.61 -3.09
N PHE A 72 -1.41 -8.51 -2.09
CA PHE A 72 -0.16 -8.80 -1.34
C PHE A 72 0.99 -9.08 -2.31
N ASP A 73 0.75 -10.07 -3.18
CA ASP A 73 1.76 -10.54 -4.14
C ASP A 73 2.10 -9.47 -5.20
N PHE A 74 1.08 -8.69 -5.62
CA PHE A 74 1.24 -7.66 -6.68
C PHE A 74 2.09 -6.46 -6.18
N ILE A 75 1.63 -5.84 -5.09
CA ILE A 75 2.25 -4.61 -4.55
C ILE A 75 3.69 -4.89 -4.10
N LEU A 76 3.88 -6.05 -3.45
CA LEU A 76 5.20 -6.50 -2.93
C LEU A 76 6.16 -6.83 -4.09
N ASP A 77 5.60 -7.35 -5.20
CA ASP A 77 6.38 -7.63 -6.42
C ASP A 77 6.99 -6.33 -6.97
N ASN A 78 6.10 -5.37 -7.30
CA ASN A 78 6.46 -4.11 -7.99
C ASN A 78 7.44 -3.26 -7.17
N VAL A 79 7.26 -3.23 -5.83
CA VAL A 79 8.14 -2.45 -4.94
C VAL A 79 9.56 -3.05 -4.92
N GLN A 80 9.67 -4.38 -4.77
CA GLN A 80 10.98 -5.07 -4.68
C GLN A 80 11.73 -5.03 -6.03
N VAL A 81 10.97 -5.02 -7.14
CA VAL A 81 11.54 -4.93 -8.50
C VAL A 81 12.22 -3.56 -8.73
N VAL A 82 11.53 -2.47 -8.36
CA VAL A 82 12.10 -1.10 -8.43
C VAL A 82 13.32 -0.99 -7.48
N LEU A 83 13.18 -1.59 -6.28
CA LEU A 83 14.20 -1.54 -5.21
C LEU A 83 15.50 -2.29 -5.62
N GLN A 84 15.38 -3.39 -6.40
CA GLN A 84 16.55 -4.17 -6.86
C GLN A 84 17.23 -3.50 -8.06
N GLN A 85 16.46 -2.69 -8.79
CA GLN A 85 16.97 -1.87 -9.91
C GLN A 85 17.63 -0.57 -9.39
N THR A 86 17.09 -0.02 -8.28
CA THR A 86 17.57 1.25 -7.69
C THR A 86 18.71 0.98 -6.68
N TYR A 87 18.35 0.28 -5.59
CA TYR A 87 19.27 0.00 -4.45
C TYR A 87 20.06 -1.31 -4.64
N GLY A 88 19.59 -2.17 -5.55
CA GLY A 88 20.31 -3.41 -5.87
C GLY A 88 19.96 -4.57 -4.96
N SER A 89 18.88 -4.43 -4.16
CA SER A 89 18.44 -5.46 -3.19
C SER A 89 16.91 -5.45 -3.04
N THR A 90 16.36 -6.55 -2.48
CA THR A 90 14.91 -6.75 -2.27
C THR A 90 14.65 -7.06 -0.79
N LEU A 91 14.09 -6.08 -0.02
CA LEU A 91 13.87 -6.24 1.44
C LEU A 91 12.84 -7.37 1.70
N LYS A 92 13.31 -8.47 2.32
CA LYS A 92 12.42 -9.56 2.74
C LYS A 92 11.92 -9.26 4.15
N VAL A 93 10.62 -8.95 4.27
CA VAL A 93 9.97 -8.56 5.53
C VAL A 93 10.07 -9.70 6.57
N THR A 94 9.69 -10.91 6.11
CA THR A 94 9.69 -12.15 6.92
C THR A 94 8.74 -12.05 8.12
N LYS B 1 -16.53 9.70 -11.97
CA LYS B 1 -15.18 10.22 -12.20
C LYS B 1 -14.22 9.61 -11.15
N GLY B 2 -13.64 8.46 -11.50
CA GLY B 2 -12.75 7.71 -10.60
C GLY B 2 -13.53 7.00 -9.49
N ASN B 3 -12.79 6.43 -8.52
CA ASN B 3 -13.33 5.82 -7.27
C ASN B 3 -13.93 4.42 -7.48
N MET B 4 -14.41 4.13 -8.72
CA MET B 4 -15.11 2.88 -9.11
C MET B 4 -16.34 2.61 -8.20
N MET B 5 -16.09 2.04 -7.01
CA MET B 5 -17.10 1.82 -5.97
C MET B 5 -16.62 2.49 -4.65
N SER B 6 -16.57 3.83 -4.70
CA SER B 6 -16.34 4.71 -3.54
C SER B 6 -14.97 4.46 -2.86
N ASN B 7 -13.91 5.11 -3.41
CA ASN B 7 -12.53 5.13 -2.87
C ASN B 7 -12.47 5.29 -1.35
N PHE B 8 -11.53 4.55 -0.76
CA PHE B 8 -11.35 4.47 0.68
C PHE B 8 -10.15 5.35 1.10
N PHE B 9 -9.10 5.35 0.24
CA PHE B 9 -7.89 6.20 0.41
C PHE B 9 -8.07 7.48 -0.38
N GLY B 10 -8.48 7.32 -1.65
CA GLY B 10 -8.75 8.46 -2.53
C GLY B 10 -9.87 9.42 -2.04
N LYS B 11 -10.74 8.95 -1.11
CA LYS B 11 -11.71 9.84 -0.43
C LYS B 11 -10.96 10.67 0.62
N ALA B 12 -10.04 10.02 1.34
CA ALA B 12 -9.16 10.65 2.35
C ALA B 12 -7.88 11.24 1.69
N ALA B 13 -7.93 11.49 0.36
CA ALA B 13 -6.80 12.02 -0.43
C ALA B 13 -6.46 13.47 -0.06
N MET B 14 -5.42 14.02 -0.68
CA MET B 14 -5.01 15.41 -0.48
C MET B 14 -6.02 16.34 -1.20
N ASN B 15 -7.15 16.61 -0.50
CA ASN B 15 -8.34 17.27 -1.06
C ASN B 15 -9.22 17.81 0.08
N LYS B 16 -9.25 19.16 0.22
CA LYS B 16 -10.11 19.87 1.20
C LYS B 16 -10.22 21.37 0.81
N ASN A 1 3.72 9.97 0.58
CA ASN A 1 2.80 9.97 1.74
C ASN A 1 1.73 8.86 1.55
N LEU A 2 0.50 9.06 2.06
CA LEU A 2 -0.66 8.21 1.75
C LEU A 2 -1.92 9.10 1.71
N ALA A 3 -2.46 9.32 0.49
CA ALA A 3 -3.64 10.19 0.25
C ALA A 3 -3.37 11.64 0.69
N GLY A 4 -2.10 12.07 0.55
CA GLY A 4 -1.69 13.41 0.94
C GLY A 4 -1.44 13.57 2.43
N ALA A 5 -1.23 12.44 3.12
CA ALA A 5 -0.96 12.43 4.56
C ALA A 5 0.32 11.64 4.86
N VAL A 6 1.39 12.37 5.20
CA VAL A 6 2.68 11.77 5.64
C VAL A 6 2.50 11.16 7.04
N GLU A 7 1.43 11.62 7.75
CA GLU A 7 1.04 11.14 9.07
C GLU A 7 0.81 9.62 9.04
N PHE A 8 1.73 8.85 9.65
CA PHE A 8 1.68 7.39 9.67
C PHE A 8 0.41 6.86 10.37
N ASN A 9 -0.17 7.66 11.29
CA ASN A 9 -1.42 7.27 11.98
C ASN A 9 -2.60 7.33 10.99
N ASP A 10 -2.55 8.30 10.04
CA ASP A 10 -3.56 8.43 8.97
C ASP A 10 -3.39 7.29 7.95
N VAL A 11 -2.12 6.99 7.62
CA VAL A 11 -1.73 5.86 6.75
C VAL A 11 -2.31 4.54 7.29
N LYS A 12 -2.19 4.38 8.61
CA LYS A 12 -2.72 3.23 9.35
C LYS A 12 -4.27 3.20 9.30
N THR A 13 -4.87 4.40 9.45
CA THR A 13 -6.34 4.57 9.36
C THR A 13 -6.84 4.29 7.92
N LEU A 14 -5.96 4.39 6.92
CA LEU A 14 -6.28 3.92 5.58
C LEU A 14 -6.17 2.38 5.50
N LEU A 15 -4.93 1.87 5.67
CA LEU A 15 -4.56 0.45 5.42
C LEU A 15 -5.34 -0.58 6.28
N ARG A 16 -5.50 -0.31 7.59
CA ARG A 16 -6.01 -1.30 8.57
C ARG A 16 -7.46 -1.73 8.23
N GLU A 17 -8.36 -0.72 8.19
CA GLU A 17 -9.78 -0.96 7.90
C GLU A 17 -9.95 -1.36 6.45
N TRP A 18 -9.09 -0.84 5.57
CA TRP A 18 -9.10 -1.19 4.15
C TRP A 18 -9.07 -2.71 3.95
N ILE A 19 -8.02 -3.34 4.47
CA ILE A 19 -7.78 -4.76 4.29
C ILE A 19 -8.90 -5.63 4.91
N THR A 20 -9.41 -5.23 6.09
CA THR A 20 -10.41 -6.07 6.82
C THR A 20 -11.90 -5.76 6.48
N THR A 21 -12.21 -4.52 6.07
CA THR A 21 -13.60 -3.98 6.03
C THR A 21 -14.14 -3.86 4.59
N ILE A 22 -13.29 -3.44 3.63
CA ILE A 22 -13.75 -3.16 2.24
C ILE A 22 -14.05 -4.47 1.50
N SER A 23 -15.19 -4.54 0.80
CA SER A 23 -15.63 -5.75 0.09
C SER A 23 -14.75 -5.99 -1.16
N ASP A 24 -14.38 -4.90 -1.83
CA ASP A 24 -13.57 -4.94 -3.06
C ASP A 24 -12.39 -3.95 -2.92
N PRO A 25 -11.11 -4.44 -2.87
CA PRO A 25 -9.93 -3.56 -2.95
C PRO A 25 -9.90 -2.84 -4.31
N MET A 26 -10.42 -1.61 -4.30
CA MET A 26 -10.53 -0.75 -5.47
C MET A 26 -9.14 -0.34 -5.95
N GLU A 27 -8.78 -0.74 -7.18
CA GLU A 27 -7.39 -0.63 -7.70
C GLU A 27 -6.86 0.81 -7.65
N GLU A 28 -7.78 1.80 -7.55
CA GLU A 28 -7.46 3.21 -7.30
C GLU A 28 -6.49 3.39 -6.12
N ASP A 29 -6.84 2.80 -4.96
CA ASP A 29 -5.98 2.85 -3.75
C ASP A 29 -4.82 1.85 -3.79
N ILE A 30 -4.96 0.76 -4.56
CA ILE A 30 -3.86 -0.21 -4.78
C ILE A 30 -2.72 0.42 -5.60
N LEU A 31 -3.08 1.19 -6.66
CA LEU A 31 -2.07 1.83 -7.54
C LEU A 31 -1.50 3.05 -6.83
N GLN A 32 -2.32 3.62 -5.93
CA GLN A 32 -1.95 4.71 -5.03
C GLN A 32 -0.72 4.32 -4.18
N VAL A 33 -0.88 3.22 -3.42
CA VAL A 33 0.16 2.70 -2.51
C VAL A 33 1.40 2.18 -3.27
N VAL A 34 1.21 1.57 -4.47
CA VAL A 34 2.34 1.12 -5.33
C VAL A 34 3.19 2.33 -5.76
N LYS A 35 2.51 3.41 -6.15
CA LYS A 35 3.14 4.66 -6.64
C LYS A 35 4.03 5.25 -5.53
N TYR A 36 3.49 5.32 -4.30
CA TYR A 36 4.23 5.83 -3.12
C TYR A 36 5.44 4.96 -2.81
N CYS A 37 5.20 3.64 -2.72
CA CYS A 37 6.21 2.63 -2.36
C CYS A 37 7.49 2.76 -3.23
N THR A 38 7.26 2.78 -4.56
CA THR A 38 8.33 2.88 -5.56
C THR A 38 9.03 4.27 -5.48
N ASP A 39 8.23 5.33 -5.24
CA ASP A 39 8.73 6.71 -5.02
C ASP A 39 9.67 6.75 -3.82
N LEU A 40 9.27 6.11 -2.71
CA LEU A 40 10.00 6.15 -1.41
C LEU A 40 11.39 5.50 -1.52
N ILE A 41 11.49 4.50 -2.40
CA ILE A 41 12.79 3.89 -2.77
C ILE A 41 13.68 4.94 -3.47
N GLU A 42 13.10 5.60 -4.49
CA GLU A 42 13.81 6.55 -5.38
C GLU A 42 13.95 7.95 -4.73
N GLU A 43 13.25 8.14 -3.60
CA GLU A 43 13.26 9.37 -2.79
C GLU A 43 14.05 9.14 -1.50
N LYS A 44 14.44 7.87 -1.28
CA LYS A 44 15.32 7.44 -0.17
C LYS A 44 14.63 7.66 1.20
N ASP A 45 13.28 7.78 1.15
CA ASP A 45 12.40 7.92 2.32
C ASP A 45 11.64 6.58 2.52
N LEU A 46 12.38 5.48 2.28
CA LEU A 46 11.85 4.10 2.34
C LEU A 46 11.53 3.66 3.79
N GLU A 47 11.71 4.60 4.73
CA GLU A 47 11.18 4.51 6.09
C GLU A 47 9.67 4.22 6.09
N LYS A 48 8.90 5.10 5.39
CA LYS A 48 7.42 4.99 5.31
C LYS A 48 7.04 3.67 4.65
N LEU A 49 7.78 3.35 3.57
CA LEU A 49 7.63 2.13 2.78
C LEU A 49 7.61 0.88 3.68
N ASP A 50 8.60 0.80 4.58
CA ASP A 50 8.76 -0.33 5.51
C ASP A 50 7.45 -0.60 6.27
N LEU A 51 6.96 0.43 6.98
CA LEU A 51 5.80 0.31 7.90
C LEU A 51 4.46 0.14 7.13
N VAL A 52 4.37 0.81 5.96
CA VAL A 52 3.22 0.69 5.03
C VAL A 52 3.07 -0.78 4.56
N ILE A 53 4.21 -1.40 4.21
CA ILE A 53 4.27 -2.81 3.75
C ILE A 53 4.16 -3.78 4.95
N LYS A 54 4.58 -3.35 6.16
CA LYS A 54 4.41 -4.17 7.39
C LYS A 54 2.93 -4.49 7.60
N TYR A 55 2.07 -3.49 7.31
CA TYR A 55 0.61 -3.63 7.45
C TYR A 55 0.04 -4.45 6.28
N MET A 56 0.33 -3.96 5.07
CA MET A 56 -0.11 -4.57 3.80
C MET A 56 0.15 -6.09 3.79
N LYS A 57 1.41 -6.45 4.05
CA LYS A 57 1.86 -7.85 4.12
C LYS A 57 1.09 -8.62 5.21
N ARG A 58 1.17 -8.15 6.48
CA ARG A 58 0.72 -8.94 7.65
C ARG A 58 -0.76 -9.33 7.53
N LEU A 59 -1.62 -8.35 7.27
CA LEU A 59 -3.08 -8.56 7.25
C LEU A 59 -3.55 -9.35 5.99
N MET A 60 -2.89 -9.15 4.84
CA MET A 60 -3.27 -9.84 3.56
C MET A 60 -2.76 -11.29 3.53
N GLN A 61 -1.58 -11.51 4.14
CA GLN A 61 -0.95 -12.85 4.27
C GLN A 61 -1.66 -13.63 5.39
N GLN A 62 -2.18 -12.88 6.38
CA GLN A 62 -3.02 -13.40 7.46
C GLN A 62 -4.38 -13.87 6.91
N SER A 63 -4.91 -13.11 5.93
CA SER A 63 -6.11 -13.49 5.16
C SER A 63 -5.78 -14.77 4.35
N VAL A 64 -6.75 -15.70 4.25
CA VAL A 64 -6.52 -17.05 3.69
C VAL A 64 -6.59 -17.02 2.14
N GLU A 65 -7.81 -16.88 1.60
CA GLU A 65 -8.07 -16.92 0.14
C GLU A 65 -8.96 -15.73 -0.23
N SER A 66 -8.32 -14.66 -0.71
CA SER A 66 -8.98 -13.41 -1.08
C SER A 66 -8.23 -12.74 -2.25
N VAL A 67 -8.89 -11.78 -2.89
CA VAL A 67 -8.25 -10.86 -3.88
C VAL A 67 -7.27 -9.89 -3.18
N TRP A 68 -7.36 -9.82 -1.84
CA TRP A 68 -6.37 -9.13 -0.98
C TRP A 68 -5.01 -9.83 -1.05
N ASN A 69 -5.02 -11.17 -1.18
CA ASN A 69 -3.81 -11.99 -1.37
C ASN A 69 -3.19 -11.73 -2.77
N MET A 70 -4.07 -11.44 -3.75
CA MET A 70 -3.66 -11.10 -5.14
C MET A 70 -3.04 -9.69 -5.19
N ALA A 71 -3.64 -8.76 -4.42
CA ALA A 71 -3.16 -7.36 -4.31
C ALA A 71 -1.78 -7.36 -3.64
N PHE A 72 -1.66 -8.12 -2.55
CA PHE A 72 -0.41 -8.38 -1.82
C PHE A 72 0.71 -8.86 -2.77
N ASP A 73 0.37 -9.90 -3.55
CA ASP A 73 1.27 -10.55 -4.52
C ASP A 73 1.83 -9.51 -5.52
N PHE A 74 0.91 -8.67 -6.04
CA PHE A 74 1.22 -7.67 -7.06
C PHE A 74 2.16 -6.58 -6.50
N ILE A 75 1.71 -5.92 -5.41
CA ILE A 75 2.40 -4.74 -4.84
C ILE A 75 3.81 -5.11 -4.37
N LEU A 76 3.89 -6.22 -3.58
CA LEU A 76 5.15 -6.68 -2.97
C LEU A 76 6.18 -7.05 -4.03
N ASP A 77 5.73 -7.68 -5.14
CA ASP A 77 6.60 -8.00 -6.29
C ASP A 77 7.21 -6.71 -6.88
N ASN A 78 6.32 -5.79 -7.32
CA ASN A 78 6.73 -4.55 -8.06
C ASN A 78 7.68 -3.67 -7.24
N VAL A 79 7.38 -3.52 -5.93
CA VAL A 79 8.16 -2.65 -5.05
C VAL A 79 9.57 -3.23 -4.81
N GLN A 80 9.66 -4.55 -4.60
CA GLN A 80 10.94 -5.23 -4.34
C GLN A 80 11.82 -5.31 -5.59
N VAL A 81 11.16 -5.29 -6.77
CA VAL A 81 11.83 -5.18 -8.07
C VAL A 81 12.54 -3.81 -8.18
N VAL A 82 11.78 -2.74 -7.92
CA VAL A 82 12.31 -1.34 -7.94
C VAL A 82 13.38 -1.13 -6.83
N LEU A 83 13.20 -1.82 -5.70
CA LEU A 83 14.08 -1.71 -4.51
C LEU A 83 15.43 -2.39 -4.78
N GLN A 84 15.38 -3.51 -5.51
CA GLN A 84 16.56 -4.28 -5.92
C GLN A 84 17.36 -3.52 -7.02
N GLN A 85 16.64 -2.87 -7.94
CA GLN A 85 17.24 -2.19 -9.12
C GLN A 85 17.76 -0.77 -8.78
N THR A 86 17.02 -0.04 -7.95
CA THR A 86 17.33 1.35 -7.59
C THR A 86 18.32 1.38 -6.42
N TYR A 87 17.92 0.74 -5.30
CA TYR A 87 18.65 0.83 -4.03
C TYR A 87 19.75 -0.25 -3.96
N GLY A 88 19.54 -1.36 -4.70
CA GLY A 88 20.49 -2.49 -4.72
C GLY A 88 20.40 -3.36 -3.48
N SER A 89 19.42 -3.04 -2.62
CA SER A 89 19.18 -3.71 -1.35
C SER A 89 17.66 -3.83 -1.14
N THR A 90 17.17 -5.07 -0.98
CA THR A 90 15.73 -5.34 -0.80
C THR A 90 15.44 -5.70 0.68
N LEU A 91 14.20 -5.45 1.15
CA LEU A 91 13.75 -5.80 2.51
C LEU A 91 12.46 -6.64 2.46
N LYS A 92 12.35 -7.61 3.39
CA LYS A 92 11.17 -8.47 3.54
C LYS A 92 10.69 -8.46 5.00
N VAL A 93 9.36 -8.51 5.20
CA VAL A 93 8.71 -8.40 6.52
C VAL A 93 8.95 -9.68 7.38
N THR A 94 9.15 -10.82 6.68
CA THR A 94 9.36 -12.14 7.30
C THR A 94 8.15 -12.59 8.12
N LYS B 1 -18.58 1.85 -15.09
CA LYS B 1 -18.76 0.78 -14.11
C LYS B 1 -19.39 1.31 -12.82
N GLY B 2 -19.92 0.38 -11.99
CA GLY B 2 -20.63 0.71 -10.74
C GLY B 2 -19.76 1.52 -9.77
N ASN B 3 -18.59 0.98 -9.45
CA ASN B 3 -17.54 1.70 -8.68
C ASN B 3 -16.72 2.55 -9.66
N MET B 4 -17.25 3.74 -9.97
CA MET B 4 -16.59 4.69 -10.90
C MET B 4 -15.68 5.65 -10.10
N MET B 5 -14.34 5.51 -10.32
CA MET B 5 -13.30 6.36 -9.69
C MET B 5 -13.33 6.27 -8.14
N SER B 6 -13.94 5.19 -7.63
CA SER B 6 -14.19 4.96 -6.21
C SER B 6 -12.95 4.30 -5.55
N ASN B 7 -12.76 4.59 -4.26
CA ASN B 7 -11.59 4.19 -3.48
C ASN B 7 -11.84 4.52 -2.00
N PHE B 8 -10.89 4.12 -1.14
CA PHE B 8 -10.97 4.36 0.31
C PHE B 8 -9.91 5.39 0.74
N PHE B 9 -8.90 5.64 -0.14
CA PHE B 9 -7.70 6.46 0.18
C PHE B 9 -7.67 7.79 -0.61
N GLY B 10 -7.29 7.70 -1.91
CA GLY B 10 -6.92 8.87 -2.73
C GLY B 10 -8.10 9.72 -3.22
N LYS B 11 -9.28 9.54 -2.62
CA LYS B 11 -10.46 10.40 -2.80
C LYS B 11 -10.27 11.67 -1.95
N ALA B 12 -9.65 11.49 -0.77
CA ALA B 12 -9.22 12.56 0.13
C ALA B 12 -7.75 12.92 -0.18
N ALA B 13 -7.49 13.33 -1.43
CA ALA B 13 -6.13 13.51 -1.98
C ALA B 13 -5.54 14.88 -1.60
N MET B 14 -5.11 15.02 -0.32
CA MET B 14 -4.46 16.22 0.25
C MET B 14 -5.38 17.47 0.21
N ASN B 15 -5.57 18.06 -0.98
CA ASN B 15 -6.47 19.21 -1.21
C ASN B 15 -7.93 18.72 -1.21
N LYS B 16 -8.58 18.84 -0.04
CA LYS B 16 -9.98 18.40 0.19
C LYS B 16 -10.66 19.28 1.28
N ASN A 1 3.35 9.95 -0.02
CA ASN A 1 2.32 10.29 0.97
C ASN A 1 1.00 9.55 0.69
N LEU A 2 0.53 8.74 1.66
CA LEU A 2 -0.72 7.93 1.55
C LEU A 2 -1.95 8.83 1.43
N ALA A 3 -2.38 9.04 0.16
CA ALA A 3 -3.60 9.79 -0.22
C ALA A 3 -3.48 11.28 0.11
N GLY A 4 -2.23 11.77 0.18
CA GLY A 4 -1.93 13.15 0.54
C GLY A 4 -1.27 13.28 1.91
N ALA A 5 -1.41 12.23 2.74
CA ALA A 5 -0.96 12.24 4.13
C ALA A 5 0.42 11.58 4.29
N VAL A 6 1.40 12.36 4.78
CA VAL A 6 2.77 11.88 5.10
C VAL A 6 2.80 11.17 6.49
N GLU A 7 1.66 11.18 7.20
CA GLU A 7 1.54 10.66 8.55
C GLU A 7 1.25 9.15 8.55
N PHE A 8 2.08 8.37 9.29
CA PHE A 8 1.88 6.92 9.48
C PHE A 8 0.57 6.65 10.25
N ASN A 9 0.06 7.65 10.97
CA ASN A 9 -1.24 7.59 11.67
C ASN A 9 -2.34 7.37 10.64
N ASP A 10 -2.29 8.19 9.56
CA ASP A 10 -3.30 8.16 8.49
C ASP A 10 -3.06 6.92 7.59
N VAL A 11 -1.78 6.63 7.29
CA VAL A 11 -1.35 5.42 6.54
C VAL A 11 -2.00 4.15 7.15
N LYS A 12 -1.79 3.99 8.46
CA LYS A 12 -2.33 2.89 9.28
C LYS A 12 -3.86 2.83 9.19
N THR A 13 -4.50 4.01 9.33
CA THR A 13 -5.97 4.16 9.25
C THR A 13 -6.51 3.63 7.91
N LEU A 14 -5.79 3.95 6.83
CA LEU A 14 -6.17 3.54 5.48
C LEU A 14 -6.04 2.01 5.31
N LEU A 15 -4.81 1.52 5.47
CA LEU A 15 -4.44 0.11 5.22
C LEU A 15 -5.25 -0.88 6.07
N ARG A 16 -5.59 -0.48 7.31
CA ARG A 16 -6.23 -1.41 8.26
C ARG A 16 -7.65 -1.76 7.81
N GLU A 17 -8.51 -0.74 7.63
CA GLU A 17 -9.90 -0.94 7.16
C GLU A 17 -9.90 -1.36 5.68
N TRP A 18 -8.84 -1.04 4.93
CA TRP A 18 -8.73 -1.45 3.52
C TRP A 18 -8.91 -2.97 3.42
N ILE A 19 -8.03 -3.67 4.11
CA ILE A 19 -7.92 -5.12 4.00
C ILE A 19 -8.98 -5.87 4.86
N THR A 20 -9.52 -5.20 5.89
CA THR A 20 -10.56 -5.79 6.76
C THR A 20 -12.00 -5.37 6.32
N THR A 21 -12.22 -4.05 6.23
CA THR A 21 -13.55 -3.43 5.94
C THR A 21 -13.92 -3.52 4.44
N ILE A 22 -12.95 -3.26 3.52
CA ILE A 22 -13.25 -3.18 2.07
C ILE A 22 -13.30 -4.61 1.50
N SER A 23 -14.50 -5.08 1.17
CA SER A 23 -14.70 -6.42 0.59
C SER A 23 -14.40 -6.40 -0.92
N ASP A 24 -14.72 -5.25 -1.57
CA ASP A 24 -14.46 -5.04 -3.01
C ASP A 24 -13.34 -3.98 -3.19
N PRO A 25 -12.06 -4.41 -3.44
CA PRO A 25 -10.92 -3.48 -3.58
C PRO A 25 -11.05 -2.57 -4.81
N MET A 26 -11.22 -1.24 -4.58
CA MET A 26 -11.07 -0.25 -5.65
C MET A 26 -9.59 -0.20 -6.05
N GLU A 27 -9.30 -0.56 -7.32
CA GLU A 27 -7.92 -0.68 -7.83
C GLU A 27 -7.18 0.67 -7.78
N GLU A 28 -7.94 1.77 -7.68
CA GLU A 28 -7.38 3.13 -7.57
C GLU A 28 -6.51 3.27 -6.28
N ASP A 29 -6.92 2.58 -5.20
CA ASP A 29 -6.12 2.56 -3.93
C ASP A 29 -4.96 1.56 -4.03
N ILE A 30 -5.10 0.52 -4.88
CA ILE A 30 -4.01 -0.44 -5.14
C ILE A 30 -2.88 0.26 -5.96
N LEU A 31 -3.29 1.09 -6.93
CA LEU A 31 -2.35 1.82 -7.80
C LEU A 31 -1.58 2.86 -6.99
N GLN A 32 -2.31 3.58 -6.11
CA GLN A 32 -1.72 4.67 -5.33
C GLN A 32 -0.65 4.12 -4.36
N VAL A 33 -0.94 2.99 -3.67
CA VAL A 33 0.00 2.40 -2.68
C VAL A 33 1.28 1.89 -3.34
N VAL A 34 1.14 1.23 -4.51
CA VAL A 34 2.29 0.73 -5.29
C VAL A 34 3.15 1.92 -5.78
N LYS A 35 2.48 3.05 -6.11
CA LYS A 35 3.15 4.28 -6.55
C LYS A 35 3.93 4.89 -5.37
N TYR A 36 3.32 4.95 -4.17
CA TYR A 36 3.96 5.52 -2.97
C TYR A 36 5.18 4.69 -2.60
N CYS A 37 5.06 3.37 -2.79
CA CYS A 37 6.16 2.43 -2.57
C CYS A 37 7.39 2.83 -3.42
N THR A 38 7.16 3.03 -4.74
CA THR A 38 8.24 3.41 -5.67
C THR A 38 8.76 4.83 -5.36
N ASP A 39 7.85 5.70 -4.86
CA ASP A 39 8.18 7.07 -4.42
C ASP A 39 9.09 7.04 -3.19
N LEU A 40 8.84 6.13 -2.23
CA LEU A 40 9.60 6.04 -0.95
C LEU A 40 11.04 5.54 -1.21
N ILE A 41 11.18 4.72 -2.26
CA ILE A 41 12.51 4.25 -2.71
C ILE A 41 13.27 5.40 -3.40
N GLU A 42 12.53 6.21 -4.17
CA GLU A 42 13.03 7.35 -4.95
C GLU A 42 13.37 8.54 -4.02
N GLU A 43 12.60 8.65 -2.94
CA GLU A 43 12.65 9.77 -1.98
C GLU A 43 13.62 9.46 -0.83
N LYS A 44 14.15 8.20 -0.83
CA LYS A 44 15.09 7.71 0.21
C LYS A 44 14.39 7.66 1.58
N ASP A 45 13.04 7.55 1.53
CA ASP A 45 12.17 7.44 2.70
C ASP A 45 11.71 5.98 2.81
N LEU A 46 12.68 5.06 2.64
CA LEU A 46 12.43 3.61 2.69
C LEU A 46 12.27 3.11 4.14
N GLU A 47 12.29 4.07 5.08
CA GLU A 47 11.87 3.86 6.47
C GLU A 47 10.37 3.53 6.48
N LYS A 48 9.52 4.44 5.94
CA LYS A 48 8.08 4.23 5.85
C LYS A 48 7.72 3.17 4.80
N LEU A 49 8.63 2.86 3.85
CA LEU A 49 8.47 1.71 2.92
C LEU A 49 8.20 0.42 3.70
N ASP A 50 9.03 0.21 4.72
CA ASP A 50 8.91 -0.90 5.68
C ASP A 50 7.54 -0.85 6.40
N LEU A 51 7.24 0.31 7.01
CA LEU A 51 6.02 0.50 7.83
C LEU A 51 4.72 0.30 7.00
N VAL A 52 4.58 1.03 5.88
CA VAL A 52 3.42 0.96 4.95
C VAL A 52 3.15 -0.50 4.50
N ILE A 53 4.17 -1.11 3.90
CA ILE A 53 4.03 -2.39 3.17
C ILE A 53 3.88 -3.59 4.08
N LYS A 54 4.65 -3.61 5.17
CA LYS A 54 4.66 -4.73 6.12
C LYS A 54 3.42 -4.68 7.02
N TYR A 55 2.83 -3.48 7.16
CA TYR A 55 1.52 -3.33 7.83
C TYR A 55 0.45 -3.93 6.91
N MET A 56 0.53 -3.52 5.62
CA MET A 56 -0.39 -3.93 4.56
C MET A 56 -0.23 -5.45 4.29
N LYS A 57 0.98 -5.96 4.53
CA LYS A 57 1.35 -7.38 4.35
C LYS A 57 0.71 -8.22 5.47
N ARG A 58 0.85 -7.76 6.74
CA ARG A 58 0.38 -8.52 7.92
C ARG A 58 -1.12 -8.79 7.82
N LEU A 59 -1.83 -7.80 7.32
CA LEU A 59 -3.28 -7.87 7.12
C LEU A 59 -3.61 -8.72 5.87
N MET A 60 -2.80 -8.56 4.80
CA MET A 60 -2.92 -9.34 3.53
C MET A 60 -2.85 -10.86 3.80
N GLN A 61 -1.91 -11.24 4.68
CA GLN A 61 -1.54 -12.65 4.91
C GLN A 61 -2.30 -13.26 6.09
N GLN A 62 -2.90 -12.40 6.95
CA GLN A 62 -3.83 -12.89 7.99
C GLN A 62 -5.18 -13.24 7.32
N SER A 63 -5.47 -12.57 6.17
CA SER A 63 -6.57 -12.94 5.28
C SER A 63 -6.24 -14.30 4.62
N VAL A 64 -7.19 -15.26 4.69
CA VAL A 64 -6.96 -16.66 4.30
C VAL A 64 -6.61 -16.78 2.79
N GLU A 65 -7.60 -16.45 1.93
CA GLU A 65 -7.50 -16.67 0.47
C GLU A 65 -8.21 -15.54 -0.32
N SER A 66 -8.36 -14.38 0.35
CA SER A 66 -9.05 -13.19 -0.18
C SER A 66 -8.36 -12.59 -1.42
N VAL A 67 -9.03 -11.61 -2.07
CA VAL A 67 -8.49 -10.87 -3.24
C VAL A 67 -7.17 -10.14 -2.86
N TRP A 68 -7.01 -9.87 -1.56
CA TRP A 68 -5.84 -9.22 -0.97
C TRP A 68 -4.55 -10.04 -1.16
N ASN A 69 -4.67 -11.37 -1.29
CA ASN A 69 -3.52 -12.25 -1.59
C ASN A 69 -2.95 -12.00 -3.00
N MET A 70 -3.87 -11.71 -3.94
CA MET A 70 -3.51 -11.36 -5.35
C MET A 70 -2.91 -9.95 -5.40
N ALA A 71 -3.46 -9.05 -4.56
CA ALA A 71 -3.00 -7.66 -4.42
C ALA A 71 -1.60 -7.63 -3.79
N PHE A 72 -1.38 -8.54 -2.81
CA PHE A 72 -0.09 -8.75 -2.12
C PHE A 72 1.02 -9.05 -3.14
N ASP A 73 0.72 -10.04 -4.00
CA ASP A 73 1.62 -10.50 -5.07
C ASP A 73 2.07 -9.33 -5.96
N PHE A 74 1.10 -8.49 -6.35
CA PHE A 74 1.33 -7.32 -7.21
C PHE A 74 2.22 -6.27 -6.52
N ILE A 75 1.81 -5.86 -5.30
CA ILE A 75 2.47 -4.75 -4.57
C ILE A 75 3.93 -5.11 -4.21
N LEU A 76 4.10 -6.26 -3.54
CA LEU A 76 5.41 -6.74 -3.04
C LEU A 76 6.41 -6.98 -4.20
N ASP A 77 5.91 -7.53 -5.31
CA ASP A 77 6.75 -7.74 -6.51
C ASP A 77 7.27 -6.40 -7.06
N ASN A 78 6.32 -5.50 -7.39
CA ASN A 78 6.61 -4.23 -8.08
C ASN A 78 7.52 -3.29 -7.26
N VAL A 79 7.32 -3.25 -5.92
CA VAL A 79 8.15 -2.43 -5.04
C VAL A 79 9.60 -2.95 -5.05
N GLN A 80 9.78 -4.28 -4.95
CA GLN A 80 11.11 -4.90 -4.91
C GLN A 80 11.83 -4.81 -6.26
N VAL A 81 11.06 -4.72 -7.37
CA VAL A 81 11.61 -4.51 -8.73
C VAL A 81 12.28 -3.12 -8.84
N VAL A 82 11.59 -2.09 -8.35
CA VAL A 82 12.12 -0.71 -8.32
C VAL A 82 13.29 -0.59 -7.32
N LEU A 83 13.16 -1.28 -6.18
CA LEU A 83 14.16 -1.33 -5.10
C LEU A 83 15.44 -2.05 -5.57
N GLN A 84 15.24 -3.01 -6.51
CA GLN A 84 16.33 -3.74 -7.19
C GLN A 84 17.14 -2.75 -8.06
N GLN A 85 16.42 -2.00 -8.89
CA GLN A 85 17.00 -1.08 -9.89
C GLN A 85 17.68 0.14 -9.22
N THR A 86 17.13 0.58 -8.08
CA THR A 86 17.59 1.77 -7.36
C THR A 86 18.73 1.41 -6.40
N TYR A 87 18.40 0.59 -5.38
CA TYR A 87 19.30 0.28 -4.25
C TYR A 87 20.18 -0.95 -4.53
N GLY A 88 19.72 -1.86 -5.40
CA GLY A 88 20.43 -3.11 -5.67
C GLY A 88 20.37 -4.06 -4.50
N SER A 89 19.32 -3.89 -3.66
CA SER A 89 19.09 -4.68 -2.45
C SER A 89 17.57 -4.80 -2.20
N THR A 90 17.02 -5.98 -2.49
CA THR A 90 15.59 -6.28 -2.32
C THR A 90 15.32 -6.79 -0.88
N LEU A 91 14.76 -5.91 -0.01
CA LEU A 91 14.45 -6.27 1.39
C LEU A 91 13.35 -7.35 1.44
N LYS A 92 13.57 -8.38 2.28
CA LYS A 92 12.63 -9.50 2.45
C LYS A 92 11.85 -9.34 3.77
N VAL A 93 10.54 -9.64 3.73
CA VAL A 93 9.69 -9.59 4.92
C VAL A 93 9.94 -10.84 5.79
N THR A 94 9.45 -12.01 5.30
CA THR A 94 9.66 -13.34 5.94
C THR A 94 9.22 -13.39 7.42
N LYS B 1 -24.38 6.55 -6.33
CA LYS B 1 -24.61 5.13 -6.57
C LYS B 1 -23.27 4.42 -6.88
N GLY B 2 -23.33 3.14 -7.32
CA GLY B 2 -22.14 2.36 -7.63
C GLY B 2 -21.44 1.85 -6.38
N ASN B 3 -20.61 2.73 -5.81
CA ASN B 3 -19.92 2.48 -4.53
C ASN B 3 -19.85 3.78 -3.71
N MET B 4 -19.97 4.92 -4.43
CA MET B 4 -19.76 6.29 -3.89
C MET B 4 -18.31 6.45 -3.36
N MET B 5 -17.53 7.34 -4.04
CA MET B 5 -16.10 7.59 -3.77
C MET B 5 -15.26 6.32 -4.06
N SER B 6 -14.67 6.26 -5.27
CA SER B 6 -13.84 5.12 -5.73
C SER B 6 -12.37 5.28 -5.28
N ASN B 7 -12.24 5.68 -4.01
CA ASN B 7 -10.96 6.02 -3.37
C ASN B 7 -11.21 6.07 -1.86
N PHE B 8 -11.18 4.89 -1.22
CA PHE B 8 -11.28 4.78 0.25
C PHE B 8 -10.01 5.36 0.91
N PHE B 9 -8.91 5.41 0.13
CA PHE B 9 -7.72 6.17 0.48
C PHE B 9 -7.84 7.60 -0.07
N GLY B 10 -7.70 7.72 -1.40
CA GLY B 10 -7.53 9.01 -2.09
C GLY B 10 -8.61 10.08 -1.85
N LYS B 11 -9.78 9.66 -1.31
CA LYS B 11 -10.93 10.56 -1.08
C LYS B 11 -11.31 10.62 0.41
N ALA B 12 -11.01 9.55 1.18
CA ALA B 12 -11.29 9.49 2.64
C ALA B 12 -10.03 9.80 3.48
N ALA B 13 -8.99 10.33 2.81
CA ALA B 13 -7.74 10.75 3.45
C ALA B 13 -7.15 11.94 2.70
N MET B 14 -6.25 12.65 3.37
CA MET B 14 -5.63 13.87 2.85
C MET B 14 -4.54 14.35 3.83
N ASN B 15 -4.90 14.30 5.13
CA ASN B 15 -4.03 14.70 6.26
C ASN B 15 -4.79 14.45 7.58
N LYS B 16 -6.10 14.77 7.54
CA LYS B 16 -7.04 14.63 8.68
C LYS B 16 -6.72 15.65 9.80
N ASN A 1 4.52 10.93 -0.69
CA ASN A 1 3.63 11.10 0.46
C ASN A 1 2.57 9.99 0.44
N LEU A 2 2.52 9.18 1.51
CA LEU A 2 1.60 8.04 1.59
C LEU A 2 0.18 8.56 1.92
N ALA A 3 -0.65 8.67 0.87
CA ALA A 3 -2.09 8.92 0.94
C ALA A 3 -2.39 10.41 1.22
N GLY A 4 -1.51 11.28 0.65
CA GLY A 4 -1.65 12.73 0.77
C GLY A 4 -0.94 13.29 2.01
N ALA A 5 -0.36 12.39 2.81
CA ALA A 5 0.34 12.74 4.06
C ALA A 5 1.53 11.80 4.27
N VAL A 6 2.28 12.02 5.35
CA VAL A 6 3.35 11.09 5.79
C VAL A 6 2.99 10.57 7.21
N GLU A 7 1.81 10.99 7.69
CA GLU A 7 1.31 10.70 9.05
C GLU A 7 0.91 9.22 9.08
N PHE A 8 1.75 8.38 9.71
CA PHE A 8 1.60 6.91 9.63
C PHE A 8 0.27 6.44 10.26
N ASN A 9 -0.29 7.20 11.22
CA ASN A 9 -1.55 6.80 11.89
C ASN A 9 -2.74 7.07 10.96
N ASP A 10 -2.60 8.09 10.09
CA ASP A 10 -3.58 8.38 9.02
C ASP A 10 -3.58 7.23 7.98
N VAL A 11 -2.36 6.91 7.53
CA VAL A 11 -2.08 5.80 6.59
C VAL A 11 -2.54 4.44 7.17
N LYS A 12 -2.35 4.26 8.48
CA LYS A 12 -2.66 3.01 9.21
C LYS A 12 -4.16 2.87 9.41
N THR A 13 -4.84 4.01 9.62
CA THR A 13 -6.32 4.07 9.69
C THR A 13 -6.91 3.64 8.35
N LEU A 14 -6.21 3.92 7.25
CA LEU A 14 -6.62 3.40 5.94
C LEU A 14 -6.34 1.89 5.90
N LEU A 15 -5.04 1.51 6.02
CA LEU A 15 -4.50 0.13 5.85
C LEU A 15 -5.33 -0.96 6.57
N ARG A 16 -5.74 -0.68 7.81
CA ARG A 16 -6.33 -1.72 8.69
C ARG A 16 -7.71 -2.16 8.15
N GLU A 17 -8.63 -1.18 8.01
CA GLU A 17 -9.99 -1.42 7.48
C GLU A 17 -9.96 -1.65 5.97
N TRP A 18 -8.94 -1.14 5.30
CA TRP A 18 -8.79 -1.31 3.84
C TRP A 18 -8.75 -2.81 3.50
N ILE A 19 -7.78 -3.48 4.08
CA ILE A 19 -7.51 -4.88 3.80
C ILE A 19 -8.57 -5.82 4.43
N THR A 20 -9.09 -5.47 5.62
CA THR A 20 -10.05 -6.34 6.33
C THR A 20 -11.51 -6.07 5.87
N THR A 21 -11.91 -4.78 5.87
CA THR A 21 -13.31 -4.37 5.68
C THR A 21 -13.71 -4.30 4.19
N ILE A 22 -12.84 -3.76 3.29
CA ILE A 22 -13.25 -3.50 1.88
C ILE A 22 -13.32 -4.84 1.13
N SER A 23 -14.54 -5.22 0.70
CA SER A 23 -14.80 -6.50 0.00
C SER A 23 -14.45 -6.38 -1.48
N ASP A 24 -14.74 -5.20 -2.06
CA ASP A 24 -14.47 -4.90 -3.48
C ASP A 24 -13.38 -3.80 -3.59
N PRO A 25 -12.07 -4.18 -3.68
CA PRO A 25 -10.99 -3.20 -3.84
C PRO A 25 -10.88 -2.70 -5.29
N MET A 26 -11.47 -1.52 -5.55
CA MET A 26 -11.22 -0.77 -6.79
C MET A 26 -9.74 -0.33 -6.80
N GLU A 27 -9.07 -0.67 -7.90
CA GLU A 27 -7.60 -0.75 -7.97
C GLU A 27 -6.86 0.58 -7.79
N GLU A 28 -7.59 1.72 -7.73
CA GLU A 28 -6.98 3.05 -7.50
C GLU A 28 -6.17 3.12 -6.19
N ASP A 29 -6.69 2.47 -5.13
CA ASP A 29 -6.01 2.41 -3.81
C ASP A 29 -4.85 1.40 -3.81
N ILE A 30 -4.95 0.36 -4.64
CA ILE A 30 -3.85 -0.60 -4.86
C ILE A 30 -2.72 0.08 -5.68
N LEU A 31 -3.10 0.94 -6.63
CA LEU A 31 -2.15 1.66 -7.50
C LEU A 31 -1.47 2.79 -6.74
N GLN A 32 -2.20 3.42 -5.80
CA GLN A 32 -1.71 4.57 -5.03
C GLN A 32 -0.58 4.09 -4.10
N VAL A 33 -0.81 2.95 -3.40
CA VAL A 33 0.18 2.38 -2.45
C VAL A 33 1.43 1.88 -3.20
N VAL A 34 1.24 1.27 -4.40
CA VAL A 34 2.35 0.82 -5.26
C VAL A 34 3.23 2.01 -5.69
N LYS A 35 2.59 3.08 -6.17
CA LYS A 35 3.29 4.22 -6.78
C LYS A 35 4.03 5.06 -5.74
N TYR A 36 3.48 5.14 -4.51
CA TYR A 36 4.15 5.81 -3.39
C TYR A 36 5.34 4.99 -2.92
N CYS A 37 5.18 3.66 -2.90
CA CYS A 37 6.27 2.74 -2.59
C CYS A 37 7.49 3.00 -3.51
N THR A 38 7.22 3.15 -4.81
CA THR A 38 8.27 3.41 -5.80
C THR A 38 8.84 4.85 -5.64
N ASP A 39 7.96 5.82 -5.28
CA ASP A 39 8.35 7.19 -4.89
C ASP A 39 9.25 7.20 -3.64
N LEU A 40 8.99 6.31 -2.67
CA LEU A 40 9.73 6.26 -1.39
C LEU A 40 11.14 5.68 -1.60
N ILE A 41 11.28 4.83 -2.63
CA ILE A 41 12.59 4.32 -3.07
C ILE A 41 13.38 5.48 -3.74
N GLU A 42 12.64 6.31 -4.48
CA GLU A 42 13.18 7.45 -5.25
C GLU A 42 13.60 8.59 -4.30
N GLU A 43 12.85 8.75 -3.21
CA GLU A 43 13.09 9.81 -2.21
C GLU A 43 14.00 9.31 -1.07
N LYS A 44 14.49 8.05 -1.21
CA LYS A 44 15.43 7.38 -0.27
C LYS A 44 14.76 7.17 1.12
N ASP A 45 13.42 7.32 1.16
CA ASP A 45 12.64 7.16 2.37
C ASP A 45 12.08 5.72 2.41
N LEU A 46 13.02 4.77 2.54
CA LEU A 46 12.70 3.36 2.76
C LEU A 46 12.20 3.09 4.20
N GLU A 47 12.01 4.18 4.99
CA GLU A 47 11.47 4.12 6.35
C GLU A 47 9.95 3.88 6.30
N LYS A 48 9.19 4.79 5.62
CA LYS A 48 7.71 4.64 5.46
C LYS A 48 7.41 3.42 4.58
N LEU A 49 8.29 3.23 3.59
CA LEU A 49 8.27 2.08 2.67
C LEU A 49 8.16 0.77 3.46
N ASP A 50 9.12 0.60 4.38
CA ASP A 50 9.20 -0.55 5.29
C ASP A 50 7.89 -0.70 6.10
N LEU A 51 7.50 0.35 6.83
CA LEU A 51 6.35 0.33 7.77
C LEU A 51 5.01 -0.01 7.07
N VAL A 52 4.73 0.70 5.98
CA VAL A 52 3.47 0.62 5.21
C VAL A 52 3.30 -0.77 4.56
N ILE A 53 4.41 -1.35 4.08
CA ILE A 53 4.41 -2.67 3.42
C ILE A 53 4.40 -3.82 4.42
N LYS A 54 5.12 -3.69 5.54
CA LYS A 54 5.09 -4.68 6.64
C LYS A 54 3.67 -4.75 7.24
N TYR A 55 2.98 -3.61 7.19
CA TYR A 55 1.60 -3.49 7.68
C TYR A 55 0.65 -4.13 6.69
N MET A 56 0.76 -3.77 5.38
CA MET A 56 -0.17 -4.30 4.37
C MET A 56 0.01 -5.81 4.22
N LYS A 57 1.29 -6.27 4.32
CA LYS A 57 1.64 -7.70 4.25
C LYS A 57 0.97 -8.49 5.38
N ARG A 58 1.14 -8.00 6.62
CA ARG A 58 0.66 -8.66 7.85
C ARG A 58 -0.86 -8.90 7.78
N LEU A 59 -1.58 -7.88 7.31
CA LEU A 59 -3.04 -7.87 7.22
C LEU A 59 -3.54 -8.73 6.02
N MET A 60 -2.77 -8.70 4.91
CA MET A 60 -3.09 -9.49 3.68
C MET A 60 -2.70 -10.97 3.86
N GLN A 61 -1.79 -11.24 4.80
CA GLN A 61 -1.34 -12.61 5.11
C GLN A 61 -2.36 -13.31 6.03
N GLN A 62 -2.94 -12.55 6.97
CA GLN A 62 -3.96 -13.07 7.91
C GLN A 62 -5.37 -13.09 7.25
N SER A 63 -5.56 -12.31 6.15
CA SER A 63 -6.74 -12.49 5.28
C SER A 63 -6.50 -13.75 4.43
N VAL A 64 -7.19 -14.84 4.81
CA VAL A 64 -6.87 -16.21 4.35
C VAL A 64 -7.04 -16.37 2.81
N GLU A 65 -8.30 -16.26 2.35
CA GLU A 65 -8.64 -16.37 0.92
C GLU A 65 -9.45 -15.14 0.49
N SER A 66 -8.75 -14.20 -0.16
CA SER A 66 -9.29 -12.88 -0.55
C SER A 66 -8.51 -12.32 -1.77
N VAL A 67 -9.08 -11.29 -2.41
CA VAL A 67 -8.39 -10.50 -3.48
C VAL A 67 -7.12 -9.82 -2.90
N TRP A 68 -7.11 -9.60 -1.58
CA TRP A 68 -6.01 -8.98 -0.84
C TRP A 68 -4.71 -9.81 -0.88
N ASN A 69 -4.84 -11.12 -1.10
CA ASN A 69 -3.68 -12.01 -1.30
C ASN A 69 -3.08 -11.79 -2.69
N MET A 70 -3.94 -11.51 -3.69
CA MET A 70 -3.54 -11.15 -5.08
C MET A 70 -2.87 -9.75 -5.06
N ALA A 71 -3.44 -8.86 -4.22
CA ALA A 71 -2.95 -7.47 -4.04
C ALA A 71 -1.58 -7.49 -3.37
N PHE A 72 -1.42 -8.39 -2.38
CA PHE A 72 -0.14 -8.66 -1.70
C PHE A 72 0.96 -9.05 -2.71
N ASP A 73 0.60 -9.98 -3.61
CA ASP A 73 1.50 -10.47 -4.66
C ASP A 73 1.93 -9.33 -5.60
N PHE A 74 0.96 -8.48 -5.98
CA PHE A 74 1.18 -7.38 -6.95
C PHE A 74 2.07 -6.29 -6.32
N ILE A 75 1.63 -5.72 -5.19
CA ILE A 75 2.25 -4.55 -4.55
C ILE A 75 3.70 -4.84 -4.13
N LEU A 76 3.90 -6.00 -3.45
CA LEU A 76 5.21 -6.41 -2.94
C LEU A 76 6.15 -6.79 -4.11
N ASP A 77 5.60 -7.32 -5.22
CA ASP A 77 6.39 -7.56 -6.45
C ASP A 77 6.98 -6.24 -6.98
N ASN A 78 6.10 -5.25 -7.24
CA ASN A 78 6.47 -3.99 -7.91
C ASN A 78 7.47 -3.16 -7.08
N VAL A 79 7.31 -3.14 -5.74
CA VAL A 79 8.24 -2.39 -4.86
C VAL A 79 9.63 -3.04 -4.86
N GLN A 80 9.69 -4.39 -4.81
CA GLN A 80 10.99 -5.12 -4.85
C GLN A 80 11.69 -4.88 -6.20
N VAL A 81 10.91 -4.82 -7.29
CA VAL A 81 11.40 -4.57 -8.66
C VAL A 81 12.08 -3.19 -8.77
N VAL A 82 11.36 -2.14 -8.35
CA VAL A 82 11.86 -0.75 -8.46
C VAL A 82 12.99 -0.48 -7.44
N LEU A 83 12.96 -1.19 -6.30
CA LEU A 83 14.05 -1.16 -5.30
C LEU A 83 15.31 -1.81 -5.90
N GLN A 84 15.07 -2.84 -6.74
CA GLN A 84 16.14 -3.62 -7.42
C GLN A 84 16.77 -2.81 -8.57
N GLN A 85 15.94 -2.04 -9.28
CA GLN A 85 16.36 -1.20 -10.42
C GLN A 85 17.10 0.07 -9.95
N THR A 86 16.52 0.71 -8.92
CA THR A 86 16.97 2.01 -8.41
C THR A 86 18.06 1.84 -7.35
N TYR A 87 17.70 1.15 -6.25
CA TYR A 87 18.54 1.05 -5.04
C TYR A 87 19.50 -0.16 -5.13
N GLY A 88 19.14 -1.14 -5.98
CA GLY A 88 19.93 -2.37 -6.18
C GLY A 88 19.71 -3.38 -5.07
N SER A 89 18.48 -3.41 -4.53
CA SER A 89 18.11 -4.25 -3.38
C SER A 89 16.67 -4.79 -3.51
N THR A 90 16.33 -5.81 -2.71
CA THR A 90 14.96 -6.38 -2.65
C THR A 90 14.62 -6.76 -1.19
N LEU A 91 13.43 -6.35 -0.71
CA LEU A 91 12.99 -6.62 0.68
C LEU A 91 12.01 -7.82 0.71
N LYS A 92 12.44 -8.95 1.32
CA LYS A 92 11.53 -10.05 1.70
C LYS A 92 11.01 -9.72 3.10
N VAL A 93 9.71 -9.43 3.19
CA VAL A 93 9.08 -8.96 4.45
C VAL A 93 8.96 -10.13 5.46
N THR A 94 8.69 -11.34 4.94
CA THR A 94 8.70 -12.57 5.73
C THR A 94 10.14 -13.09 5.90
N LYS B 1 -20.32 1.33 -15.38
CA LYS B 1 -19.49 0.23 -14.86
C LYS B 1 -20.10 -0.32 -13.57
N GLY B 2 -20.30 0.60 -12.61
CA GLY B 2 -20.72 0.28 -11.25
C GLY B 2 -19.70 0.81 -10.25
N ASN B 3 -18.46 0.35 -10.41
CA ASN B 3 -17.29 0.88 -9.69
C ASN B 3 -16.62 1.97 -10.56
N MET B 4 -16.61 3.21 -10.07
CA MET B 4 -15.89 4.34 -10.72
C MET B 4 -14.41 4.33 -10.29
N MET B 5 -13.61 5.26 -10.85
CA MET B 5 -12.22 5.46 -10.43
C MET B 5 -12.19 6.23 -9.10
N SER B 6 -12.49 5.49 -8.02
CA SER B 6 -12.47 5.96 -6.64
C SER B 6 -11.65 4.96 -5.81
N ASN B 7 -11.65 5.11 -4.49
CA ASN B 7 -10.77 4.34 -3.59
C ASN B 7 -11.13 4.63 -2.13
N PHE B 8 -10.60 3.80 -1.23
CA PHE B 8 -10.77 3.97 0.22
C PHE B 8 -9.61 4.83 0.78
N PHE B 9 -8.44 4.76 0.12
CA PHE B 9 -7.23 5.50 0.52
C PHE B 9 -7.33 7.00 0.15
N GLY B 10 -7.00 7.33 -1.12
CA GLY B 10 -6.87 8.73 -1.56
C GLY B 10 -8.19 9.34 -2.01
N LYS B 11 -9.10 9.52 -1.03
CA LYS B 11 -10.45 10.07 -1.25
C LYS B 11 -10.94 10.65 0.08
N ALA B 12 -11.03 9.79 1.12
CA ALA B 12 -11.32 10.20 2.50
C ALA B 12 -10.05 10.78 3.14
N ALA B 13 -8.93 10.07 2.95
CA ALA B 13 -7.58 10.65 3.14
C ALA B 13 -7.15 11.32 1.82
N MET B 14 -6.01 12.03 1.83
CA MET B 14 -5.55 12.96 0.76
C MET B 14 -6.35 14.30 0.79
N ASN B 15 -7.56 14.26 1.40
CA ASN B 15 -8.37 15.45 1.74
C ASN B 15 -7.53 16.43 2.58
N LYS B 16 -6.97 15.92 3.70
CA LYS B 16 -6.02 16.67 4.55
C LYS B 16 -5.41 15.65 5.56
N ASN A 1 3.98 11.39 -1.73
CA ASN A 1 3.07 11.66 -0.59
C ASN A 1 2.12 10.47 -0.39
N LEU A 2 2.15 9.89 0.83
CA LEU A 2 1.31 8.76 1.20
C LEU A 2 -0.16 9.25 1.33
N ALA A 3 -0.88 9.12 0.21
CA ALA A 3 -2.30 9.50 0.06
C ALA A 3 -2.49 10.99 0.38
N GLY A 4 -1.63 11.82 -0.23
CA GLY A 4 -1.66 13.29 -0.04
C GLY A 4 -0.79 13.76 1.13
N ALA A 5 -0.74 12.95 2.18
CA ALA A 5 -0.10 13.29 3.45
C ALA A 5 1.18 12.45 3.63
N VAL A 6 1.70 12.40 4.86
CA VAL A 6 2.86 11.54 5.20
C VAL A 6 2.75 11.06 6.67
N GLU A 7 1.63 11.43 7.35
CA GLU A 7 1.40 11.14 8.77
C GLU A 7 1.10 9.66 8.95
N PHE A 8 2.05 8.88 9.51
CA PHE A 8 1.93 7.42 9.60
C PHE A 8 0.74 6.98 10.49
N ASN A 9 0.26 7.86 11.39
CA ASN A 9 -0.92 7.55 12.23
C ASN A 9 -2.16 7.46 11.33
N ASP A 10 -2.20 8.35 10.32
CA ASP A 10 -3.31 8.45 9.36
C ASP A 10 -3.18 7.38 8.24
N VAL A 11 -1.91 7.03 7.93
CA VAL A 11 -1.54 5.95 6.98
C VAL A 11 -1.95 4.58 7.52
N LYS A 12 -1.66 4.38 8.81
CA LYS A 12 -2.04 3.18 9.57
C LYS A 12 -3.58 3.04 9.59
N THR A 13 -4.27 4.19 9.76
CA THR A 13 -5.74 4.26 9.70
C THR A 13 -6.25 3.75 8.34
N LEU A 14 -5.59 4.19 7.23
CA LEU A 14 -5.92 3.72 5.86
C LEU A 14 -5.78 2.19 5.77
N LEU A 15 -4.56 1.70 6.00
CA LEU A 15 -4.14 0.29 5.78
C LEU A 15 -4.99 -0.72 6.59
N ARG A 16 -5.29 -0.35 7.84
CA ARG A 16 -6.01 -1.24 8.77
C ARG A 16 -7.47 -1.35 8.34
N GLU A 17 -8.08 -0.18 8.14
CA GLU A 17 -9.49 -0.05 7.72
C GLU A 17 -9.67 -0.66 6.30
N TRP A 18 -8.60 -0.53 5.49
CA TRP A 18 -8.55 -0.99 4.08
C TRP A 18 -8.87 -2.49 4.04
N ILE A 19 -8.02 -3.26 4.72
CA ILE A 19 -8.05 -4.71 4.63
C ILE A 19 -9.20 -5.33 5.45
N THR A 20 -9.64 -4.65 6.53
CA THR A 20 -10.71 -5.16 7.40
C THR A 20 -12.11 -4.85 6.84
N THR A 21 -12.39 -3.55 6.56
CA THR A 21 -13.75 -3.09 6.23
C THR A 21 -14.10 -3.38 4.75
N ILE A 22 -13.10 -3.35 3.86
CA ILE A 22 -13.29 -3.49 2.41
C ILE A 22 -13.14 -4.96 2.00
N SER A 23 -14.05 -5.41 1.15
CA SER A 23 -14.02 -6.75 0.58
C SER A 23 -13.14 -6.73 -0.67
N ASP A 24 -13.55 -5.89 -1.65
CA ASP A 24 -12.90 -5.82 -2.96
C ASP A 24 -12.33 -4.40 -3.17
N PRO A 25 -10.99 -4.21 -2.96
CA PRO A 25 -10.30 -2.95 -3.29
C PRO A 25 -10.20 -2.79 -4.82
N MET A 26 -10.62 -1.63 -5.35
CA MET A 26 -10.50 -1.36 -6.80
C MET A 26 -9.06 -0.99 -7.14
N GLU A 27 -8.71 -1.15 -8.43
CA GLU A 27 -7.34 -1.03 -8.94
C GLU A 27 -6.69 0.31 -8.56
N GLU A 28 -7.53 1.34 -8.36
CA GLU A 28 -7.11 2.72 -8.04
C GLU A 28 -6.24 2.80 -6.77
N ASP A 29 -6.76 2.31 -5.61
CA ASP A 29 -6.01 2.33 -4.33
C ASP A 29 -4.86 1.30 -4.36
N ILE A 30 -4.98 0.28 -5.20
CA ILE A 30 -3.89 -0.68 -5.46
C ILE A 30 -2.74 0.03 -6.26
N LEU A 31 -3.12 0.91 -7.19
CA LEU A 31 -2.16 1.64 -8.05
C LEU A 31 -1.41 2.69 -7.25
N GLN A 32 -2.17 3.49 -6.46
CA GLN A 32 -1.60 4.61 -5.71
C GLN A 32 -0.70 4.11 -4.56
N VAL A 33 -1.01 2.94 -3.92
CA VAL A 33 -0.09 2.37 -2.89
C VAL A 33 1.23 1.95 -3.55
N VAL A 34 1.15 1.29 -4.73
CA VAL A 34 2.33 0.92 -5.54
C VAL A 34 3.15 2.18 -5.91
N LYS A 35 2.43 3.25 -6.28
CA LYS A 35 3.02 4.52 -6.74
C LYS A 35 3.82 5.17 -5.62
N TYR A 36 3.22 5.23 -4.41
CA TYR A 36 3.87 5.82 -3.22
C TYR A 36 5.12 5.03 -2.89
N CYS A 37 4.96 3.69 -2.82
CA CYS A 37 6.01 2.74 -2.44
C CYS A 37 7.29 2.92 -3.28
N THR A 38 7.11 2.85 -4.60
CA THR A 38 8.22 2.91 -5.58
C THR A 38 8.91 4.29 -5.57
N ASP A 39 8.09 5.36 -5.55
CA ASP A 39 8.60 6.75 -5.56
C ASP A 39 9.24 7.11 -4.19
N LEU A 40 8.81 6.42 -3.13
CA LEU A 40 9.33 6.59 -1.75
C LEU A 40 10.75 6.00 -1.65
N ILE A 41 10.96 4.91 -2.43
CA ILE A 41 12.27 4.25 -2.58
C ILE A 41 13.28 5.24 -3.19
N GLU A 42 12.91 5.86 -4.33
CA GLU A 42 13.83 6.80 -5.05
C GLU A 42 13.94 8.15 -4.30
N GLU A 43 12.97 8.43 -3.40
CA GLU A 43 12.95 9.67 -2.57
C GLU A 43 13.77 9.49 -1.27
N LYS A 44 14.28 8.24 -1.06
CA LYS A 44 15.10 7.85 0.12
C LYS A 44 14.26 7.91 1.43
N ASP A 45 12.93 7.99 1.30
CA ASP A 45 11.98 8.13 2.44
C ASP A 45 11.33 6.77 2.74
N LEU A 46 12.14 5.70 2.58
CA LEU A 46 11.71 4.30 2.75
C LEU A 46 11.48 3.90 4.23
N GLU A 47 11.57 4.90 5.13
CA GLU A 47 11.25 4.74 6.56
C GLU A 47 9.86 4.12 6.76
N LYS A 48 8.81 4.83 6.28
CA LYS A 48 7.41 4.40 6.43
C LYS A 48 7.06 3.32 5.42
N LEU A 49 7.84 3.23 4.32
CA LEU A 49 7.73 2.14 3.32
C LEU A 49 7.75 0.76 3.99
N ASP A 50 8.75 0.56 4.87
CA ASP A 50 8.90 -0.68 5.66
C ASP A 50 7.60 -1.01 6.42
N LEU A 51 7.08 0.00 7.11
CA LEU A 51 5.88 -0.11 7.95
C LEU A 51 4.62 -0.41 7.10
N VAL A 52 4.44 0.36 6.00
CA VAL A 52 3.29 0.23 5.07
C VAL A 52 3.24 -1.20 4.47
N ILE A 53 4.41 -1.68 4.04
CA ILE A 53 4.60 -3.00 3.42
C ILE A 53 4.33 -4.13 4.42
N LYS A 54 4.78 -3.94 5.68
CA LYS A 54 4.59 -4.93 6.76
C LYS A 54 3.12 -4.98 7.24
N TYR A 55 2.39 -3.85 7.11
CA TYR A 55 0.94 -3.80 7.40
C TYR A 55 0.18 -4.56 6.31
N MET A 56 0.43 -4.11 5.08
CA MET A 56 -0.09 -4.70 3.85
C MET A 56 0.17 -6.22 3.82
N LYS A 57 1.38 -6.60 4.21
CA LYS A 57 1.79 -8.00 4.27
C LYS A 57 1.01 -8.75 5.37
N ARG A 58 1.02 -8.20 6.61
CA ARG A 58 0.54 -8.91 7.82
C ARG A 58 -0.92 -9.34 7.65
N LEU A 59 -1.75 -8.38 7.21
CA LEU A 59 -3.20 -8.55 7.12
C LEU A 59 -3.63 -9.32 5.84
N MET A 60 -2.95 -9.04 4.70
CA MET A 60 -3.25 -9.75 3.42
C MET A 60 -2.75 -11.21 3.45
N GLN A 61 -1.77 -11.51 4.31
CA GLN A 61 -1.17 -12.86 4.44
C GLN A 61 -1.94 -13.70 5.47
N GLN A 62 -2.49 -13.05 6.52
CA GLN A 62 -3.41 -13.71 7.48
C GLN A 62 -4.86 -13.69 6.95
N SER A 63 -5.06 -13.05 5.77
CA SER A 63 -6.27 -13.24 4.96
C SER A 63 -6.29 -14.66 4.39
N VAL A 64 -7.50 -15.19 4.12
CA VAL A 64 -7.68 -16.57 3.65
C VAL A 64 -7.22 -16.73 2.19
N GLU A 65 -8.10 -16.39 1.23
CA GLU A 65 -7.86 -16.58 -0.23
C GLU A 65 -8.55 -15.45 -1.02
N SER A 66 -8.71 -14.28 -0.37
CA SER A 66 -9.38 -13.10 -0.94
C SER A 66 -8.53 -12.39 -2.01
N VAL A 67 -9.15 -11.37 -2.65
CA VAL A 67 -8.48 -10.41 -3.55
C VAL A 67 -7.35 -9.62 -2.84
N TRP A 68 -7.34 -9.66 -1.49
CA TRP A 68 -6.26 -9.10 -0.67
C TRP A 68 -4.96 -9.88 -0.88
N ASN A 69 -5.07 -11.18 -1.18
CA ASN A 69 -3.91 -12.07 -1.46
C ASN A 69 -3.32 -11.80 -2.86
N MET A 70 -4.19 -11.45 -3.84
CA MET A 70 -3.72 -11.11 -5.22
C MET A 70 -3.11 -9.69 -5.23
N ALA A 71 -3.63 -8.82 -4.32
CA ALA A 71 -3.10 -7.44 -4.12
C ALA A 71 -1.74 -7.52 -3.42
N PHE A 72 -1.64 -8.44 -2.45
CA PHE A 72 -0.38 -8.80 -1.75
C PHE A 72 0.72 -9.12 -2.78
N ASP A 73 0.37 -10.00 -3.74
CA ASP A 73 1.29 -10.48 -4.78
C ASP A 73 1.75 -9.32 -5.68
N PHE A 74 0.79 -8.46 -6.08
CA PHE A 74 1.02 -7.38 -7.05
C PHE A 74 1.93 -6.30 -6.45
N ILE A 75 1.48 -5.72 -5.34
CA ILE A 75 2.12 -4.54 -4.73
C ILE A 75 3.54 -4.88 -4.23
N LEU A 76 3.69 -6.04 -3.54
CA LEU A 76 4.99 -6.47 -3.01
C LEU A 76 5.96 -6.84 -4.15
N ASP A 77 5.43 -7.33 -5.30
CA ASP A 77 6.28 -7.57 -6.49
C ASP A 77 6.89 -6.24 -6.96
N ASN A 78 6.01 -5.25 -7.23
CA ASN A 78 6.42 -3.94 -7.79
C ASN A 78 7.44 -3.21 -6.89
N VAL A 79 7.21 -3.23 -5.56
CA VAL A 79 8.09 -2.51 -4.61
C VAL A 79 9.49 -3.15 -4.58
N GLN A 80 9.58 -4.50 -4.65
CA GLN A 80 10.88 -5.21 -4.63
C GLN A 80 11.63 -5.07 -5.97
N VAL A 81 10.87 -5.06 -7.08
CA VAL A 81 11.41 -4.90 -8.45
C VAL A 81 12.11 -3.53 -8.60
N VAL A 82 11.42 -2.47 -8.15
CA VAL A 82 11.93 -1.09 -8.24
C VAL A 82 13.02 -0.81 -7.18
N LEU A 83 12.94 -1.50 -6.02
CA LEU A 83 13.97 -1.43 -4.95
C LEU A 83 15.28 -2.05 -5.46
N GLN A 84 15.14 -3.08 -6.30
CA GLN A 84 16.25 -3.75 -7.00
C GLN A 84 16.82 -2.79 -8.08
N GLN A 85 15.93 -2.08 -8.78
CA GLN A 85 16.32 -1.11 -9.84
C GLN A 85 16.99 0.14 -9.26
N THR A 86 16.60 0.52 -8.04
CA THR A 86 17.11 1.71 -7.37
C THR A 86 18.41 1.38 -6.61
N TYR A 87 18.27 0.52 -5.59
CA TYR A 87 19.34 0.24 -4.60
C TYR A 87 20.15 -1.02 -4.93
N GLY A 88 19.63 -1.87 -5.83
CA GLY A 88 20.32 -3.10 -6.23
C GLY A 88 20.12 -4.23 -5.23
N SER A 89 19.07 -4.12 -4.41
CA SER A 89 18.74 -5.12 -3.38
C SER A 89 17.22 -5.13 -3.12
N THR A 90 16.75 -6.17 -2.43
CA THR A 90 15.32 -6.35 -2.04
C THR A 90 15.22 -6.53 -0.51
N LEU A 91 14.15 -5.99 0.12
CA LEU A 91 13.89 -6.18 1.55
C LEU A 91 12.95 -7.38 1.77
N LYS A 92 13.39 -8.32 2.61
CA LYS A 92 12.64 -9.54 2.94
C LYS A 92 11.72 -9.25 4.11
N VAL A 93 10.42 -9.52 3.94
CA VAL A 93 9.39 -9.20 4.94
C VAL A 93 9.14 -10.42 5.88
N THR A 94 10.17 -11.30 5.97
CA THR A 94 10.11 -12.52 6.77
C THR A 94 11.47 -12.79 7.45
N LYS B 1 -18.31 9.47 -15.28
CA LYS B 1 -17.93 9.08 -13.92
C LYS B 1 -17.84 7.55 -13.77
N GLY B 2 -17.38 7.13 -12.58
CA GLY B 2 -17.27 5.72 -12.23
C GLY B 2 -16.56 5.54 -10.90
N ASN B 3 -16.67 4.33 -10.31
CA ASN B 3 -16.01 3.98 -9.03
C ASN B 3 -14.47 3.95 -9.20
N MET B 4 -14.03 3.87 -10.46
CA MET B 4 -12.61 3.91 -10.83
C MET B 4 -12.08 5.36 -10.83
N MET B 5 -11.96 5.89 -9.58
CA MET B 5 -11.51 7.27 -9.22
C MET B 5 -11.82 7.52 -7.73
N SER B 6 -12.78 6.73 -7.19
CA SER B 6 -13.35 6.93 -5.84
C SER B 6 -12.48 6.28 -4.72
N ASN B 7 -11.15 6.09 -5.00
CA ASN B 7 -10.07 5.72 -4.02
C ASN B 7 -10.47 5.87 -2.55
N PHE B 8 -10.57 4.74 -1.84
CA PHE B 8 -10.74 4.76 -0.36
C PHE B 8 -9.49 5.41 0.27
N PHE B 9 -8.33 4.91 -0.20
CA PHE B 9 -7.02 5.24 0.35
C PHE B 9 -6.68 6.72 0.05
N GLY B 10 -6.69 7.06 -1.26
CA GLY B 10 -6.39 8.43 -1.71
C GLY B 10 -7.62 9.33 -1.71
N LYS B 11 -8.25 9.48 -0.53
CA LYS B 11 -9.45 10.32 -0.33
C LYS B 11 -9.72 10.49 1.18
N ALA B 12 -9.72 9.35 1.92
CA ALA B 12 -9.84 9.36 3.39
C ALA B 12 -8.69 10.15 4.03
N ALA B 13 -7.49 9.99 3.44
CA ALA B 13 -6.32 10.82 3.72
C ALA B 13 -6.04 11.75 2.52
N MET B 14 -5.71 13.02 2.82
CA MET B 14 -5.25 14.03 1.84
C MET B 14 -4.96 15.35 2.59
N ASN B 15 -6.04 16.10 2.89
CA ASN B 15 -5.97 17.38 3.62
C ASN B 15 -6.68 17.19 4.96
N LYS B 16 -5.91 16.73 5.96
CA LYS B 16 -6.42 16.40 7.30
C LYS B 16 -6.49 17.69 8.17
N ASN A 1 4.10 10.99 -1.11
CA ASN A 1 3.17 11.15 0.03
C ASN A 1 2.50 9.78 0.30
N LEU A 2 1.51 9.76 1.17
CA LEU A 2 0.72 8.56 1.45
C LEU A 2 -0.75 8.98 1.64
N ALA A 3 -1.44 9.18 0.50
CA ALA A 3 -2.89 9.40 0.42
C ALA A 3 -3.31 10.86 0.71
N GLY A 4 -2.32 11.78 0.76
CA GLY A 4 -2.57 13.20 1.04
C GLY A 4 -1.85 13.70 2.29
N ALA A 5 -1.10 12.79 2.94
CA ALA A 5 -0.30 13.06 4.14
C ALA A 5 0.76 11.96 4.30
N VAL A 6 1.69 12.11 5.25
CA VAL A 6 2.81 11.15 5.42
C VAL A 6 2.94 10.77 6.92
N GLU A 7 1.85 10.95 7.71
CA GLU A 7 1.87 10.62 9.15
C GLU A 7 1.51 9.13 9.28
N PHE A 8 2.41 8.28 9.81
CA PHE A 8 2.23 6.81 9.83
C PHE A 8 0.88 6.40 10.48
N ASN A 9 0.32 7.25 11.37
CA ASN A 9 -0.97 6.96 12.01
C ASN A 9 -2.10 7.04 10.97
N ASP A 10 -2.06 8.08 10.09
CA ASP A 10 -3.12 8.29 9.07
C ASP A 10 -3.03 7.19 8.01
N VAL A 11 -1.79 6.94 7.58
CA VAL A 11 -1.37 5.85 6.67
C VAL A 11 -1.89 4.48 7.16
N LYS A 12 -1.64 4.25 8.45
CA LYS A 12 -1.96 2.98 9.12
C LYS A 12 -3.47 2.80 9.24
N THR A 13 -4.19 3.93 9.46
CA THR A 13 -5.66 3.92 9.57
C THR A 13 -6.26 3.44 8.25
N LEU A 14 -5.76 3.98 7.12
CA LEU A 14 -6.19 3.57 5.75
C LEU A 14 -5.95 2.07 5.55
N LEU A 15 -4.67 1.63 5.65
CA LEU A 15 -4.26 0.21 5.49
C LEU A 15 -5.14 -0.76 6.31
N ARG A 16 -5.26 -0.45 7.61
CA ARG A 16 -5.97 -1.29 8.59
C ARG A 16 -7.49 -1.35 8.26
N GLU A 17 -8.12 -0.16 8.07
CA GLU A 17 -9.59 -0.04 7.91
C GLU A 17 -10.03 -0.56 6.53
N TRP A 18 -9.19 -0.36 5.53
CA TRP A 18 -9.47 -0.72 4.12
C TRP A 18 -9.46 -2.24 3.93
N ILE A 19 -8.56 -2.94 4.65
CA ILE A 19 -8.50 -4.41 4.59
C ILE A 19 -9.60 -5.08 5.47
N THR A 20 -9.96 -4.46 6.60
CA THR A 20 -10.93 -5.06 7.56
C THR A 20 -12.40 -4.70 7.20
N THR A 21 -12.60 -3.47 6.71
CA THR A 21 -13.95 -2.91 6.43
C THR A 21 -14.34 -3.17 4.96
N ILE A 22 -13.41 -2.90 4.02
CA ILE A 22 -13.72 -2.99 2.58
C ILE A 22 -13.40 -4.42 2.13
N SER A 23 -14.44 -5.09 1.63
CA SER A 23 -14.38 -6.49 1.23
C SER A 23 -13.58 -6.65 -0.07
N ASP A 24 -14.08 -5.98 -1.12
CA ASP A 24 -13.46 -5.94 -2.43
C ASP A 24 -12.99 -4.50 -2.67
N PRO A 25 -11.65 -4.21 -2.56
CA PRO A 25 -11.10 -2.87 -2.87
C PRO A 25 -11.07 -2.61 -4.38
N MET A 26 -11.29 -1.36 -4.80
CA MET A 26 -11.01 -0.94 -6.17
C MET A 26 -9.49 -0.82 -6.35
N GLU A 27 -9.02 -0.97 -7.60
CA GLU A 27 -7.59 -1.00 -7.91
C GLU A 27 -6.93 0.35 -7.55
N GLU A 28 -7.74 1.42 -7.43
CA GLU A 28 -7.27 2.77 -7.07
C GLU A 28 -6.38 2.80 -5.81
N ASP A 29 -6.83 2.14 -4.72
CA ASP A 29 -6.09 2.15 -3.44
C ASP A 29 -4.89 1.19 -3.49
N ILE A 30 -4.98 0.17 -4.35
CA ILE A 30 -3.90 -0.82 -4.57
C ILE A 30 -2.78 -0.20 -5.44
N LEU A 31 -3.13 0.59 -6.47
CA LEU A 31 -2.14 1.21 -7.37
C LEU A 31 -1.55 2.48 -6.74
N GLN A 32 -2.32 3.12 -5.82
CA GLN A 32 -1.87 4.32 -5.11
C GLN A 32 -0.72 3.94 -4.16
N VAL A 33 -0.86 2.76 -3.47
CA VAL A 33 0.20 2.26 -2.58
C VAL A 33 1.43 1.76 -3.37
N VAL A 34 1.21 1.09 -4.53
CA VAL A 34 2.34 0.62 -5.42
C VAL A 34 3.15 1.81 -5.98
N LYS A 35 2.43 2.85 -6.41
CA LYS A 35 3.03 4.06 -6.99
C LYS A 35 3.90 4.78 -5.96
N TYR A 36 3.37 4.89 -4.73
CA TYR A 36 4.11 5.47 -3.60
C TYR A 36 5.29 4.61 -3.25
N CYS A 37 5.11 3.28 -3.27
CA CYS A 37 6.17 2.31 -2.91
C CYS A 37 7.47 2.60 -3.69
N THR A 38 7.33 2.61 -5.02
CA THR A 38 8.43 2.86 -5.96
C THR A 38 8.99 4.30 -5.79
N ASP A 39 8.06 5.25 -5.69
CA ASP A 39 8.39 6.69 -5.65
C ASP A 39 9.06 7.06 -4.31
N LEU A 40 8.71 6.33 -3.24
CA LEU A 40 9.19 6.61 -1.87
C LEU A 40 10.61 6.09 -1.70
N ILE A 41 10.95 5.04 -2.47
CA ILE A 41 12.35 4.58 -2.64
C ILE A 41 13.19 5.75 -3.20
N GLU A 42 12.70 6.38 -4.31
CA GLU A 42 13.45 7.49 -4.96
C GLU A 42 13.28 8.84 -4.22
N GLU A 43 12.36 8.88 -3.23
CA GLU A 43 12.20 10.06 -2.33
C GLU A 43 13.13 9.98 -1.10
N LYS A 44 13.90 8.87 -1.01
CA LYS A 44 14.85 8.60 0.11
C LYS A 44 14.12 8.50 1.48
N ASP A 45 12.80 8.23 1.46
CA ASP A 45 11.96 8.16 2.68
C ASP A 45 11.26 6.79 2.73
N LEU A 46 12.04 5.73 2.44
CA LEU A 46 11.55 4.34 2.51
C LEU A 46 11.35 3.87 3.96
N GLU A 47 11.47 4.81 4.91
CA GLU A 47 11.07 4.64 6.31
C GLU A 47 9.59 4.20 6.38
N LYS A 48 8.69 5.03 5.79
CA LYS A 48 7.26 4.74 5.74
C LYS A 48 7.00 3.46 4.95
N LEU A 49 7.72 3.32 3.82
CA LEU A 49 7.61 2.18 2.89
C LEU A 49 7.73 0.84 3.64
N ASP A 50 8.72 0.78 4.52
CA ASP A 50 9.03 -0.41 5.33
C ASP A 50 7.79 -0.84 6.13
N LEU A 51 7.20 0.13 6.83
CA LEU A 51 6.04 -0.08 7.70
C LEU A 51 4.74 -0.27 6.87
N VAL A 52 4.64 0.38 5.70
CA VAL A 52 3.45 0.34 4.81
C VAL A 52 3.30 -1.07 4.22
N ILE A 53 4.43 -1.62 3.73
CA ILE A 53 4.51 -2.95 3.11
C ILE A 53 4.23 -4.06 4.15
N LYS A 54 4.87 -3.96 5.32
CA LYS A 54 4.75 -4.99 6.39
C LYS A 54 3.33 -5.04 6.96
N TYR A 55 2.68 -3.87 7.05
CA TYR A 55 1.32 -3.75 7.60
C TYR A 55 0.31 -4.32 6.61
N MET A 56 0.32 -3.79 5.37
CA MET A 56 -0.63 -4.21 4.32
C MET A 56 -0.53 -5.73 4.10
N LYS A 57 0.72 -6.26 4.05
CA LYS A 57 0.98 -7.67 3.73
C LYS A 57 0.46 -8.54 4.87
N ARG A 58 0.61 -8.07 6.13
CA ARG A 58 0.25 -8.84 7.33
C ARG A 58 -1.25 -9.18 7.32
N LEU A 59 -2.06 -8.17 6.99
CA LEU A 59 -3.51 -8.32 6.90
C LEU A 59 -3.93 -9.09 5.62
N MET A 60 -3.15 -8.93 4.53
CA MET A 60 -3.35 -9.69 3.27
C MET A 60 -2.91 -11.16 3.43
N GLN A 61 -2.03 -11.41 4.42
CA GLN A 61 -1.43 -12.73 4.71
C GLN A 61 -2.39 -13.56 5.56
N GLN A 62 -3.00 -12.91 6.57
CA GLN A 62 -4.02 -13.53 7.43
C GLN A 62 -5.32 -13.73 6.63
N SER A 63 -5.52 -12.88 5.59
CA SER A 63 -6.59 -13.06 4.61
C SER A 63 -6.28 -14.30 3.76
N VAL A 64 -7.16 -15.30 3.82
CA VAL A 64 -7.00 -16.60 3.14
C VAL A 64 -7.69 -16.58 1.75
N GLU A 65 -8.40 -15.48 1.43
CA GLU A 65 -9.11 -15.32 0.15
C GLU A 65 -9.02 -13.86 -0.38
N SER A 66 -9.77 -13.59 -1.48
CA SER A 66 -9.93 -12.25 -2.10
C SER A 66 -8.67 -11.78 -2.89
N VAL A 67 -8.82 -10.61 -3.56
CA VAL A 67 -7.72 -9.95 -4.30
C VAL A 67 -6.57 -9.51 -3.38
N TRP A 68 -6.79 -9.54 -2.04
CA TRP A 68 -5.74 -9.26 -1.04
C TRP A 68 -4.49 -10.14 -1.24
N ASN A 69 -4.73 -11.41 -1.62
CA ASN A 69 -3.63 -12.37 -1.90
C ASN A 69 -2.88 -11.99 -3.19
N MET A 70 -3.66 -11.50 -4.19
CA MET A 70 -3.14 -11.08 -5.50
C MET A 70 -2.40 -9.73 -5.38
N ALA A 71 -2.85 -8.92 -4.40
CA ALA A 71 -2.27 -7.61 -4.09
C ALA A 71 -0.94 -7.82 -3.37
N PHE A 72 -0.93 -8.77 -2.41
CA PHE A 72 0.30 -9.20 -1.71
C PHE A 72 1.40 -9.53 -2.74
N ASP A 73 1.04 -10.38 -3.71
CA ASP A 73 1.94 -10.85 -4.77
C ASP A 73 2.51 -9.67 -5.60
N PHE A 74 1.60 -8.80 -6.07
CA PHE A 74 1.94 -7.69 -6.98
C PHE A 74 2.81 -6.63 -6.29
N ILE A 75 2.35 -6.15 -5.12
CA ILE A 75 2.97 -5.04 -4.39
C ILE A 75 4.37 -5.43 -3.88
N LEU A 76 4.46 -6.59 -3.20
CA LEU A 76 5.73 -7.11 -2.62
C LEU A 76 6.81 -7.29 -3.70
N ASP A 77 6.39 -7.88 -4.84
CA ASP A 77 7.32 -8.12 -5.96
C ASP A 77 7.83 -6.79 -6.54
N ASN A 78 6.88 -5.95 -7.00
CA ASN A 78 7.19 -4.72 -7.75
C ASN A 78 7.95 -3.68 -6.90
N VAL A 79 7.71 -3.66 -5.57
CA VAL A 79 8.44 -2.76 -4.67
C VAL A 79 9.91 -3.20 -4.58
N GLN A 80 10.16 -4.51 -4.32
CA GLN A 80 11.53 -5.03 -4.11
C GLN A 80 12.34 -5.00 -5.42
N VAL A 81 11.67 -5.12 -6.57
CA VAL A 81 12.30 -5.03 -7.90
C VAL A 81 12.84 -3.60 -8.14
N VAL A 82 12.00 -2.59 -7.92
CA VAL A 82 12.41 -1.18 -8.04
C VAL A 82 13.40 -0.79 -6.91
N LEU A 83 13.30 -1.46 -5.77
CA LEU A 83 14.14 -1.22 -4.57
C LEU A 83 15.60 -1.69 -4.80
N GLN A 84 15.76 -2.81 -5.55
CA GLN A 84 17.11 -3.35 -5.87
C GLN A 84 17.74 -2.60 -7.07
N GLN A 85 16.89 -2.04 -7.96
CA GLN A 85 17.38 -1.25 -9.13
C GLN A 85 17.73 0.20 -8.73
N THR A 86 16.90 0.82 -7.87
CA THR A 86 17.02 2.23 -7.49
C THR A 86 17.97 2.38 -6.31
N TYR A 87 17.66 1.68 -5.21
CA TYR A 87 18.39 1.83 -3.95
C TYR A 87 19.59 0.85 -3.88
N GLY A 88 19.48 -0.28 -4.60
CA GLY A 88 20.54 -1.30 -4.64
C GLY A 88 20.55 -2.20 -3.41
N SER A 89 19.51 -2.07 -2.56
CA SER A 89 19.37 -2.85 -1.32
C SER A 89 17.88 -3.05 -1.03
N THR A 90 17.44 -4.32 -0.89
CA THR A 90 16.06 -4.67 -0.56
C THR A 90 15.92 -5.04 0.92
N LEU A 91 14.85 -4.55 1.57
CA LEU A 91 14.49 -4.94 2.95
C LEU A 91 13.60 -6.20 2.90
N LYS A 92 14.00 -7.25 3.65
CA LYS A 92 13.24 -8.50 3.71
C LYS A 92 12.06 -8.33 4.66
N VAL A 93 10.86 -8.42 4.07
CA VAL A 93 9.58 -8.17 4.74
C VAL A 93 9.16 -9.42 5.55
N THR A 94 9.75 -10.58 5.19
CA THR A 94 9.49 -11.90 5.81
C THR A 94 9.74 -11.88 7.33
N LYS B 1 -20.21 7.02 2.51
CA LYS B 1 -20.99 7.76 1.52
C LYS B 1 -21.02 7.02 0.15
N GLY B 2 -20.76 5.69 0.20
CA GLY B 2 -20.81 4.84 -1.00
C GLY B 2 -19.43 4.50 -1.57
N ASN B 3 -18.37 5.17 -1.05
CA ASN B 3 -16.95 5.07 -1.52
C ASN B 3 -16.83 5.01 -3.07
N MET B 4 -16.78 6.20 -3.69
CA MET B 4 -16.72 6.35 -5.17
C MET B 4 -15.45 5.69 -5.76
N MET B 5 -15.62 5.01 -6.91
CA MET B 5 -14.51 4.40 -7.68
C MET B 5 -13.64 5.53 -8.26
N SER B 6 -12.75 6.03 -7.41
CA SER B 6 -11.91 7.19 -7.66
C SER B 6 -10.70 7.08 -6.71
N ASN B 7 -11.03 6.77 -5.43
CA ASN B 7 -10.07 6.40 -4.37
C ASN B 7 -10.82 6.46 -3.03
N PHE B 8 -10.58 5.46 -2.19
CA PHE B 8 -10.90 5.48 -0.75
C PHE B 8 -9.68 6.03 0.00
N PHE B 9 -8.51 5.47 -0.36
CA PHE B 9 -7.22 5.77 0.29
C PHE B 9 -6.87 7.27 0.14
N GLY B 10 -6.47 7.68 -1.09
CA GLY B 10 -6.15 9.08 -1.40
C GLY B 10 -7.40 9.92 -1.61
N LYS B 11 -8.15 10.10 -0.52
CA LYS B 11 -9.45 10.78 -0.52
C LYS B 11 -9.88 11.04 0.95
N ALA B 12 -9.74 9.98 1.77
CA ALA B 12 -10.03 10.01 3.21
C ALA B 12 -8.97 10.84 3.97
N ALA B 13 -7.69 10.62 3.61
CA ALA B 13 -6.54 11.31 4.23
C ALA B 13 -6.04 12.49 3.36
N MET B 14 -6.81 12.86 2.32
CA MET B 14 -6.39 13.86 1.32
C MET B 14 -6.51 15.30 1.89
N ASN B 15 -5.35 15.83 2.33
CA ASN B 15 -5.18 17.26 2.69
C ASN B 15 -6.09 17.68 3.87
N LYS B 16 -5.96 16.96 5.00
CA LYS B 16 -6.72 17.22 6.23
C LYS B 16 -5.75 17.41 7.43
N ASN A 1 3.97 9.78 -0.17
CA ASN A 1 3.09 9.86 1.03
C ASN A 1 2.42 8.48 1.20
N LEU A 2 1.28 8.46 1.92
CA LEU A 2 0.37 7.31 1.93
C LEU A 2 -1.06 7.84 2.15
N ALA A 3 -1.88 7.78 1.08
CA ALA A 3 -3.26 8.30 1.01
C ALA A 3 -3.33 9.83 1.22
N GLY A 4 -2.22 10.52 0.98
CA GLY A 4 -2.12 11.97 1.22
C GLY A 4 -1.84 12.30 2.68
N ALA A 5 -1.33 11.30 3.43
CA ALA A 5 -0.99 11.43 4.85
C ALA A 5 0.49 11.08 5.07
N VAL A 6 1.13 11.80 6.00
CA VAL A 6 2.55 11.59 6.37
C VAL A 6 2.63 10.92 7.76
N GLU A 7 1.68 11.26 8.66
CA GLU A 7 1.60 10.70 10.03
C GLU A 7 1.39 9.19 9.97
N PHE A 8 2.37 8.40 10.48
CA PHE A 8 2.37 6.93 10.35
C PHE A 8 1.12 6.30 11.02
N ASN A 9 0.63 6.88 12.12
CA ASN A 9 -0.52 6.30 12.86
C ASN A 9 -1.81 6.47 12.06
N ASP A 10 -1.88 7.55 11.25
CA ASP A 10 -3.03 7.80 10.35
C ASP A 10 -2.94 6.88 9.12
N VAL A 11 -1.73 6.83 8.53
CA VAL A 11 -1.32 5.90 7.45
C VAL A 11 -1.67 4.43 7.79
N LYS A 12 -1.43 4.08 9.04
CA LYS A 12 -1.67 2.74 9.60
C LYS A 12 -3.18 2.45 9.70
N THR A 13 -3.93 3.48 10.17
CA THR A 13 -5.40 3.42 10.31
C THR A 13 -6.05 3.12 8.95
N LEU A 14 -5.66 3.93 7.95
CA LEU A 14 -6.12 3.81 6.56
C LEU A 14 -6.01 2.36 6.05
N LEU A 15 -4.76 1.83 6.05
CA LEU A 15 -4.44 0.41 5.71
C LEU A 15 -5.37 -0.59 6.44
N ARG A 16 -5.64 -0.31 7.72
CA ARG A 16 -6.30 -1.26 8.63
C ARG A 16 -7.75 -1.56 8.20
N GLU A 17 -8.61 -0.50 8.12
CA GLU A 17 -10.01 -0.72 7.66
C GLU A 17 -9.99 -1.16 6.21
N TRP A 18 -9.29 -0.40 5.36
CA TRP A 18 -9.29 -0.57 3.90
C TRP A 18 -9.17 -2.04 3.46
N ILE A 19 -8.17 -2.73 4.01
CA ILE A 19 -7.98 -4.18 3.78
C ILE A 19 -9.15 -5.02 4.34
N THR A 20 -9.52 -4.82 5.63
CA THR A 20 -10.52 -5.68 6.32
C THR A 20 -12.00 -5.30 5.99
N THR A 21 -12.21 -4.15 5.31
CA THR A 21 -13.54 -3.50 5.17
C THR A 21 -14.08 -3.64 3.73
N ILE A 22 -13.25 -3.30 2.72
CA ILE A 22 -13.74 -3.20 1.34
C ILE A 22 -13.77 -4.60 0.71
N SER A 23 -14.99 -5.18 0.64
CA SER A 23 -15.20 -6.56 0.18
C SER A 23 -14.76 -6.75 -1.29
N ASP A 24 -14.85 -5.66 -2.09
CA ASP A 24 -14.36 -5.61 -3.47
C ASP A 24 -13.49 -4.36 -3.64
N PRO A 25 -12.13 -4.48 -3.46
CA PRO A 25 -11.19 -3.33 -3.62
C PRO A 25 -11.18 -2.73 -5.03
N MET A 26 -10.96 -1.41 -5.11
CA MET A 26 -10.67 -0.74 -6.38
C MET A 26 -9.16 -0.86 -6.62
N GLU A 27 -8.76 -1.28 -7.84
CA GLU A 27 -7.34 -1.52 -8.16
C GLU A 27 -6.52 -0.22 -8.11
N GLU A 28 -7.22 0.92 -8.17
CA GLU A 28 -6.63 2.27 -8.06
C GLU A 28 -6.01 2.54 -6.67
N ASP A 29 -6.60 1.96 -5.60
CA ASP A 29 -6.02 2.06 -4.23
C ASP A 29 -4.89 1.04 -4.01
N ILE A 30 -4.89 -0.04 -4.80
CA ILE A 30 -3.77 -1.03 -4.82
C ILE A 30 -2.63 -0.42 -5.65
N LEU A 31 -3.02 0.40 -6.62
CA LEU A 31 -2.13 1.19 -7.48
C LEU A 31 -1.58 2.42 -6.71
N GLN A 32 -2.38 2.97 -5.75
CA GLN A 32 -1.99 4.16 -4.98
C GLN A 32 -0.80 3.81 -4.06
N VAL A 33 -0.86 2.61 -3.43
CA VAL A 33 0.25 2.11 -2.58
C VAL A 33 1.48 1.74 -3.44
N VAL A 34 1.27 1.04 -4.59
CA VAL A 34 2.38 0.67 -5.51
C VAL A 34 3.14 1.91 -6.03
N LYS A 35 2.39 2.98 -6.33
CA LYS A 35 2.96 4.23 -6.87
C LYS A 35 3.84 4.94 -5.81
N TYR A 36 3.33 5.03 -4.57
CA TYR A 36 4.10 5.64 -3.47
C TYR A 36 5.29 4.78 -3.10
N CYS A 37 5.11 3.45 -3.18
CA CYS A 37 6.17 2.48 -2.89
C CYS A 37 7.41 2.80 -3.73
N THR A 38 7.20 2.83 -5.05
CA THR A 38 8.25 3.12 -6.03
C THR A 38 8.80 4.56 -5.85
N ASP A 39 7.92 5.52 -5.48
CA ASP A 39 8.29 6.95 -5.35
C ASP A 39 9.10 7.21 -4.06
N LEU A 40 8.85 6.39 -3.01
CA LEU A 40 9.58 6.47 -1.71
C LEU A 40 11.01 5.92 -1.88
N ILE A 41 11.15 4.95 -2.80
CA ILE A 41 12.47 4.42 -3.21
C ILE A 41 13.26 5.52 -3.97
N GLU A 42 12.52 6.31 -4.80
CA GLU A 42 13.08 7.42 -5.58
C GLU A 42 13.43 8.62 -4.67
N GLU A 43 12.62 8.81 -3.60
CA GLU A 43 12.71 9.99 -2.71
C GLU A 43 13.61 9.70 -1.49
N LYS A 44 14.18 8.47 -1.44
CA LYS A 44 15.04 7.97 -0.32
C LYS A 44 14.25 7.90 1.01
N ASP A 45 12.89 7.99 0.93
CA ASP A 45 12.01 8.04 2.10
C ASP A 45 11.33 6.66 2.28
N LEU A 46 12.15 5.61 2.12
CA LEU A 46 11.71 4.21 2.24
C LEU A 46 11.48 3.80 3.71
N GLU A 47 11.59 4.79 4.64
CA GLU A 47 11.22 4.66 6.04
C GLU A 47 9.74 4.24 6.18
N LYS A 48 8.82 5.07 5.64
CA LYS A 48 7.37 4.78 5.67
C LYS A 48 7.09 3.49 4.92
N LEU A 49 7.77 3.33 3.78
CA LEU A 49 7.64 2.16 2.89
C LEU A 49 7.77 0.83 3.64
N ASP A 50 8.77 0.77 4.52
CA ASP A 50 9.09 -0.45 5.31
C ASP A 50 7.87 -0.86 6.16
N LEU A 51 7.37 0.10 6.94
CA LEU A 51 6.29 -0.11 7.91
C LEU A 51 4.92 -0.26 7.18
N VAL A 52 4.74 0.46 6.05
CA VAL A 52 3.49 0.43 5.23
C VAL A 52 3.31 -0.97 4.64
N ILE A 53 4.38 -1.46 3.97
CA ILE A 53 4.42 -2.77 3.31
C ILE A 53 4.16 -3.92 4.29
N LYS A 54 4.83 -3.90 5.45
CA LYS A 54 4.82 -5.03 6.40
C LYS A 54 3.49 -5.09 7.17
N TYR A 55 2.87 -3.92 7.39
CA TYR A 55 1.56 -3.81 8.05
C TYR A 55 0.46 -4.27 7.08
N MET A 56 0.58 -3.77 5.84
CA MET A 56 -0.32 -4.08 4.72
C MET A 56 -0.37 -5.59 4.46
N LYS A 57 0.81 -6.18 4.24
CA LYS A 57 0.96 -7.60 3.87
C LYS A 57 0.46 -8.48 5.01
N ARG A 58 0.72 -8.08 6.28
CA ARG A 58 0.28 -8.83 7.48
C ARG A 58 -1.25 -9.04 7.48
N LEU A 59 -1.97 -7.94 7.21
CA LEU A 59 -3.44 -7.93 7.14
C LEU A 59 -3.95 -8.75 5.93
N MET A 60 -3.21 -8.65 4.81
CA MET A 60 -3.55 -9.33 3.55
C MET A 60 -3.16 -10.83 3.56
N GLN A 61 -2.22 -11.22 4.44
CA GLN A 61 -1.79 -12.64 4.60
C GLN A 61 -2.81 -13.40 5.46
N GLN A 62 -3.23 -12.76 6.57
CA GLN A 62 -4.28 -13.33 7.45
C GLN A 62 -5.63 -13.36 6.71
N SER A 63 -5.77 -12.47 5.68
CA SER A 63 -6.78 -12.65 4.63
C SER A 63 -6.32 -13.82 3.74
N VAL A 64 -6.68 -15.05 4.19
CA VAL A 64 -6.19 -16.33 3.64
C VAL A 64 -6.31 -16.41 2.10
N GLU A 65 -7.50 -16.09 1.58
CA GLU A 65 -7.81 -16.11 0.15
C GLU A 65 -8.77 -14.96 -0.18
N SER A 66 -8.28 -13.97 -0.93
CA SER A 66 -9.02 -12.75 -1.29
C SER A 66 -8.22 -11.96 -2.34
N VAL A 67 -8.88 -10.97 -2.96
CA VAL A 67 -8.21 -10.01 -3.87
C VAL A 67 -7.11 -9.23 -3.11
N TRP A 68 -7.30 -9.08 -1.77
CA TRP A 68 -6.32 -8.46 -0.86
C TRP A 68 -5.01 -9.27 -0.79
N ASN A 69 -5.14 -10.60 -0.72
CA ASN A 69 -3.98 -11.53 -0.69
C ASN A 69 -3.26 -11.50 -2.07
N MET A 70 -4.06 -11.44 -3.15
CA MET A 70 -3.54 -11.30 -4.53
C MET A 70 -2.84 -9.93 -4.69
N ALA A 71 -3.36 -8.93 -3.96
CA ALA A 71 -2.84 -7.55 -3.97
C ALA A 71 -1.45 -7.51 -3.32
N PHE A 72 -1.32 -8.09 -2.10
CA PHE A 72 -0.05 -8.03 -1.32
C PHE A 72 1.10 -8.67 -2.12
N ASP A 73 0.79 -9.79 -2.80
CA ASP A 73 1.76 -10.49 -3.68
C ASP A 73 2.23 -9.56 -4.83
N PHE A 74 1.25 -8.90 -5.47
CA PHE A 74 1.47 -7.94 -6.57
C PHE A 74 2.35 -6.75 -6.11
N ILE A 75 2.03 -6.23 -4.91
CA ILE A 75 2.67 -5.02 -4.35
C ILE A 75 4.13 -5.32 -3.94
N LEU A 76 4.34 -6.50 -3.29
CA LEU A 76 5.68 -6.98 -2.88
C LEU A 76 6.61 -7.08 -4.10
N ASP A 77 6.06 -7.57 -5.21
CA ASP A 77 6.81 -7.72 -6.48
C ASP A 77 7.33 -6.35 -6.93
N ASN A 78 6.39 -5.41 -7.14
CA ASN A 78 6.64 -4.08 -7.75
C ASN A 78 7.66 -3.25 -6.95
N VAL A 79 7.47 -3.23 -5.61
CA VAL A 79 8.33 -2.44 -4.71
C VAL A 79 9.77 -2.98 -4.71
N GLN A 80 9.90 -4.33 -4.61
CA GLN A 80 11.22 -4.99 -4.51
C GLN A 80 11.99 -4.93 -5.84
N VAL A 81 11.25 -4.88 -6.96
CA VAL A 81 11.81 -4.70 -8.32
C VAL A 81 12.52 -3.33 -8.43
N VAL A 82 11.85 -2.25 -7.99
CA VAL A 82 12.41 -0.88 -8.08
C VAL A 82 13.53 -0.65 -7.01
N LEU A 83 13.41 -1.34 -5.85
CA LEU A 83 14.46 -1.36 -4.80
C LEU A 83 15.73 -2.03 -5.35
N GLN A 84 15.52 -3.06 -6.16
CA GLN A 84 16.58 -3.83 -6.82
C GLN A 84 17.31 -2.94 -7.86
N GLN A 85 16.54 -2.06 -8.53
CA GLN A 85 17.07 -1.14 -9.56
C GLN A 85 17.84 0.04 -8.91
N THR A 86 17.35 0.50 -7.75
CA THR A 86 17.87 1.72 -7.09
C THR A 86 19.06 1.40 -6.18
N TYR A 87 18.85 0.46 -5.25
CA TYR A 87 19.83 0.11 -4.21
C TYR A 87 20.66 -1.14 -4.60
N GLY A 88 20.14 -1.92 -5.55
CA GLY A 88 20.71 -3.25 -5.86
C GLY A 88 20.24 -4.31 -4.87
N SER A 89 19.30 -3.91 -3.99
CA SER A 89 18.84 -4.72 -2.86
C SER A 89 17.36 -4.42 -2.57
N THR A 90 16.61 -5.47 -2.25
CA THR A 90 15.17 -5.41 -1.99
C THR A 90 14.90 -5.15 -0.49
N LEU A 91 13.61 -4.96 -0.10
CA LEU A 91 13.23 -4.89 1.33
C LEU A 91 13.03 -6.31 1.85
N LYS A 92 13.60 -6.59 3.02
CA LYS A 92 13.42 -7.87 3.69
C LYS A 92 12.22 -7.73 4.66
N VAL A 93 11.14 -8.45 4.32
CA VAL A 93 9.83 -8.28 4.96
C VAL A 93 9.77 -8.98 6.34
N THR A 94 10.38 -10.17 6.43
CA THR A 94 10.44 -10.97 7.68
C THR A 94 11.77 -11.73 7.76
N LYS B 1 -24.53 5.35 3.20
CA LYS B 1 -24.19 4.20 2.34
C LYS B 1 -23.51 4.68 1.03
N GLY B 2 -23.28 3.73 0.11
CA GLY B 2 -22.73 4.01 -1.22
C GLY B 2 -21.48 3.20 -1.52
N ASN B 3 -21.36 2.71 -2.76
CA ASN B 3 -20.17 1.98 -3.27
C ASN B 3 -19.55 2.75 -4.46
N MET B 4 -19.97 4.01 -4.65
CA MET B 4 -19.50 4.86 -5.75
C MET B 4 -18.43 5.84 -5.19
N MET B 5 -17.57 5.31 -4.30
CA MET B 5 -16.45 6.05 -3.70
C MET B 5 -15.13 5.55 -4.31
N SER B 6 -14.63 6.28 -5.32
CA SER B 6 -13.31 6.01 -5.91
C SER B 6 -12.21 6.42 -4.92
N ASN B 7 -11.29 5.47 -4.65
CA ASN B 7 -10.29 5.56 -3.58
C ASN B 7 -10.97 5.68 -2.20
N PHE B 8 -11.14 4.53 -1.52
CA PHE B 8 -11.36 4.49 -0.06
C PHE B 8 -10.05 4.92 0.62
N PHE B 9 -8.94 4.66 -0.08
CA PHE B 9 -7.62 5.25 0.17
C PHE B 9 -7.56 6.68 -0.43
N GLY B 10 -6.32 7.16 -0.71
CA GLY B 10 -6.06 8.36 -1.53
C GLY B 10 -6.88 9.58 -1.13
N LYS B 11 -8.05 9.71 -1.79
CA LYS B 11 -8.99 10.85 -1.67
C LYS B 11 -9.35 11.13 -0.19
N ALA B 12 -9.53 10.05 0.61
CA ALA B 12 -10.00 10.12 2.00
C ALA B 12 -9.08 10.98 2.89
N ALA B 13 -7.81 10.56 3.03
CA ALA B 13 -6.83 11.25 3.90
C ALA B 13 -6.20 12.47 3.20
N MET B 14 -6.35 12.53 1.86
CA MET B 14 -5.94 13.70 1.05
C MET B 14 -6.82 14.92 1.42
N ASN B 15 -8.13 14.64 1.56
CA ASN B 15 -9.15 15.61 2.00
C ASN B 15 -9.07 15.84 3.52
N LYS B 16 -8.81 14.74 4.26
CA LYS B 16 -8.91 14.66 5.73
C LYS B 16 -10.41 14.76 6.15
N ASN A 1 3.06 10.98 -1.35
CA ASN A 1 1.87 10.60 -0.55
C ASN A 1 1.24 9.35 -1.17
N LEU A 2 0.24 8.75 -0.48
CA LEU A 2 -0.65 7.75 -1.09
C LEU A 2 -2.05 8.30 -1.27
N ALA A 3 -2.59 8.85 -0.20
CA ALA A 3 -4.01 9.16 -0.09
C ALA A 3 -4.15 10.53 0.57
N GLY A 4 -3.74 11.57 -0.18
CA GLY A 4 -3.81 12.97 0.29
C GLY A 4 -2.72 13.35 1.31
N ALA A 5 -2.15 12.34 2.00
CA ALA A 5 -1.17 12.52 3.07
C ALA A 5 -0.11 11.40 3.03
N VAL A 6 1.00 11.66 3.74
CA VAL A 6 2.18 10.78 3.80
C VAL A 6 2.23 10.05 5.16
N GLU A 7 1.53 10.63 6.16
CA GLU A 7 1.64 10.28 7.59
C GLU A 7 1.35 8.79 7.82
N PHE A 8 2.21 8.12 8.65
CA PHE A 8 2.06 6.68 8.93
C PHE A 8 0.72 6.37 9.62
N ASN A 9 0.20 7.32 10.41
CA ASN A 9 -1.10 7.18 11.09
C ASN A 9 -2.23 7.18 10.04
N ASP A 10 -2.08 8.05 9.03
CA ASP A 10 -3.05 8.22 7.93
C ASP A 10 -3.13 6.91 7.12
N VAL A 11 -1.96 6.48 6.65
CA VAL A 11 -1.72 5.20 5.95
C VAL A 11 -2.33 4.00 6.73
N LYS A 12 -1.91 3.88 7.99
CA LYS A 12 -2.20 2.73 8.87
C LYS A 12 -3.70 2.58 9.12
N THR A 13 -4.33 3.70 9.53
CA THR A 13 -5.78 3.78 9.79
C THR A 13 -6.55 3.22 8.60
N LEU A 14 -6.21 3.71 7.38
CA LEU A 14 -6.82 3.22 6.13
C LEU A 14 -6.71 1.69 6.03
N LEU A 15 -5.46 1.18 6.14
CA LEU A 15 -5.11 -0.24 5.90
C LEU A 15 -6.01 -1.21 6.70
N ARG A 16 -6.42 -0.79 7.91
CA ARG A 16 -7.33 -1.61 8.76
C ARG A 16 -8.69 -1.85 8.08
N GLU A 17 -9.44 -0.76 7.79
CA GLU A 17 -10.77 -0.86 7.13
C GLU A 17 -10.62 -1.19 5.64
N TRP A 18 -9.46 -0.91 5.06
CA TRP A 18 -9.18 -1.20 3.66
C TRP A 18 -9.30 -2.72 3.45
N ILE A 19 -8.46 -3.43 4.18
CA ILE A 19 -8.27 -4.85 4.02
C ILE A 19 -9.46 -5.68 4.60
N THR A 20 -10.11 -5.18 5.68
CA THR A 20 -11.21 -5.92 6.34
C THR A 20 -12.62 -5.48 5.85
N THR A 21 -12.85 -4.16 5.76
CA THR A 21 -14.16 -3.58 5.39
C THR A 21 -14.40 -3.68 3.87
N ILE A 22 -13.37 -3.37 3.05
CA ILE A 22 -13.51 -3.40 1.58
C ILE A 22 -13.36 -4.85 1.11
N SER A 23 -14.38 -5.34 0.40
CA SER A 23 -14.42 -6.72 -0.09
C SER A 23 -13.75 -6.77 -1.47
N ASP A 24 -14.18 -5.85 -2.34
CA ASP A 24 -13.70 -5.72 -3.72
C ASP A 24 -12.93 -4.39 -3.87
N PRO A 25 -11.56 -4.39 -3.71
CA PRO A 25 -10.74 -3.18 -3.93
C PRO A 25 -10.65 -2.83 -5.42
N MET A 26 -11.12 -1.62 -5.77
CA MET A 26 -10.84 -1.01 -7.07
C MET A 26 -9.36 -0.62 -7.13
N GLU A 27 -8.83 -0.60 -8.36
CA GLU A 27 -7.40 -0.41 -8.64
C GLU A 27 -6.88 0.92 -8.07
N GLU A 28 -7.77 1.91 -7.93
CA GLU A 28 -7.42 3.29 -7.49
C GLU A 28 -6.63 3.30 -6.18
N ASP A 29 -7.11 2.55 -5.19
CA ASP A 29 -6.48 2.49 -3.85
C ASP A 29 -5.20 1.66 -3.88
N ILE A 30 -5.17 0.68 -4.79
CA ILE A 30 -3.98 -0.14 -5.07
C ILE A 30 -2.91 0.74 -5.77
N LEU A 31 -3.37 1.74 -6.55
CA LEU A 31 -2.48 2.73 -7.21
C LEU A 31 -1.90 3.67 -6.16
N GLN A 32 -2.71 4.01 -5.13
CA GLN A 32 -2.27 4.92 -4.05
C GLN A 32 -1.05 4.32 -3.33
N VAL A 33 -1.20 3.06 -2.91
CA VAL A 33 -0.16 2.35 -2.12
C VAL A 33 1.11 2.07 -2.95
N VAL A 34 0.94 1.61 -4.22
CA VAL A 34 2.08 1.27 -5.10
C VAL A 34 2.87 2.56 -5.45
N LYS A 35 2.13 3.65 -5.76
CA LYS A 35 2.73 4.96 -6.11
C LYS A 35 3.59 5.48 -4.95
N TYR A 36 3.00 5.48 -3.74
CA TYR A 36 3.67 5.91 -2.49
C TYR A 36 4.97 5.13 -2.26
N CYS A 37 4.86 3.80 -2.32
CA CYS A 37 5.98 2.88 -2.07
C CYS A 37 7.15 3.11 -3.05
N THR A 38 6.81 3.30 -4.34
CA THR A 38 7.79 3.56 -5.40
C THR A 38 8.39 4.98 -5.27
N ASP A 39 7.59 5.91 -4.70
CA ASP A 39 8.06 7.26 -4.34
C ASP A 39 9.11 7.16 -3.24
N LEU A 40 8.86 6.31 -2.23
CA LEU A 40 9.79 6.12 -1.08
C LEU A 40 11.16 5.61 -1.57
N ILE A 41 11.14 4.82 -2.65
CA ILE A 41 12.36 4.33 -3.30
C ILE A 41 13.16 5.49 -3.94
N GLU A 42 12.47 6.37 -4.73
CA GLU A 42 13.14 7.48 -5.47
C GLU A 42 13.51 8.63 -4.51
N GLU A 43 12.79 8.71 -3.38
CA GLU A 43 13.03 9.73 -2.33
C GLU A 43 14.10 9.26 -1.32
N LYS A 44 14.48 7.97 -1.41
CA LYS A 44 15.38 7.30 -0.44
C LYS A 44 14.73 7.31 0.99
N ASP A 45 13.40 7.47 1.00
CA ASP A 45 12.56 7.48 2.22
C ASP A 45 11.95 6.07 2.41
N LEU A 46 12.74 5.05 2.00
CA LEU A 46 12.31 3.64 1.96
C LEU A 46 12.31 2.98 3.36
N GLU A 47 12.60 3.80 4.40
CA GLU A 47 12.36 3.40 5.79
C GLU A 47 10.85 3.22 6.01
N LYS A 48 10.07 4.16 5.42
CA LYS A 48 8.61 4.11 5.40
C LYS A 48 8.13 2.87 4.63
N LEU A 49 8.82 2.58 3.49
CA LEU A 49 8.53 1.42 2.61
C LEU A 49 8.51 0.12 3.44
N ASP A 50 9.44 0.02 4.40
CA ASP A 50 9.53 -1.15 5.29
C ASP A 50 8.23 -1.29 6.12
N LEU A 51 7.92 -0.30 6.97
CA LEU A 51 6.82 -0.41 7.99
C LEU A 51 5.42 -0.42 7.34
N VAL A 52 5.27 0.34 6.25
CA VAL A 52 3.98 0.46 5.51
C VAL A 52 3.66 -0.85 4.77
N ILE A 53 4.68 -1.44 4.15
CA ILE A 53 4.56 -2.76 3.50
C ILE A 53 4.40 -3.86 4.55
N LYS A 54 5.05 -3.71 5.73
CA LYS A 54 4.91 -4.66 6.86
C LYS A 54 3.46 -4.68 7.37
N TYR A 55 2.80 -3.52 7.33
CA TYR A 55 1.45 -3.37 7.91
C TYR A 55 0.43 -3.98 6.93
N MET A 56 0.60 -3.59 5.66
CA MET A 56 -0.11 -4.16 4.51
C MET A 56 0.03 -5.70 4.51
N LYS A 57 1.26 -6.17 4.72
CA LYS A 57 1.66 -7.59 4.74
C LYS A 57 0.84 -8.40 5.76
N ARG A 58 0.93 -7.98 7.03
CA ARG A 58 0.39 -8.72 8.18
C ARG A 58 -1.14 -8.84 8.10
N LEU A 59 -1.79 -7.79 7.58
CA LEU A 59 -3.25 -7.76 7.38
C LEU A 59 -3.65 -8.59 6.13
N MET A 60 -2.79 -8.57 5.09
CA MET A 60 -3.02 -9.32 3.82
C MET A 60 -2.89 -10.85 4.01
N GLN A 61 -1.97 -11.27 4.89
CA GLN A 61 -1.64 -12.70 5.09
C GLN A 61 -2.44 -13.32 6.25
N GLN A 62 -3.00 -12.47 7.16
CA GLN A 62 -3.98 -12.95 8.15
C GLN A 62 -5.33 -13.15 7.45
N SER A 63 -5.54 -12.39 6.35
CA SER A 63 -6.55 -12.70 5.34
C SER A 63 -6.08 -13.96 4.57
N VAL A 64 -6.79 -15.07 4.78
CA VAL A 64 -6.42 -16.40 4.24
C VAL A 64 -6.34 -16.37 2.70
N GLU A 65 -7.33 -15.71 2.09
CA GLU A 65 -7.50 -15.64 0.63
C GLU A 65 -7.89 -14.19 0.23
N SER A 66 -8.77 -14.06 -0.82
CA SER A 66 -9.34 -12.79 -1.32
C SER A 66 -8.37 -12.08 -2.27
N VAL A 67 -8.87 -11.01 -2.91
CA VAL A 67 -8.10 -10.13 -3.82
C VAL A 67 -6.86 -9.57 -3.09
N TRP A 68 -7.02 -9.39 -1.75
CA TRP A 68 -5.99 -8.87 -0.84
C TRP A 68 -4.72 -9.73 -0.85
N ASN A 69 -4.88 -11.06 -0.91
CA ASN A 69 -3.74 -12.00 -0.76
C ASN A 69 -2.83 -11.96 -2.01
N MET A 70 -3.46 -11.97 -3.20
CA MET A 70 -2.76 -11.83 -4.48
C MET A 70 -2.28 -10.37 -4.68
N ALA A 71 -2.96 -9.41 -3.99
CA ALA A 71 -2.57 -7.98 -3.99
C ALA A 71 -1.31 -7.77 -3.12
N PHE A 72 -1.14 -8.63 -2.10
CA PHE A 72 0.11 -8.70 -1.30
C PHE A 72 1.26 -9.03 -2.25
N ASP A 73 1.10 -10.17 -2.96
CA ASP A 73 2.12 -10.68 -3.89
C ASP A 73 2.38 -9.67 -5.06
N PHE A 74 1.32 -8.95 -5.45
CA PHE A 74 1.36 -7.95 -6.54
C PHE A 74 2.19 -6.72 -6.13
N ILE A 75 1.79 -6.07 -5.03
CA ILE A 75 2.41 -4.82 -4.54
C ILE A 75 3.87 -5.08 -4.14
N LEU A 76 4.11 -6.20 -3.44
CA LEU A 76 5.46 -6.65 -3.03
C LEU A 76 6.37 -6.83 -4.26
N ASP A 77 5.80 -7.36 -5.35
CA ASP A 77 6.52 -7.50 -6.62
C ASP A 77 6.90 -6.11 -7.16
N ASN A 78 5.90 -5.22 -7.32
CA ASN A 78 6.06 -3.87 -7.91
C ASN A 78 7.06 -2.99 -7.14
N VAL A 79 7.07 -3.09 -5.79
CA VAL A 79 8.00 -2.31 -4.96
C VAL A 79 9.45 -2.81 -5.17
N GLN A 80 9.61 -4.14 -5.31
CA GLN A 80 10.93 -4.77 -5.56
C GLN A 80 11.40 -4.53 -7.00
N VAL A 81 10.44 -4.36 -7.94
CA VAL A 81 10.73 -4.07 -9.37
C VAL A 81 11.47 -2.73 -9.50
N VAL A 82 10.83 -1.67 -8.95
CA VAL A 82 11.38 -0.30 -8.99
C VAL A 82 12.63 -0.18 -8.09
N LEU A 83 12.65 -0.94 -6.98
CA LEU A 83 13.76 -0.95 -6.00
C LEU A 83 15.01 -1.59 -6.63
N GLN A 84 14.78 -2.55 -7.55
CA GLN A 84 15.85 -3.28 -8.24
C GLN A 84 16.46 -2.43 -9.36
N GLN A 85 15.59 -1.68 -10.08
CA GLN A 85 15.99 -0.82 -11.20
C GLN A 85 16.70 0.45 -10.70
N THR A 86 16.19 1.01 -9.59
CA THR A 86 16.70 2.25 -9.00
C THR A 86 17.84 1.98 -8.00
N TYR A 87 17.50 1.25 -6.93
CA TYR A 87 18.37 1.11 -5.74
C TYR A 87 19.30 -0.11 -5.87
N GLY A 88 18.89 -1.09 -6.71
CA GLY A 88 19.64 -2.33 -6.91
C GLY A 88 19.41 -3.32 -5.79
N SER A 89 18.18 -3.34 -5.27
CA SER A 89 17.79 -4.20 -4.14
C SER A 89 16.40 -4.80 -4.36
N THR A 90 16.17 -6.00 -3.79
CA THR A 90 14.84 -6.62 -3.68
C THR A 90 14.66 -7.15 -2.25
N LEU A 91 13.95 -6.38 -1.40
CA LEU A 91 13.80 -6.69 0.04
C LEU A 91 12.74 -7.78 0.27
N LYS A 92 13.04 -8.71 1.19
CA LYS A 92 12.10 -9.73 1.66
C LYS A 92 11.70 -9.38 3.10
N VAL A 93 10.41 -9.09 3.30
CA VAL A 93 9.85 -8.54 4.56
C VAL A 93 10.00 -9.53 5.73
N THR A 94 9.93 -10.84 5.40
CA THR A 94 10.17 -11.96 6.34
C THR A 94 9.11 -12.03 7.45
N LYS B 1 -18.55 -0.88 -15.19
CA LYS B 1 -18.47 -0.19 -13.90
C LYS B 1 -17.57 1.05 -13.99
N GLY B 2 -17.89 2.06 -13.18
CA GLY B 2 -17.07 3.28 -13.07
C GLY B 2 -16.35 3.37 -11.73
N ASN B 3 -15.73 2.22 -11.33
CA ASN B 3 -14.94 2.14 -10.08
C ASN B 3 -13.55 2.80 -10.25
N MET B 4 -13.25 3.23 -11.49
CA MET B 4 -12.15 4.16 -11.78
C MET B 4 -12.53 5.56 -11.24
N MET B 5 -11.57 6.25 -10.62
CA MET B 5 -11.76 7.53 -9.88
C MET B 5 -12.48 7.32 -8.52
N SER B 6 -13.35 6.28 -8.43
CA SER B 6 -13.94 5.83 -7.15
C SER B 6 -12.85 5.25 -6.26
N ASN B 7 -12.82 5.66 -5.00
CA ASN B 7 -11.73 5.39 -4.06
C ASN B 7 -12.24 5.56 -2.63
N PHE B 8 -11.56 4.90 -1.69
CA PHE B 8 -11.88 4.92 -0.26
C PHE B 8 -10.59 5.19 0.53
N PHE B 9 -9.50 4.52 0.10
CA PHE B 9 -8.16 4.75 0.67
C PHE B 9 -7.75 6.18 0.28
N GLY B 10 -7.73 6.43 -1.05
CA GLY B 10 -7.44 7.75 -1.61
C GLY B 10 -8.63 8.70 -1.64
N LYS B 11 -9.38 8.76 -0.51
CA LYS B 11 -10.61 9.58 -0.38
C LYS B 11 -10.84 9.89 1.10
N ALA B 12 -10.91 8.83 1.91
CA ALA B 12 -11.12 8.91 3.38
C ALA B 12 -9.77 9.09 4.11
N ALA B 13 -8.87 9.85 3.46
CA ALA B 13 -7.55 10.19 3.99
C ALA B 13 -7.05 11.45 3.30
N MET B 14 -6.48 12.35 4.10
CA MET B 14 -5.94 13.65 3.69
C MET B 14 -5.71 14.48 4.96
N ASN B 15 -6.81 14.93 5.58
CA ASN B 15 -6.79 15.76 6.80
C ASN B 15 -7.72 15.10 7.84
N LYS B 16 -7.20 14.07 8.52
CA LYS B 16 -7.94 13.32 9.54
C LYS B 16 -7.08 13.14 10.83
N ASN A 1 3.64 10.50 -1.87
CA ASN A 1 2.34 10.46 -1.14
C ASN A 1 1.47 9.32 -1.69
N LEU A 2 0.32 9.09 -1.03
CA LEU A 2 -0.71 8.18 -1.53
C LEU A 2 -2.11 8.80 -1.36
N ALA A 3 -2.46 9.13 -0.12
CA ALA A 3 -3.84 9.46 0.28
C ALA A 3 -3.94 10.95 0.62
N GLY A 4 -3.30 11.79 -0.22
CA GLY A 4 -3.27 13.23 -0.02
C GLY A 4 -2.44 13.64 1.19
N ALA A 5 -1.59 12.70 1.63
CA ALA A 5 -0.70 12.82 2.77
C ALA A 5 0.34 11.71 2.72
N VAL A 6 1.32 11.80 3.63
CA VAL A 6 2.51 10.93 3.65
C VAL A 6 2.67 10.22 5.01
N GLU A 7 1.76 10.49 5.96
CA GLU A 7 1.92 10.06 7.37
C GLU A 7 1.52 8.60 7.50
N PHE A 8 2.35 7.80 8.19
CA PHE A 8 2.01 6.38 8.48
C PHE A 8 0.66 6.29 9.23
N ASN A 9 0.27 7.39 9.89
CA ASN A 9 -1.01 7.53 10.60
C ASN A 9 -2.17 7.38 9.60
N ASP A 10 -2.11 8.14 8.48
CA ASP A 10 -3.21 8.11 7.49
C ASP A 10 -3.17 6.79 6.69
N VAL A 11 -1.98 6.45 6.20
CA VAL A 11 -1.66 5.19 5.48
C VAL A 11 -2.26 3.98 6.23
N LYS A 12 -1.96 3.88 7.55
CA LYS A 12 -2.27 2.70 8.38
C LYS A 12 -3.76 2.65 8.72
N THR A 13 -4.35 3.84 8.97
CA THR A 13 -5.79 4.01 9.27
C THR A 13 -6.60 3.38 8.13
N LEU A 14 -6.24 3.79 6.92
CA LEU A 14 -6.78 3.25 5.69
C LEU A 14 -6.55 1.73 5.60
N LEU A 15 -5.26 1.30 5.60
CA LEU A 15 -4.85 -0.14 5.46
C LEU A 15 -5.68 -1.09 6.37
N ARG A 16 -6.02 -0.62 7.59
CA ARG A 16 -6.73 -1.44 8.59
C ARG A 16 -8.13 -1.84 8.13
N GLU A 17 -9.00 -0.84 7.88
CA GLU A 17 -10.39 -1.12 7.45
C GLU A 17 -10.45 -1.48 5.96
N TRP A 18 -9.47 -1.01 5.18
CA TRP A 18 -9.37 -1.32 3.75
C TRP A 18 -9.26 -2.83 3.57
N ILE A 19 -8.23 -3.39 4.19
CA ILE A 19 -7.95 -4.82 4.14
C ILE A 19 -9.06 -5.67 4.83
N THR A 20 -9.48 -5.27 6.05
CA THR A 20 -10.38 -6.12 6.89
C THR A 20 -11.89 -5.96 6.55
N THR A 21 -12.29 -4.86 5.89
CA THR A 21 -13.72 -4.56 5.61
C THR A 21 -14.09 -4.76 4.12
N ILE A 22 -13.31 -4.14 3.20
CA ILE A 22 -13.77 -3.96 1.80
C ILE A 22 -13.80 -5.31 1.06
N SER A 23 -14.97 -5.66 0.50
CA SER A 23 -15.17 -6.95 -0.18
C SER A 23 -14.56 -6.91 -1.61
N ASP A 24 -14.55 -5.71 -2.22
CA ASP A 24 -14.03 -5.48 -3.58
C ASP A 24 -12.94 -4.40 -3.54
N PRO A 25 -11.62 -4.80 -3.50
CA PRO A 25 -10.49 -3.84 -3.61
C PRO A 25 -10.56 -3.04 -4.93
N MET A 26 -10.43 -1.72 -4.84
CA MET A 26 -10.52 -0.81 -6.00
C MET A 26 -9.20 -0.81 -6.77
N GLU A 27 -9.22 -0.28 -8.00
CA GLU A 27 -8.01 -0.15 -8.83
C GLU A 27 -7.09 0.94 -8.23
N GLU A 28 -7.71 2.06 -7.83
CA GLU A 28 -7.00 3.28 -7.45
C GLU A 28 -6.16 3.09 -6.17
N ASP A 29 -6.78 2.56 -5.09
CA ASP A 29 -6.10 2.42 -3.76
C ASP A 29 -4.90 1.45 -3.82
N ILE A 30 -5.05 0.34 -4.56
CA ILE A 30 -3.96 -0.64 -4.73
C ILE A 30 -2.76 0.00 -5.46
N LEU A 31 -3.02 0.75 -6.56
CA LEU A 31 -1.93 1.37 -7.34
C LEU A 31 -1.36 2.59 -6.60
N GLN A 32 -2.16 3.17 -5.70
CA GLN A 32 -1.78 4.38 -4.94
C GLN A 32 -0.78 4.03 -3.82
N VAL A 33 -1.03 2.89 -3.14
CA VAL A 33 -0.09 2.36 -2.14
C VAL A 33 1.20 1.81 -2.80
N VAL A 34 1.08 1.30 -4.05
CA VAL A 34 2.26 0.92 -4.89
C VAL A 34 3.08 2.18 -5.21
N LYS A 35 2.36 3.23 -5.68
CA LYS A 35 2.95 4.51 -6.09
C LYS A 35 3.77 5.11 -4.93
N TYR A 36 3.14 5.15 -3.74
CA TYR A 36 3.75 5.67 -2.51
C TYR A 36 5.03 4.89 -2.14
N CYS A 37 4.95 3.56 -2.18
CA CYS A 37 6.04 2.67 -1.77
C CYS A 37 7.25 2.78 -2.73
N THR A 38 6.98 2.83 -4.05
CA THR A 38 8.01 3.00 -5.09
C THR A 38 8.64 4.40 -5.00
N ASP A 39 7.81 5.38 -4.60
CA ASP A 39 8.26 6.74 -4.32
C ASP A 39 9.21 6.72 -3.12
N LEU A 40 8.86 6.01 -2.03
CA LEU A 40 9.68 5.92 -0.79
C LEU A 40 11.10 5.45 -1.10
N ILE A 41 11.22 4.59 -2.11
CA ILE A 41 12.51 4.14 -2.64
C ILE A 41 13.29 5.33 -3.25
N GLU A 42 12.66 6.07 -4.20
CA GLU A 42 13.32 7.17 -4.93
C GLU A 42 13.40 8.48 -4.09
N GLU A 43 12.63 8.52 -3.00
CA GLU A 43 12.58 9.67 -2.07
C GLU A 43 13.61 9.52 -0.94
N LYS A 44 14.28 8.34 -0.92
CA LYS A 44 15.25 7.94 0.11
C LYS A 44 14.55 7.80 1.50
N ASP A 45 13.21 7.63 1.47
CA ASP A 45 12.35 7.43 2.66
C ASP A 45 11.90 5.96 2.74
N LEU A 46 12.82 5.04 2.41
CA LEU A 46 12.55 3.59 2.45
C LEU A 46 12.52 3.06 3.90
N GLU A 47 12.76 3.99 4.86
CA GLU A 47 12.43 3.80 6.27
C GLU A 47 10.91 3.55 6.42
N LYS A 48 10.12 4.45 5.80
CA LYS A 48 8.66 4.35 5.78
C LYS A 48 8.20 3.11 4.99
N LEU A 49 8.95 2.77 3.92
CA LEU A 49 8.70 1.58 3.07
C LEU A 49 8.60 0.31 3.92
N ASP A 50 9.50 0.21 4.92
CA ASP A 50 9.51 -0.88 5.91
C ASP A 50 8.14 -0.99 6.63
N LEU A 51 7.74 0.10 7.33
CA LEU A 51 6.49 0.12 8.15
C LEU A 51 5.24 -0.14 7.28
N VAL A 52 5.16 0.61 6.17
CA VAL A 52 3.98 0.66 5.28
C VAL A 52 3.72 -0.68 4.56
N ILE A 53 4.78 -1.26 3.96
CA ILE A 53 4.70 -2.57 3.29
C ILE A 53 4.35 -3.68 4.28
N LYS A 54 5.04 -3.72 5.43
CA LYS A 54 4.91 -4.82 6.41
C LYS A 54 3.55 -4.79 7.13
N TYR A 55 2.95 -3.59 7.23
CA TYR A 55 1.65 -3.40 7.89
C TYR A 55 0.55 -3.97 6.98
N MET A 56 0.59 -3.49 5.73
CA MET A 56 -0.30 -3.90 4.62
C MET A 56 -0.24 -5.43 4.40
N LYS A 57 1.00 -5.93 4.26
CA LYS A 57 1.34 -7.33 3.97
C LYS A 57 0.80 -8.25 5.07
N ARG A 58 1.11 -7.91 6.34
CA ARG A 58 0.81 -8.75 7.51
C ARG A 58 -0.71 -8.94 7.65
N LEU A 59 -1.44 -7.84 7.45
CA LEU A 59 -2.92 -7.82 7.53
C LEU A 59 -3.53 -8.73 6.45
N MET A 60 -2.97 -8.66 5.22
CA MET A 60 -3.45 -9.44 4.05
C MET A 60 -3.19 -10.95 4.24
N GLN A 61 -2.05 -11.29 4.87
CA GLN A 61 -1.70 -12.70 5.19
C GLN A 61 -2.67 -13.27 6.25
N GLN A 62 -3.07 -12.43 7.21
CA GLN A 62 -4.04 -12.79 8.27
C GLN A 62 -5.48 -12.83 7.70
N SER A 63 -5.68 -12.16 6.54
CA SER A 63 -6.93 -12.24 5.76
C SER A 63 -6.98 -13.54 4.91
N VAL A 64 -5.94 -14.38 5.08
CA VAL A 64 -5.81 -15.75 4.53
C VAL A 64 -5.45 -15.69 3.03
N GLU A 65 -6.42 -15.22 2.22
CA GLU A 65 -6.25 -15.05 0.77
C GLU A 65 -7.13 -13.88 0.26
N SER A 66 -8.42 -14.15 -0.09
CA SER A 66 -9.31 -13.17 -0.74
C SER A 66 -8.67 -12.59 -2.03
N VAL A 67 -9.17 -11.43 -2.51
CA VAL A 67 -8.49 -10.63 -3.54
C VAL A 67 -7.30 -9.86 -2.90
N TRP A 68 -7.26 -9.82 -1.55
CA TRP A 68 -6.24 -9.09 -0.78
C TRP A 68 -4.82 -9.66 -0.93
N ASN A 69 -4.69 -10.98 -1.11
CA ASN A 69 -3.38 -11.62 -1.37
C ASN A 69 -2.96 -11.48 -2.85
N MET A 70 -3.94 -11.30 -3.74
CA MET A 70 -3.69 -11.01 -5.17
C MET A 70 -3.17 -9.56 -5.30
N ALA A 71 -3.76 -8.68 -4.45
CA ALA A 71 -3.35 -7.27 -4.31
C ALA A 71 -1.94 -7.20 -3.70
N PHE A 72 -1.74 -7.96 -2.60
CA PHE A 72 -0.44 -8.10 -1.90
C PHE A 72 0.66 -8.55 -2.88
N ASP A 73 0.31 -9.51 -3.75
CA ASP A 73 1.24 -10.04 -4.77
C ASP A 73 1.64 -8.95 -5.76
N PHE A 74 0.66 -8.12 -6.17
CA PHE A 74 0.87 -7.00 -7.11
C PHE A 74 1.79 -5.93 -6.46
N ILE A 75 1.42 -5.51 -5.23
CA ILE A 75 2.08 -4.41 -4.51
C ILE A 75 3.55 -4.74 -4.26
N LEU A 76 3.78 -5.92 -3.66
CA LEU A 76 5.13 -6.43 -3.35
C LEU A 76 5.95 -6.64 -4.64
N ASP A 77 5.32 -7.18 -5.72
CA ASP A 77 6.02 -7.42 -7.00
C ASP A 77 6.66 -6.13 -7.54
N ASN A 78 5.82 -5.10 -7.77
CA ASN A 78 6.25 -3.86 -8.43
C ASN A 78 7.26 -3.07 -7.57
N VAL A 79 7.05 -3.04 -6.24
CA VAL A 79 7.90 -2.25 -5.33
C VAL A 79 9.29 -2.92 -5.14
N GLN A 80 9.31 -4.26 -5.10
CA GLN A 80 10.56 -5.03 -4.92
C GLN A 80 11.43 -4.95 -6.19
N VAL A 81 10.76 -4.94 -7.36
CA VAL A 81 11.41 -4.72 -8.66
C VAL A 81 12.10 -3.32 -8.69
N VAL A 82 11.35 -2.28 -8.27
CA VAL A 82 11.86 -0.89 -8.22
C VAL A 82 13.03 -0.77 -7.22
N LEU A 83 12.92 -1.42 -6.05
CA LEU A 83 13.94 -1.34 -4.99
C LEU A 83 15.24 -2.04 -5.47
N GLN A 84 15.07 -3.16 -6.19
CA GLN A 84 16.18 -3.99 -6.67
C GLN A 84 16.94 -3.28 -7.83
N GLN A 85 16.20 -2.54 -8.65
CA GLN A 85 16.75 -1.79 -9.80
C GLN A 85 17.36 -0.43 -9.37
N THR A 86 16.64 0.28 -8.49
CA THR A 86 16.96 1.66 -8.10
C THR A 86 17.98 1.66 -6.95
N TYR A 87 17.64 0.95 -5.87
CA TYR A 87 18.43 0.93 -4.65
C TYR A 87 19.50 -0.19 -4.68
N GLY A 88 19.23 -1.27 -5.47
CA GLY A 88 20.15 -2.40 -5.59
C GLY A 88 19.98 -3.43 -4.48
N SER A 89 18.77 -3.47 -3.90
CA SER A 89 18.40 -4.38 -2.80
C SER A 89 16.91 -4.73 -2.91
N THR A 90 16.48 -5.90 -2.41
CA THR A 90 15.06 -6.30 -2.46
C THR A 90 14.48 -6.37 -1.02
N LEU A 91 13.17 -6.09 -0.90
CA LEU A 91 12.44 -6.29 0.36
C LEU A 91 12.35 -7.79 0.68
N LYS A 92 12.82 -8.18 1.86
CA LYS A 92 12.58 -9.49 2.43
C LYS A 92 11.85 -9.31 3.77
N VAL A 93 10.59 -9.70 3.81
CA VAL A 93 9.78 -9.71 5.03
C VAL A 93 9.76 -11.13 5.62
N THR A 94 9.94 -12.13 4.73
CA THR A 94 10.04 -13.56 5.08
C THR A 94 11.49 -13.93 5.44
N LYS B 1 -17.48 5.64 -14.35
CA LYS B 1 -17.62 6.61 -13.27
C LYS B 1 -18.45 6.02 -12.11
N GLY B 2 -18.57 6.78 -11.02
CA GLY B 2 -19.31 6.35 -9.84
C GLY B 2 -18.46 5.47 -8.92
N ASN B 3 -18.03 4.33 -9.46
CA ASN B 3 -17.14 3.38 -8.77
C ASN B 3 -15.66 3.79 -8.93
N MET B 4 -15.30 4.30 -10.13
CA MET B 4 -13.92 4.70 -10.44
C MET B 4 -13.63 6.09 -9.85
N MET B 5 -12.36 6.27 -9.39
CA MET B 5 -11.87 7.50 -8.72
C MET B 5 -12.65 7.76 -7.40
N SER B 6 -13.21 6.66 -6.83
CA SER B 6 -14.07 6.71 -5.63
C SER B 6 -13.59 5.66 -4.59
N ASN B 7 -12.33 5.19 -4.80
CA ASN B 7 -11.60 4.27 -3.90
C ASN B 7 -11.73 4.57 -2.39
N PHE B 8 -11.45 3.53 -1.58
CA PHE B 8 -11.53 3.59 -0.12
C PHE B 8 -10.29 4.30 0.48
N PHE B 9 -9.18 4.33 -0.28
CA PHE B 9 -8.10 5.31 -0.03
C PHE B 9 -8.46 6.63 -0.74
N GLY B 10 -7.49 7.59 -0.75
CA GLY B 10 -7.52 8.76 -1.64
C GLY B 10 -8.81 9.57 -1.54
N LYS B 11 -9.79 9.27 -2.39
CA LYS B 11 -11.08 9.98 -2.45
C LYS B 11 -11.82 9.97 -1.09
N ALA B 12 -11.74 8.82 -0.39
CA ALA B 12 -12.36 8.64 0.94
C ALA B 12 -11.59 9.40 2.04
N ALA B 13 -10.25 9.30 2.02
CA ALA B 13 -9.38 9.95 3.01
C ALA B 13 -8.21 10.66 2.30
N MET B 14 -8.34 12.00 2.17
CA MET B 14 -7.35 12.89 1.55
C MET B 14 -7.41 14.25 2.25
N ASN B 15 -8.63 14.81 2.34
CA ASN B 15 -8.90 16.07 3.05
C ASN B 15 -10.05 15.83 4.05
N LYS B 16 -9.69 15.59 5.31
CA LYS B 16 -10.65 15.41 6.41
C LYS B 16 -9.97 15.80 7.75
N ASN A 1 4.65 10.46 0.14
CA ASN A 1 3.78 10.18 1.31
C ASN A 1 3.19 8.76 1.17
N LEU A 2 2.15 8.43 1.94
CA LEU A 2 1.30 7.27 1.63
C LEU A 2 -0.16 7.70 1.80
N ALA A 3 -0.70 8.27 0.71
CA ALA A 3 -2.15 8.39 0.46
C ALA A 3 -2.89 9.31 1.44
N GLY A 4 -2.13 10.23 2.05
CA GLY A 4 -2.72 11.22 2.94
C GLY A 4 -1.68 12.12 3.55
N ALA A 5 -0.59 11.49 4.03
CA ALA A 5 0.48 12.16 4.78
C ALA A 5 1.67 11.21 4.93
N VAL A 6 2.79 11.74 5.47
CA VAL A 6 3.93 10.91 5.90
C VAL A 6 3.67 10.33 7.31
N GLU A 7 2.55 10.77 7.91
CA GLU A 7 2.10 10.29 9.22
C GLU A 7 1.61 8.85 9.13
N PHE A 8 2.32 7.90 9.77
CA PHE A 8 1.97 6.47 9.73
C PHE A 8 0.61 6.22 10.37
N ASN A 9 0.15 7.08 11.30
CA ASN A 9 -1.16 6.94 11.97
C ASN A 9 -2.29 7.14 10.95
N ASP A 10 -2.08 8.11 10.04
CA ASP A 10 -3.01 8.46 8.96
C ASP A 10 -3.05 7.32 7.91
N VAL A 11 -1.85 6.88 7.53
CA VAL A 11 -1.60 5.73 6.63
C VAL A 11 -2.25 4.43 7.17
N LYS A 12 -2.08 4.22 8.48
CA LYS A 12 -2.54 3.03 9.22
C LYS A 12 -4.07 2.98 9.21
N THR A 13 -4.71 4.18 9.32
CA THR A 13 -6.17 4.32 9.22
C THR A 13 -6.63 3.76 7.87
N LEU A 14 -6.02 4.27 6.80
CA LEU A 14 -6.32 3.85 5.43
C LEU A 14 -6.23 2.31 5.27
N LEU A 15 -5.00 1.80 5.46
CA LEU A 15 -4.65 0.37 5.27
C LEU A 15 -5.56 -0.59 6.06
N ARG A 16 -5.92 -0.22 7.32
CA ARG A 16 -6.57 -1.16 8.23
C ARG A 16 -8.02 -1.47 7.80
N GLU A 17 -8.87 -0.41 7.68
CA GLU A 17 -10.28 -0.59 7.23
C GLU A 17 -10.36 -1.01 5.77
N TRP A 18 -9.36 -0.63 4.98
CA TRP A 18 -9.28 -1.01 3.57
C TRP A 18 -9.29 -2.55 3.47
N ILE A 19 -8.30 -3.17 4.11
CA ILE A 19 -8.07 -4.62 4.01
C ILE A 19 -9.09 -5.46 4.81
N THR A 20 -9.38 -5.03 6.05
CA THR A 20 -10.16 -5.85 7.00
C THR A 20 -11.70 -5.63 6.83
N THR A 21 -12.10 -4.41 6.41
CA THR A 21 -13.53 -4.02 6.29
C THR A 21 -14.03 -4.11 4.83
N ILE A 22 -13.26 -3.56 3.86
CA ILE A 22 -13.74 -3.43 2.46
C ILE A 22 -13.68 -4.80 1.77
N SER A 23 -14.80 -5.19 1.18
CA SER A 23 -14.93 -6.47 0.48
C SER A 23 -14.11 -6.48 -0.82
N ASP A 24 -14.28 -5.41 -1.61
CA ASP A 24 -13.62 -5.26 -2.93
C ASP A 24 -12.35 -4.39 -2.83
N PRO A 25 -11.13 -5.00 -2.95
CA PRO A 25 -9.89 -4.22 -3.16
C PRO A 25 -9.91 -3.53 -4.53
N MET A 26 -10.44 -2.30 -4.56
CA MET A 26 -10.46 -1.49 -5.79
C MET A 26 -9.04 -1.02 -6.11
N GLU A 27 -8.69 -1.13 -7.39
CA GLU A 27 -7.30 -0.95 -7.88
C GLU A 27 -6.80 0.48 -7.71
N GLU A 28 -7.73 1.39 -7.43
CA GLU A 28 -7.49 2.82 -7.17
C GLU A 28 -6.45 3.01 -6.05
N ASP A 29 -6.73 2.38 -4.89
CA ASP A 29 -5.86 2.50 -3.70
C ASP A 29 -4.66 1.56 -3.84
N ILE A 30 -4.81 0.48 -4.61
CA ILE A 30 -3.71 -0.45 -4.91
C ILE A 30 -2.62 0.24 -5.77
N LEU A 31 -3.04 1.00 -6.80
CA LEU A 31 -2.10 1.62 -7.76
C LEU A 31 -1.41 2.84 -7.13
N GLN A 32 -2.14 3.58 -6.26
CA GLN A 32 -1.58 4.76 -5.60
C GLN A 32 -0.47 4.33 -4.63
N VAL A 33 -0.70 3.24 -3.85
CA VAL A 33 0.29 2.75 -2.88
C VAL A 33 1.52 2.16 -3.56
N VAL A 34 1.36 1.58 -4.76
CA VAL A 34 2.50 1.10 -5.58
C VAL A 34 3.35 2.30 -6.04
N LYS A 35 2.68 3.39 -6.47
CA LYS A 35 3.35 4.65 -6.89
C LYS A 35 4.17 5.26 -5.76
N TYR A 36 3.58 5.29 -4.54
CA TYR A 36 4.25 5.82 -3.36
C TYR A 36 5.40 4.92 -2.97
N CYS A 37 5.18 3.60 -3.00
CA CYS A 37 6.19 2.59 -2.58
C CYS A 37 7.47 2.75 -3.43
N THR A 38 7.29 2.91 -4.73
CA THR A 38 8.40 3.12 -5.68
C THR A 38 8.99 4.55 -5.51
N ASP A 39 8.12 5.52 -5.13
CA ASP A 39 8.56 6.92 -4.82
C ASP A 39 9.26 7.00 -3.44
N LEU A 40 9.00 6.02 -2.57
CA LEU A 40 9.63 5.89 -1.22
C LEU A 40 11.05 5.36 -1.39
N ILE A 41 11.25 4.55 -2.44
CA ILE A 41 12.60 4.10 -2.84
C ILE A 41 13.33 5.26 -3.56
N GLU A 42 12.55 6.08 -4.30
CA GLU A 42 13.05 7.20 -5.12
C GLU A 42 13.55 8.33 -4.22
N GLU A 43 12.74 8.64 -3.19
CA GLU A 43 12.98 9.76 -2.27
C GLU A 43 13.56 9.24 -0.92
N LYS A 44 14.05 7.98 -0.94
CA LYS A 44 14.86 7.37 0.16
C LYS A 44 14.04 7.20 1.48
N ASP A 45 12.70 7.27 1.40
CA ASP A 45 11.78 7.08 2.55
C ASP A 45 11.54 5.56 2.81
N LEU A 46 12.63 4.76 2.81
CA LEU A 46 12.55 3.30 2.96
C LEU A 46 12.20 2.89 4.41
N GLU A 47 12.25 3.86 5.33
CA GLU A 47 11.74 3.69 6.71
C GLU A 47 10.19 3.63 6.66
N LYS A 48 9.58 4.56 5.89
CA LYS A 48 8.13 4.55 5.63
C LYS A 48 7.75 3.30 4.84
N LEU A 49 8.61 2.92 3.88
CA LEU A 49 8.41 1.74 3.03
C LEU A 49 8.31 0.48 3.90
N ASP A 50 9.14 0.43 4.96
CA ASP A 50 9.12 -0.65 5.95
C ASP A 50 7.72 -0.75 6.60
N LEU A 51 7.31 0.32 7.31
CA LEU A 51 6.04 0.34 8.10
C LEU A 51 4.79 0.14 7.21
N VAL A 52 4.74 0.87 6.09
CA VAL A 52 3.62 0.83 5.11
C VAL A 52 3.40 -0.61 4.57
N ILE A 53 4.45 -1.18 3.98
CA ILE A 53 4.41 -2.49 3.30
C ILE A 53 4.10 -3.64 4.28
N LYS A 54 4.72 -3.59 5.45
CA LYS A 54 4.68 -4.68 6.44
C LYS A 54 3.34 -4.72 7.18
N TYR A 55 2.68 -3.55 7.29
CA TYR A 55 1.35 -3.44 7.90
C TYR A 55 0.30 -3.95 6.91
N MET A 56 0.42 -3.43 5.68
CA MET A 56 -0.44 -3.79 4.53
C MET A 56 -0.40 -5.32 4.26
N LYS A 57 0.81 -5.88 4.40
CA LYS A 57 1.08 -7.32 4.22
C LYS A 57 0.43 -8.14 5.33
N ARG A 58 0.71 -7.76 6.60
CA ARG A 58 0.26 -8.52 7.80
C ARG A 58 -1.25 -8.76 7.76
N LEU A 59 -1.97 -7.74 7.27
CA LEU A 59 -3.43 -7.77 7.16
C LEU A 59 -3.87 -8.66 5.97
N MET A 60 -3.34 -8.39 4.75
CA MET A 60 -3.74 -9.12 3.53
C MET A 60 -3.35 -10.61 3.58
N GLN A 61 -2.33 -10.95 4.38
CA GLN A 61 -1.80 -12.34 4.49
C GLN A 61 -2.42 -13.09 5.68
N GLN A 62 -2.86 -12.37 6.75
CA GLN A 62 -3.57 -13.03 7.88
C GLN A 62 -4.93 -13.56 7.38
N SER A 63 -5.51 -12.82 6.40
CA SER A 63 -6.61 -13.33 5.57
C SER A 63 -5.99 -14.15 4.42
N VAL A 64 -5.70 -15.43 4.73
CA VAL A 64 -4.85 -16.34 3.90
C VAL A 64 -5.36 -16.50 2.45
N GLU A 65 -6.69 -16.58 2.28
CA GLU A 65 -7.33 -16.84 0.98
C GLU A 65 -8.41 -15.78 0.70
N SER A 66 -8.11 -14.86 -0.24
CA SER A 66 -9.00 -13.75 -0.63
C SER A 66 -8.47 -13.06 -1.90
N VAL A 67 -9.26 -12.13 -2.45
CA VAL A 67 -8.86 -11.27 -3.58
C VAL A 67 -7.67 -10.37 -3.16
N TRP A 68 -7.61 -10.08 -1.85
CA TRP A 68 -6.58 -9.25 -1.21
C TRP A 68 -5.16 -9.84 -1.35
N ASN A 69 -5.04 -11.18 -1.37
CA ASN A 69 -3.74 -11.85 -1.50
C ASN A 69 -3.16 -11.69 -2.92
N MET A 70 -4.06 -11.52 -3.92
CA MET A 70 -3.66 -11.22 -5.31
C MET A 70 -3.18 -9.76 -5.43
N ALA A 71 -3.85 -8.86 -4.68
CA ALA A 71 -3.46 -7.43 -4.58
C ALA A 71 -2.06 -7.31 -3.94
N PHE A 72 -1.82 -8.17 -2.93
CA PHE A 72 -0.52 -8.33 -2.25
C PHE A 72 0.60 -8.62 -3.28
N ASP A 73 0.37 -9.65 -4.12
CA ASP A 73 1.36 -10.11 -5.12
C ASP A 73 1.77 -8.98 -6.08
N PHE A 74 0.77 -8.15 -6.49
CA PHE A 74 1.03 -7.00 -7.38
C PHE A 74 1.93 -5.96 -6.71
N ILE A 75 1.48 -5.45 -5.54
CA ILE A 75 2.14 -4.34 -4.82
C ILE A 75 3.59 -4.72 -4.45
N LEU A 76 3.74 -5.93 -3.91
CA LEU A 76 5.02 -6.42 -3.37
C LEU A 76 6.02 -6.77 -4.47
N ASP A 77 5.52 -7.23 -5.63
CA ASP A 77 6.39 -7.52 -6.78
C ASP A 77 7.02 -6.21 -7.28
N ASN A 78 6.16 -5.19 -7.53
CA ASN A 78 6.61 -3.88 -8.08
C ASN A 78 7.63 -3.19 -7.16
N VAL A 79 7.34 -3.13 -5.84
CA VAL A 79 8.21 -2.42 -4.88
C VAL A 79 9.60 -3.09 -4.77
N GLN A 80 9.63 -4.44 -4.68
CA GLN A 80 10.89 -5.19 -4.50
C GLN A 80 11.71 -5.23 -5.80
N VAL A 81 11.04 -5.15 -6.97
CA VAL A 81 11.70 -5.06 -8.30
C VAL A 81 12.43 -3.70 -8.44
N VAL A 82 11.74 -2.61 -8.07
CA VAL A 82 12.32 -1.25 -8.14
C VAL A 82 13.45 -1.10 -7.09
N LEU A 83 13.25 -1.64 -5.88
CA LEU A 83 14.25 -1.53 -4.78
C LEU A 83 15.51 -2.37 -5.11
N GLN A 84 15.29 -3.45 -5.89
CA GLN A 84 16.36 -4.30 -6.44
C GLN A 84 17.28 -3.46 -7.36
N GLN A 85 16.65 -2.83 -8.37
CA GLN A 85 17.37 -2.14 -9.45
C GLN A 85 17.91 -0.76 -9.01
N THR A 86 17.23 -0.13 -8.05
CA THR A 86 17.57 1.22 -7.57
C THR A 86 18.59 1.15 -6.43
N TYR A 87 18.27 0.36 -5.39
CA TYR A 87 19.03 0.33 -4.13
C TYR A 87 20.11 -0.78 -4.13
N GLY A 88 19.90 -1.83 -4.95
CA GLY A 88 20.87 -2.93 -5.06
C GLY A 88 20.64 -4.00 -4.00
N SER A 89 19.41 -4.05 -3.46
CA SER A 89 18.99 -5.01 -2.43
C SER A 89 17.49 -5.29 -2.56
N THR A 90 17.00 -6.27 -1.79
CA THR A 90 15.56 -6.54 -1.63
C THR A 90 15.27 -6.82 -0.16
N LEU A 91 14.48 -5.94 0.48
CA LEU A 91 13.99 -6.17 1.86
C LEU A 91 13.03 -7.38 1.86
N LYS A 92 13.19 -8.28 2.83
CA LYS A 92 12.20 -9.33 3.08
C LYS A 92 11.24 -8.81 4.16
N VAL A 93 9.95 -8.82 3.81
CA VAL A 93 8.87 -8.14 4.56
C VAL A 93 8.73 -8.68 6.00
N THR A 94 8.87 -10.02 6.13
CA THR A 94 8.82 -10.73 7.43
C THR A 94 7.46 -10.57 8.11
N LYS B 1 -13.04 4.85 -15.75
CA LYS B 1 -14.49 4.79 -15.95
C LYS B 1 -15.16 4.09 -14.75
N GLY B 2 -14.75 2.83 -14.49
CA GLY B 2 -15.25 2.05 -13.36
C GLY B 2 -14.45 2.31 -12.09
N ASN B 3 -15.17 2.47 -10.96
CA ASN B 3 -14.61 2.64 -9.60
C ASN B 3 -13.97 4.05 -9.35
N MET B 4 -13.56 4.77 -10.42
CA MET B 4 -12.72 5.99 -10.30
C MET B 4 -13.48 7.20 -9.70
N MET B 5 -14.81 7.08 -9.52
CA MET B 5 -15.63 8.08 -8.79
C MET B 5 -15.74 7.74 -7.29
N SER B 6 -14.95 6.74 -6.84
CA SER B 6 -14.86 6.31 -5.43
C SER B 6 -13.40 5.99 -5.09
N ASN B 7 -12.94 6.46 -3.93
CA ASN B 7 -11.53 6.50 -3.52
C ASN B 7 -11.50 6.45 -1.98
N PHE B 8 -10.91 5.40 -1.40
CA PHE B 8 -10.87 5.21 0.07
C PHE B 8 -9.65 5.98 0.62
N PHE B 9 -8.52 5.75 -0.05
CA PHE B 9 -7.26 6.48 0.17
C PHE B 9 -7.27 7.78 -0.63
N GLY B 10 -7.56 7.63 -1.94
CA GLY B 10 -7.47 8.72 -2.92
C GLY B 10 -8.28 9.98 -2.59
N LYS B 11 -9.34 9.82 -1.80
CA LYS B 11 -10.18 10.96 -1.33
C LYS B 11 -9.36 11.85 -0.38
N ALA B 12 -8.59 11.19 0.49
CA ALA B 12 -7.73 11.87 1.47
C ALA B 12 -6.27 11.91 1.01
N ALA B 13 -5.99 11.49 -0.25
CA ALA B 13 -4.62 11.45 -0.80
C ALA B 13 -4.01 12.85 -0.90
N MET B 14 -3.04 13.12 0.00
CA MET B 14 -2.41 14.44 0.17
C MET B 14 -3.49 15.48 0.53
N ASN B 15 -4.27 15.14 1.59
CA ASN B 15 -5.50 15.86 1.99
C ASN B 15 -5.21 17.32 2.39
N LYS B 16 -5.85 18.26 1.68
CA LYS B 16 -5.78 19.69 1.96
C LYS B 16 -7.16 20.14 2.52
N ASN A 1 2.19 10.09 -0.92
CA ASN A 1 1.15 10.35 0.10
C ASN A 1 0.00 9.33 0.02
N LEU A 2 -0.21 8.53 1.10
CA LEU A 2 -1.40 7.66 1.19
C LEU A 2 -2.58 8.54 1.58
N ALA A 3 -3.38 8.92 0.56
CA ALA A 3 -4.73 9.45 0.75
C ALA A 3 -4.80 10.58 1.80
N GLY A 4 -4.10 11.68 1.52
CA GLY A 4 -4.19 12.93 2.28
C GLY A 4 -2.90 13.34 2.97
N ALA A 5 -2.00 12.37 3.26
CA ALA A 5 -0.74 12.64 3.99
C ALA A 5 0.31 11.54 3.78
N VAL A 6 1.57 11.88 4.13
CA VAL A 6 2.70 10.93 4.22
C VAL A 6 2.74 10.35 5.65
N GLU A 7 1.99 11.02 6.56
CA GLU A 7 2.06 10.82 8.01
C GLU A 7 1.58 9.41 8.36
N PHE A 8 2.39 8.68 9.13
CA PHE A 8 2.20 7.26 9.40
C PHE A 8 0.88 6.97 10.13
N ASN A 9 0.31 7.97 10.86
CA ASN A 9 -0.98 7.77 11.55
C ASN A 9 -2.10 7.66 10.54
N ASP A 10 -2.03 8.54 9.51
CA ASP A 10 -3.02 8.56 8.40
C ASP A 10 -2.92 7.27 7.59
N VAL A 11 -1.69 6.99 7.16
CA VAL A 11 -1.28 5.76 6.45
C VAL A 11 -1.79 4.48 7.16
N LYS A 12 -1.54 4.41 8.47
CA LYS A 12 -1.92 3.28 9.35
C LYS A 12 -3.44 3.14 9.43
N THR A 13 -4.13 4.29 9.65
CA THR A 13 -5.60 4.32 9.80
C THR A 13 -6.31 3.88 8.50
N LEU A 14 -5.72 4.24 7.36
CA LEU A 14 -6.22 3.86 6.04
C LEU A 14 -6.01 2.36 5.80
N LEU A 15 -4.72 1.93 5.77
CA LEU A 15 -4.30 0.51 5.52
C LEU A 15 -5.06 -0.52 6.37
N ARG A 16 -5.26 -0.19 7.66
CA ARG A 16 -5.91 -1.12 8.63
C ARG A 16 -7.32 -1.50 8.16
N GLU A 17 -8.16 -0.45 8.00
CA GLU A 17 -9.52 -0.61 7.52
C GLU A 17 -9.46 -1.23 6.13
N TRP A 18 -8.65 -0.62 5.25
CA TRP A 18 -8.62 -0.87 3.79
C TRP A 18 -8.69 -2.37 3.49
N ILE A 19 -7.81 -3.11 4.15
CA ILE A 19 -7.74 -4.57 4.02
C ILE A 19 -9.00 -5.27 4.64
N THR A 20 -9.38 -4.91 5.89
CA THR A 20 -10.45 -5.67 6.64
C THR A 20 -11.87 -5.03 6.56
N THR A 21 -12.00 -3.93 5.83
CA THR A 21 -13.23 -3.13 5.66
C THR A 21 -13.72 -3.26 4.20
N ILE A 22 -12.78 -3.03 3.25
CA ILE A 22 -13.13 -2.97 1.82
C ILE A 22 -13.21 -4.41 1.26
N SER A 23 -14.44 -4.82 0.95
CA SER A 23 -14.73 -6.16 0.43
C SER A 23 -14.44 -6.26 -1.08
N ASP A 24 -14.34 -5.09 -1.75
CA ASP A 24 -14.03 -4.99 -3.19
C ASP A 24 -12.95 -3.91 -3.43
N PRO A 25 -11.64 -4.31 -3.57
CA PRO A 25 -10.53 -3.36 -3.82
C PRO A 25 -10.57 -2.80 -5.26
N MET A 26 -10.29 -1.51 -5.42
CA MET A 26 -10.38 -0.81 -6.71
C MET A 26 -8.99 -0.45 -7.23
N GLU A 27 -8.89 -0.25 -8.57
CA GLU A 27 -7.63 -0.02 -9.28
C GLU A 27 -6.81 1.12 -8.67
N GLU A 28 -7.49 2.23 -8.33
CA GLU A 28 -6.83 3.48 -7.89
C GLU A 28 -6.16 3.32 -6.51
N ASP A 29 -6.79 2.54 -5.59
CA ASP A 29 -6.24 2.34 -4.21
C ASP A 29 -5.12 1.27 -4.17
N ILE A 30 -5.14 0.31 -5.10
CA ILE A 30 -4.05 -0.70 -5.20
C ILE A 30 -2.86 -0.03 -5.91
N LEU A 31 -3.19 0.93 -6.79
CA LEU A 31 -2.22 1.82 -7.42
C LEU A 31 -1.67 2.83 -6.39
N GLN A 32 -2.52 3.23 -5.43
CA GLN A 32 -2.18 4.18 -4.34
C GLN A 32 -1.00 3.65 -3.51
N VAL A 33 -1.03 2.35 -3.16
CA VAL A 33 0.07 1.70 -2.42
C VAL A 33 1.32 1.46 -3.31
N VAL A 34 1.13 0.91 -4.53
CA VAL A 34 2.26 0.59 -5.46
C VAL A 34 3.06 1.87 -5.79
N LYS A 35 2.33 2.90 -6.21
CA LYS A 35 2.88 4.20 -6.62
C LYS A 35 3.64 4.87 -5.45
N TYR A 36 2.98 4.93 -4.26
CA TYR A 36 3.58 5.55 -3.06
C TYR A 36 4.93 4.90 -2.72
N CYS A 37 4.94 3.56 -2.72
CA CYS A 37 6.07 2.77 -2.25
C CYS A 37 7.31 2.95 -3.14
N THR A 38 7.09 2.99 -4.48
CA THR A 38 8.16 3.20 -5.47
C THR A 38 8.68 4.67 -5.41
N ASP A 39 7.71 5.63 -5.24
CA ASP A 39 8.03 7.06 -5.01
C ASP A 39 8.92 7.18 -3.78
N LEU A 40 8.55 6.42 -2.75
CA LEU A 40 9.17 6.50 -1.42
C LEU A 40 10.65 6.09 -1.46
N ILE A 41 10.96 5.12 -2.34
CA ILE A 41 12.34 4.70 -2.61
C ILE A 41 13.14 5.86 -3.25
N GLU A 42 12.52 6.58 -4.23
CA GLU A 42 13.19 7.74 -4.88
C GLU A 42 13.15 9.00 -3.99
N GLU A 43 12.33 8.96 -2.92
CA GLU A 43 12.29 10.01 -1.88
C GLU A 43 13.33 9.73 -0.77
N LYS A 44 13.96 8.53 -0.83
CA LYS A 44 14.93 8.02 0.18
C LYS A 44 14.28 7.90 1.59
N ASP A 45 12.94 7.91 1.62
CA ASP A 45 12.14 7.94 2.86
C ASP A 45 11.48 6.55 3.08
N LEU A 46 12.25 5.49 2.70
CA LEU A 46 11.80 4.08 2.73
C LEU A 46 11.63 3.54 4.17
N GLU A 47 11.75 4.45 5.15
CA GLU A 47 11.35 4.23 6.55
C GLU A 47 9.92 3.68 6.62
N LYS A 48 8.97 4.38 5.95
CA LYS A 48 7.57 3.95 5.87
C LYS A 48 7.47 2.64 5.10
N LEU A 49 8.28 2.48 4.03
CA LEU A 49 8.23 1.28 3.12
C LEU A 49 8.31 -0.02 3.92
N ASP A 50 9.11 0.02 4.99
CA ASP A 50 9.20 -1.09 5.96
C ASP A 50 7.81 -1.40 6.56
N LEU A 51 7.24 -0.43 7.28
CA LEU A 51 5.98 -0.62 8.03
C LEU A 51 4.75 -0.81 7.11
N VAL A 52 4.61 0.06 6.10
CA VAL A 52 3.53 0.04 5.09
C VAL A 52 3.39 -1.35 4.42
N ILE A 53 4.54 -1.92 3.99
CA ILE A 53 4.59 -3.27 3.39
C ILE A 53 4.29 -4.33 4.47
N LYS A 54 4.82 -4.15 5.69
CA LYS A 54 4.55 -5.06 6.84
C LYS A 54 3.07 -5.03 7.25
N TYR A 55 2.39 -3.91 7.00
CA TYR A 55 0.96 -3.74 7.27
C TYR A 55 0.13 -4.53 6.29
N MET A 56 0.31 -4.23 4.98
CA MET A 56 -0.40 -4.94 3.91
C MET A 56 -0.18 -6.47 4.01
N LYS A 57 1.08 -6.93 4.19
CA LYS A 57 1.35 -8.38 4.27
C LYS A 57 0.72 -9.02 5.52
N ARG A 58 0.66 -8.26 6.65
CA ARG A 58 0.21 -8.83 7.93
C ARG A 58 -1.27 -9.17 7.87
N LEU A 59 -2.12 -8.17 7.54
CA LEU A 59 -3.58 -8.33 7.55
C LEU A 59 -4.10 -9.17 6.35
N MET A 60 -3.38 -9.15 5.20
CA MET A 60 -3.79 -9.89 3.99
C MET A 60 -3.48 -11.39 4.14
N GLN A 61 -2.24 -11.71 4.55
CA GLN A 61 -1.80 -13.12 4.77
C GLN A 61 -2.41 -13.69 6.07
N GLN A 62 -2.89 -12.79 6.94
CA GLN A 62 -3.72 -13.11 8.12
C GLN A 62 -5.12 -13.55 7.66
N SER A 63 -5.65 -12.85 6.63
CA SER A 63 -6.95 -13.15 6.03
C SER A 63 -6.88 -14.48 5.23
N VAL A 64 -5.67 -14.75 4.65
CA VAL A 64 -5.29 -16.02 4.00
C VAL A 64 -5.95 -16.21 2.61
N GLU A 65 -7.28 -16.30 2.60
CA GLU A 65 -8.07 -16.57 1.37
C GLU A 65 -8.85 -15.31 0.95
N SER A 66 -8.18 -14.42 0.18
CA SER A 66 -8.79 -13.17 -0.31
C SER A 66 -8.07 -12.71 -1.59
N VAL A 67 -8.76 -11.88 -2.39
CA VAL A 67 -8.15 -11.18 -3.56
C VAL A 67 -7.03 -10.23 -3.10
N TRP A 68 -7.12 -9.82 -1.81
CA TRP A 68 -6.10 -9.03 -1.10
C TRP A 68 -4.71 -9.69 -1.13
N ASN A 69 -4.68 -11.03 -1.12
CA ASN A 69 -3.42 -11.82 -1.14
C ASN A 69 -2.78 -11.81 -2.54
N MET A 70 -3.63 -11.87 -3.58
CA MET A 70 -3.19 -11.79 -4.99
C MET A 70 -2.78 -10.34 -5.33
N ALA A 71 -3.47 -9.38 -4.69
CA ALA A 71 -3.17 -7.95 -4.84
C ALA A 71 -1.82 -7.65 -4.20
N PHE A 72 -1.60 -8.23 -2.99
CA PHE A 72 -0.31 -8.14 -2.26
C PHE A 72 0.86 -8.67 -3.10
N ASP A 73 0.63 -9.82 -3.77
CA ASP A 73 1.61 -10.45 -4.67
C ASP A 73 2.06 -9.44 -5.75
N PHE A 74 1.07 -8.73 -6.32
CA PHE A 74 1.29 -7.66 -7.31
C PHE A 74 2.08 -6.48 -6.70
N ILE A 75 1.57 -5.94 -5.58
CA ILE A 75 2.11 -4.71 -4.93
C ILE A 75 3.60 -4.86 -4.58
N LEU A 76 3.89 -5.93 -3.80
CA LEU A 76 5.24 -6.22 -3.32
C LEU A 76 6.18 -6.51 -4.50
N ASP A 77 5.68 -7.21 -5.55
CA ASP A 77 6.50 -7.53 -6.73
C ASP A 77 7.05 -6.25 -7.41
N ASN A 78 6.15 -5.30 -7.71
CA ASN A 78 6.49 -4.05 -8.42
C ASN A 78 7.51 -3.21 -7.63
N VAL A 79 7.27 -3.04 -6.31
CA VAL A 79 8.12 -2.19 -5.46
C VAL A 79 9.50 -2.86 -5.19
N GLN A 80 9.52 -4.20 -5.09
CA GLN A 80 10.74 -4.99 -4.79
C GLN A 80 11.70 -4.94 -6.00
N VAL A 81 11.10 -4.97 -7.20
CA VAL A 81 11.82 -4.86 -8.49
C VAL A 81 12.40 -3.44 -8.68
N VAL A 82 11.60 -2.41 -8.38
CA VAL A 82 12.05 -1.00 -8.41
C VAL A 82 13.23 -0.80 -7.43
N LEU A 83 13.07 -1.37 -6.24
CA LEU A 83 14.05 -1.30 -5.14
C LEU A 83 15.41 -1.89 -5.56
N GLN A 84 15.37 -3.03 -6.28
CA GLN A 84 16.60 -3.74 -6.69
C GLN A 84 17.35 -2.95 -7.79
N GLN A 85 16.59 -2.26 -8.67
CA GLN A 85 17.16 -1.50 -9.81
C GLN A 85 17.83 -0.19 -9.35
N THR A 86 17.12 0.62 -8.54
CA THR A 86 17.60 1.97 -8.13
C THR A 86 18.53 1.89 -6.90
N TYR A 87 18.12 1.14 -5.88
CA TYR A 87 18.79 1.11 -4.58
C TYR A 87 19.98 0.13 -4.63
N GLY A 88 19.92 -0.83 -5.56
CA GLY A 88 20.97 -1.84 -5.75
C GLY A 88 20.91 -2.95 -4.70
N SER A 89 19.85 -2.93 -3.88
CA SER A 89 19.66 -3.88 -2.78
C SER A 89 18.15 -4.08 -2.54
N THR A 90 17.82 -5.13 -1.77
CA THR A 90 16.43 -5.51 -1.47
C THR A 90 16.30 -5.91 0.01
N LEU A 91 15.34 -5.29 0.72
CA LEU A 91 14.99 -5.68 2.10
C LEU A 91 14.13 -6.96 2.10
N LYS A 92 14.33 -7.85 3.09
CA LYS A 92 13.48 -9.03 3.28
C LYS A 92 12.44 -8.71 4.36
N VAL A 93 11.15 -8.75 3.98
CA VAL A 93 10.02 -8.42 4.86
C VAL A 93 9.87 -9.50 5.93
N THR A 94 9.90 -10.78 5.49
CA THR A 94 9.84 -11.95 6.38
C THR A 94 11.20 -12.22 7.03
N LYS B 1 -22.45 -3.23 -7.56
CA LYS B 1 -22.62 -3.49 -8.98
C LYS B 1 -21.28 -3.38 -9.73
N GLY B 2 -20.35 -2.60 -9.17
CA GLY B 2 -19.03 -2.41 -9.77
C GLY B 2 -18.13 -1.57 -8.89
N ASN B 3 -17.15 -0.88 -9.52
CA ASN B 3 -16.21 0.00 -8.81
C ASN B 3 -16.92 1.29 -8.37
N MET B 4 -16.89 1.57 -7.06
CA MET B 4 -17.47 2.78 -6.48
C MET B 4 -16.54 3.96 -6.79
N MET B 5 -17.01 4.91 -7.62
CA MET B 5 -16.20 6.03 -8.11
C MET B 5 -16.09 7.13 -7.02
N SER B 6 -15.36 6.75 -5.96
CA SER B 6 -15.15 7.51 -4.72
C SER B 6 -14.31 6.63 -3.77
N ASN B 7 -13.04 6.37 -4.18
CA ASN B 7 -12.06 5.55 -3.40
C ASN B 7 -12.05 5.88 -1.91
N PHE B 8 -12.15 4.81 -1.10
CA PHE B 8 -11.91 4.87 0.35
C PHE B 8 -10.48 5.39 0.62
N PHE B 9 -9.52 4.90 -0.19
CA PHE B 9 -8.12 5.31 -0.10
C PHE B 9 -7.93 6.63 -0.89
N GLY B 10 -7.30 6.56 -2.11
CA GLY B 10 -6.95 7.74 -2.92
C GLY B 10 -8.15 8.56 -3.42
N LYS B 11 -8.74 9.36 -2.49
CA LYS B 11 -9.90 10.25 -2.69
C LYS B 11 -10.26 10.84 -1.32
N ALA B 12 -10.26 9.99 -0.28
CA ALA B 12 -10.46 10.41 1.11
C ALA B 12 -9.16 11.09 1.62
N ALA B 13 -9.13 12.42 1.50
CA ALA B 13 -7.96 13.23 1.90
C ALA B 13 -7.88 13.35 3.43
N MET B 14 -7.06 12.46 4.04
CA MET B 14 -6.62 12.50 5.45
C MET B 14 -7.72 11.98 6.40
N ASN B 15 -7.31 11.22 7.44
CA ASN B 15 -8.23 10.55 8.38
C ASN B 15 -7.53 10.28 9.72
N LYS B 16 -8.13 10.79 10.81
CA LYS B 16 -7.61 10.59 12.17
C LYS B 16 -8.44 9.49 12.86
N ASN A 1 4.41 10.99 -0.38
CA ASN A 1 3.47 10.96 0.75
C ASN A 1 2.64 9.66 0.63
N LEU A 2 1.75 9.44 1.59
CA LEU A 2 0.65 8.47 1.43
C LEU A 2 -0.60 9.27 1.04
N ALA A 3 -1.80 8.91 1.51
CA ALA A 3 -3.03 9.59 1.08
C ALA A 3 -3.12 11.01 1.68
N GLY A 4 -2.44 11.97 1.02
CA GLY A 4 -2.55 13.38 1.37
C GLY A 4 -1.77 13.77 2.62
N ALA A 5 -0.94 12.83 3.12
CA ALA A 5 -0.13 13.01 4.35
C ALA A 5 0.87 11.85 4.47
N VAL A 6 2.03 12.15 5.10
CA VAL A 6 3.10 11.17 5.36
C VAL A 6 2.96 10.60 6.81
N GLU A 7 2.01 11.19 7.58
CA GLU A 7 1.77 10.84 9.00
C GLU A 7 1.42 9.34 9.13
N PHE A 8 2.30 8.53 9.71
CA PHE A 8 2.13 7.06 9.75
C PHE A 8 0.84 6.64 10.50
N ASN A 9 0.32 7.49 11.40
CA ASN A 9 -0.96 7.21 12.08
C ASN A 9 -2.09 7.23 11.05
N ASP A 10 -2.01 8.23 10.14
CA ASP A 10 -2.98 8.45 9.07
C ASP A 10 -2.92 7.29 8.05
N VAL A 11 -1.69 6.96 7.65
CA VAL A 11 -1.34 5.81 6.79
C VAL A 11 -1.97 4.49 7.31
N LYS A 12 -1.66 4.23 8.59
CA LYS A 12 -2.12 3.04 9.34
C LYS A 12 -3.65 3.03 9.45
N THR A 13 -4.24 4.23 9.68
CA THR A 13 -5.71 4.42 9.76
C THR A 13 -6.39 3.95 8.46
N LEU A 14 -5.77 4.23 7.29
CA LEU A 14 -6.35 3.78 6.02
C LEU A 14 -6.19 2.26 5.89
N LEU A 15 -4.91 1.80 5.90
CA LEU A 15 -4.52 0.39 5.62
C LEU A 15 -5.34 -0.62 6.43
N ARG A 16 -5.58 -0.33 7.72
CA ARG A 16 -6.20 -1.29 8.66
C ARG A 16 -7.65 -1.66 8.22
N GLU A 17 -8.54 -0.65 8.12
CA GLU A 17 -9.93 -0.89 7.65
C GLU A 17 -9.90 -1.25 6.17
N TRP A 18 -9.15 -0.50 5.37
CA TRP A 18 -9.06 -0.67 3.90
C TRP A 18 -8.89 -2.15 3.49
N ILE A 19 -7.98 -2.84 4.17
CA ILE A 19 -7.70 -4.26 3.90
C ILE A 19 -8.78 -5.22 4.48
N THR A 20 -9.26 -4.93 5.71
CA THR A 20 -10.23 -5.83 6.41
C THR A 20 -11.71 -5.59 5.98
N THR A 21 -11.99 -4.40 5.42
CA THR A 21 -13.35 -3.88 5.22
C THR A 21 -13.74 -3.92 3.73
N ILE A 22 -12.85 -3.37 2.86
CA ILE A 22 -13.18 -3.23 1.42
C ILE A 22 -12.94 -4.61 0.75
N SER A 23 -13.93 -5.51 0.92
CA SER A 23 -13.85 -6.91 0.44
C SER A 23 -13.76 -7.00 -1.09
N ASP A 24 -14.05 -5.88 -1.77
CA ASP A 24 -13.71 -5.67 -3.18
C ASP A 24 -12.61 -4.59 -3.26
N PRO A 25 -11.29 -4.97 -3.12
CA PRO A 25 -10.15 -4.04 -3.25
C PRO A 25 -10.09 -3.40 -4.63
N MET A 26 -10.73 -2.23 -4.76
CA MET A 26 -10.74 -1.46 -5.99
C MET A 26 -9.31 -0.97 -6.33
N GLU A 27 -8.99 -1.08 -7.62
CA GLU A 27 -7.63 -0.91 -8.17
C GLU A 27 -7.06 0.47 -7.87
N GLU A 28 -7.94 1.47 -7.77
CA GLU A 28 -7.58 2.87 -7.51
C GLU A 28 -6.60 3.02 -6.34
N ASP A 29 -6.97 2.41 -5.21
CA ASP A 29 -6.22 2.53 -3.96
C ASP A 29 -5.01 1.57 -3.90
N ILE A 30 -5.07 0.46 -4.66
CA ILE A 30 -3.92 -0.46 -4.79
C ILE A 30 -2.80 0.22 -5.60
N LEU A 31 -3.17 0.86 -6.71
CA LEU A 31 -2.25 1.67 -7.56
C LEU A 31 -1.71 2.85 -6.75
N GLN A 32 -2.60 3.38 -5.90
CA GLN A 32 -2.34 4.53 -5.01
C GLN A 32 -1.11 4.25 -4.14
N VAL A 33 -1.18 3.14 -3.38
CA VAL A 33 -0.15 2.73 -2.42
C VAL A 33 1.14 2.22 -3.12
N VAL A 34 0.99 1.56 -4.29
CA VAL A 34 2.15 1.06 -5.09
C VAL A 34 2.98 2.24 -5.64
N LYS A 35 2.27 3.29 -6.09
CA LYS A 35 2.90 4.52 -6.61
C LYS A 35 3.74 5.13 -5.49
N TYR A 36 3.14 5.25 -4.30
CA TYR A 36 3.80 5.80 -3.12
C TYR A 36 5.06 5.01 -2.77
N CYS A 37 4.92 3.68 -2.65
CA CYS A 37 6.00 2.78 -2.20
C CYS A 37 7.22 2.82 -3.14
N THR A 38 6.99 2.81 -4.46
CA THR A 38 8.07 2.92 -5.47
C THR A 38 8.72 4.33 -5.43
N ASP A 39 7.86 5.33 -5.15
CA ASP A 39 8.30 6.73 -5.03
C ASP A 39 9.09 6.95 -3.71
N LEU A 40 8.77 6.15 -2.68
CA LEU A 40 9.48 6.16 -1.38
C LEU A 40 10.91 5.64 -1.55
N ILE A 41 11.08 4.67 -2.47
CA ILE A 41 12.40 4.14 -2.87
C ILE A 41 13.27 5.25 -3.48
N GLU A 42 12.71 5.98 -4.48
CA GLU A 42 13.47 7.01 -5.22
C GLU A 42 13.68 8.28 -4.38
N GLU A 43 12.84 8.46 -3.34
CA GLU A 43 12.95 9.61 -2.40
C GLU A 43 13.73 9.24 -1.12
N LYS A 44 14.35 8.04 -1.13
CA LYS A 44 15.30 7.55 -0.10
C LYS A 44 14.58 7.32 1.26
N ASP A 45 13.24 7.29 1.21
CA ASP A 45 12.38 7.11 2.39
C ASP A 45 11.88 5.66 2.41
N LEU A 46 12.81 4.72 2.61
CA LEU A 46 12.49 3.32 2.84
C LEU A 46 11.97 3.07 4.27
N GLU A 47 11.84 4.15 5.09
CA GLU A 47 11.19 4.07 6.39
C GLU A 47 9.69 3.83 6.21
N LYS A 48 9.05 4.66 5.36
CA LYS A 48 7.63 4.53 5.03
C LYS A 48 7.38 3.32 4.12
N LEU A 49 8.37 2.95 3.29
CA LEU A 49 8.36 1.65 2.57
C LEU A 49 8.20 0.53 3.61
N ASP A 50 9.06 0.55 4.62
CA ASP A 50 9.09 -0.46 5.70
C ASP A 50 7.73 -0.50 6.43
N LEU A 51 7.26 0.68 6.85
CA LEU A 51 6.02 0.84 7.63
C LEU A 51 4.76 0.36 6.86
N VAL A 52 4.55 0.97 5.67
CA VAL A 52 3.38 0.72 4.79
C VAL A 52 3.31 -0.76 4.35
N ILE A 53 4.43 -1.23 3.78
CA ILE A 53 4.54 -2.57 3.18
C ILE A 53 4.36 -3.69 4.21
N LYS A 54 5.02 -3.59 5.37
CA LYS A 54 4.97 -4.63 6.41
C LYS A 54 3.58 -4.71 7.07
N TYR A 55 2.91 -3.55 7.15
CA TYR A 55 1.55 -3.46 7.72
C TYR A 55 0.59 -4.22 6.80
N MET A 56 0.57 -3.81 5.52
CA MET A 56 -0.30 -4.41 4.50
C MET A 56 0.09 -5.87 4.17
N LYS A 57 1.38 -6.22 4.35
CA LYS A 57 1.88 -7.60 4.11
C LYS A 57 1.15 -8.58 5.04
N ARG A 58 1.17 -8.26 6.34
CA ARG A 58 0.55 -9.06 7.40
C ARG A 58 -0.96 -9.18 7.20
N LEU A 59 -1.59 -8.06 6.82
CA LEU A 59 -3.06 -7.96 6.71
C LEU A 59 -3.59 -8.69 5.43
N MET A 60 -2.91 -8.46 4.29
CA MET A 60 -3.18 -9.14 3.00
C MET A 60 -3.03 -10.68 3.13
N GLN A 61 -2.14 -11.14 4.02
CA GLN A 61 -1.95 -12.58 4.27
C GLN A 61 -2.85 -13.11 5.41
N GLN A 62 -3.36 -12.21 6.28
CA GLN A 62 -4.26 -12.64 7.40
C GLN A 62 -5.63 -13.03 6.81
N SER A 63 -6.00 -12.42 5.66
CA SER A 63 -7.14 -12.86 4.84
C SER A 63 -6.83 -14.26 4.24
N VAL A 64 -7.79 -15.19 4.38
CA VAL A 64 -7.61 -16.64 4.12
C VAL A 64 -7.20 -16.93 2.66
N GLU A 65 -8.09 -16.60 1.72
CA GLU A 65 -7.88 -16.86 0.27
C GLU A 65 -8.37 -15.68 -0.58
N SER A 66 -8.64 -14.54 0.10
CA SER A 66 -9.19 -13.32 -0.53
C SER A 66 -8.28 -12.80 -1.67
N VAL A 67 -8.86 -11.98 -2.55
CA VAL A 67 -8.12 -11.26 -3.62
C VAL A 67 -7.12 -10.23 -3.05
N TRP A 68 -7.22 -9.95 -1.74
CA TRP A 68 -6.18 -9.23 -0.98
C TRP A 68 -4.83 -10.00 -1.01
N ASN A 69 -4.89 -11.34 -1.09
CA ASN A 69 -3.69 -12.19 -1.26
C ASN A 69 -3.02 -11.90 -2.65
N MET A 70 -3.86 -11.61 -3.64
CA MET A 70 -3.40 -11.19 -4.99
C MET A 70 -2.83 -9.77 -4.95
N ALA A 71 -3.46 -8.90 -4.14
CA ALA A 71 -3.00 -7.52 -3.92
C ALA A 71 -1.61 -7.53 -3.23
N PHE A 72 -1.42 -8.53 -2.35
CA PHE A 72 -0.12 -8.82 -1.70
C PHE A 72 0.97 -9.03 -2.75
N ASP A 73 0.71 -9.97 -3.69
CA ASP A 73 1.65 -10.27 -4.80
C ASP A 73 1.99 -9.01 -5.60
N PHE A 74 0.97 -8.22 -5.96
CA PHE A 74 1.13 -7.05 -6.83
C PHE A 74 2.00 -5.97 -6.16
N ILE A 75 1.56 -5.52 -4.97
CA ILE A 75 2.19 -4.39 -4.26
C ILE A 75 3.62 -4.74 -3.84
N LEU A 76 3.79 -5.94 -3.23
CA LEU A 76 5.08 -6.39 -2.70
C LEU A 76 6.08 -6.63 -3.84
N ASP A 77 5.61 -7.20 -4.97
CA ASP A 77 6.47 -7.43 -6.16
C ASP A 77 7.02 -6.09 -6.67
N ASN A 78 6.11 -5.18 -7.03
CA ASN A 78 6.46 -3.88 -7.65
C ASN A 78 7.45 -3.07 -6.79
N VAL A 79 7.22 -3.01 -5.46
CA VAL A 79 8.08 -2.23 -4.55
C VAL A 79 9.47 -2.91 -4.40
N GLN A 80 9.49 -4.25 -4.30
CA GLN A 80 10.74 -5.01 -4.08
C GLN A 80 11.61 -5.05 -5.35
N VAL A 81 10.96 -5.06 -6.53
CA VAL A 81 11.63 -5.06 -7.83
C VAL A 81 12.32 -3.70 -8.08
N VAL A 82 11.60 -2.60 -7.82
CA VAL A 82 12.16 -1.24 -7.95
C VAL A 82 13.27 -0.99 -6.88
N LEU A 83 13.09 -1.57 -5.67
CA LEU A 83 14.06 -1.45 -4.56
C LEU A 83 15.37 -2.19 -4.86
N GLN A 84 15.29 -3.40 -5.44
CA GLN A 84 16.50 -4.18 -5.78
C GLN A 84 17.27 -3.56 -6.96
N GLN A 85 16.54 -2.87 -7.87
CA GLN A 85 17.14 -2.14 -9.00
C GLN A 85 17.87 -0.86 -8.50
N THR A 86 17.20 -0.12 -7.61
CA THR A 86 17.69 1.19 -7.09
C THR A 86 18.80 0.98 -6.04
N TYR A 87 18.45 0.30 -4.95
CA TYR A 87 19.31 0.13 -3.76
C TYR A 87 20.39 -0.94 -3.99
N GLY A 88 20.09 -1.90 -4.89
CA GLY A 88 20.94 -3.09 -5.07
C GLY A 88 20.61 -4.18 -4.06
N SER A 89 19.52 -3.98 -3.29
CA SER A 89 19.07 -4.89 -2.23
C SER A 89 17.55 -4.84 -2.09
N THR A 90 16.96 -6.02 -1.85
CA THR A 90 15.53 -6.21 -1.57
C THR A 90 15.34 -6.34 -0.04
N LEU A 91 14.09 -6.25 0.46
CA LEU A 91 13.77 -6.51 1.88
C LEU A 91 13.03 -7.86 2.00
N LYS A 92 13.29 -8.58 3.10
CA LYS A 92 12.49 -9.75 3.51
C LYS A 92 11.79 -9.39 4.83
N VAL A 93 10.45 -9.36 4.80
CA VAL A 93 9.64 -9.15 6.00
C VAL A 93 9.61 -10.47 6.80
N THR A 94 9.39 -11.58 6.07
CA THR A 94 9.53 -12.97 6.57
C THR A 94 9.99 -13.87 5.42
N LYS B 1 -11.35 17.54 -4.43
CA LYS B 1 -11.25 16.11 -4.73
C LYS B 1 -12.32 15.31 -3.94
N GLY B 2 -12.73 14.17 -4.50
CA GLY B 2 -13.67 13.25 -3.85
C GLY B 2 -13.63 11.87 -4.47
N ASN B 3 -14.59 11.00 -4.09
CA ASN B 3 -14.63 9.58 -4.53
C ASN B 3 -15.32 9.41 -5.91
N MET B 4 -15.10 10.38 -6.82
CA MET B 4 -15.57 10.29 -8.22
C MET B 4 -14.74 9.26 -9.04
N MET B 5 -13.53 8.94 -8.55
CA MET B 5 -12.70 7.84 -9.12
C MET B 5 -12.99 6.51 -8.38
N SER B 6 -13.77 6.59 -7.28
CA SER B 6 -14.06 5.48 -6.33
C SER B 6 -12.79 5.14 -5.52
N ASN B 7 -12.67 5.72 -4.31
CA ASN B 7 -11.45 5.66 -3.48
C ASN B 7 -11.83 5.58 -2.00
N PHE B 8 -11.07 4.77 -1.24
CA PHE B 8 -11.18 4.69 0.23
C PHE B 8 -9.85 5.17 0.85
N PHE B 9 -8.72 4.75 0.25
CA PHE B 9 -7.39 5.17 0.72
C PHE B 9 -7.22 6.67 0.39
N GLY B 10 -7.24 7.01 -0.91
CA GLY B 10 -7.05 8.40 -1.35
C GLY B 10 -8.31 9.27 -1.26
N LYS B 11 -9.06 9.15 -0.15
CA LYS B 11 -10.34 9.85 0.05
C LYS B 11 -10.62 9.97 1.56
N ALA B 12 -10.49 8.85 2.31
CA ALA B 12 -10.58 8.84 3.79
C ALA B 12 -9.43 9.65 4.42
N ALA B 13 -8.39 9.86 3.61
CA ALA B 13 -7.34 10.85 3.86
C ALA B 13 -6.96 11.52 2.55
N MET B 14 -6.91 12.85 2.58
CA MET B 14 -6.48 13.72 1.46
C MET B 14 -6.21 15.15 2.00
N ASN B 15 -5.86 15.20 3.30
CA ASN B 15 -5.62 16.45 4.05
C ASN B 15 -4.35 16.29 4.90
N LYS B 16 -3.41 17.23 4.72
CA LYS B 16 -2.21 17.32 5.56
C LYS B 16 -2.55 18.26 6.75
N ASN A 1 2.52 10.58 -2.02
CA ASN A 1 1.51 10.72 -0.93
C ASN A 1 0.58 9.51 -0.92
N LEU A 2 0.00 9.24 0.27
CA LEU A 2 -1.15 8.35 0.43
C LEU A 2 -2.45 9.15 0.19
N ALA A 3 -3.44 9.00 1.06
CA ALA A 3 -4.74 9.62 0.89
C ALA A 3 -4.72 11.07 1.41
N GLY A 4 -4.11 11.97 0.61
CA GLY A 4 -4.06 13.41 0.92
C GLY A 4 -2.95 13.78 1.90
N ALA A 5 -2.26 12.78 2.45
CA ALA A 5 -1.23 12.96 3.48
C ALA A 5 -0.16 11.87 3.37
N VAL A 6 0.97 12.09 4.07
CA VAL A 6 2.09 11.13 4.11
C VAL A 6 2.32 10.65 5.56
N GLU A 7 1.42 11.05 6.48
CA GLU A 7 1.57 10.79 7.92
C GLU A 7 1.37 9.29 8.18
N PHE A 8 2.34 8.59 8.81
CA PHE A 8 2.28 7.12 9.01
C PHE A 8 0.97 6.70 9.74
N ASN A 9 0.38 7.63 10.49
CA ASN A 9 -0.88 7.41 11.21
C ASN A 9 -2.07 7.33 10.22
N ASP A 10 -2.05 8.18 9.16
CA ASP A 10 -3.12 8.21 8.15
C ASP A 10 -3.07 6.92 7.32
N VAL A 11 -1.87 6.62 6.82
CA VAL A 11 -1.51 5.38 6.09
C VAL A 11 -2.03 4.15 6.85
N LYS A 12 -1.69 4.12 8.15
CA LYS A 12 -2.07 3.06 9.09
C LYS A 12 -3.59 2.92 9.16
N THR A 13 -4.28 4.07 9.38
CA THR A 13 -5.74 4.13 9.52
C THR A 13 -6.44 3.48 8.32
N LEU A 14 -6.14 3.95 7.09
CA LEU A 14 -6.85 3.47 5.89
C LEU A 14 -6.52 2.00 5.61
N LEU A 15 -5.19 1.66 5.59
CA LEU A 15 -4.69 0.28 5.28
C LEU A 15 -5.41 -0.80 6.12
N ARG A 16 -5.76 -0.46 7.40
CA ARG A 16 -6.40 -1.43 8.31
C ARG A 16 -7.79 -1.86 7.78
N GLU A 17 -8.70 -0.89 7.60
CA GLU A 17 -10.07 -1.13 7.07
C GLU A 17 -10.02 -1.39 5.55
N TRP A 18 -8.94 -0.98 4.88
CA TRP A 18 -8.73 -1.23 3.45
C TRP A 18 -8.82 -2.73 3.20
N ILE A 19 -7.95 -3.44 3.86
CA ILE A 19 -7.81 -4.88 3.69
C ILE A 19 -8.98 -5.67 4.32
N THR A 20 -9.37 -5.27 5.55
CA THR A 20 -10.34 -6.04 6.36
C THR A 20 -11.81 -5.67 6.04
N THR A 21 -12.10 -4.36 5.86
CA THR A 21 -13.47 -3.84 5.59
C THR A 21 -13.83 -3.91 4.09
N ILE A 22 -12.89 -3.55 3.17
CA ILE A 22 -13.21 -3.49 1.72
C ILE A 22 -13.20 -4.92 1.16
N SER A 23 -14.36 -5.35 0.66
CA SER A 23 -14.53 -6.70 0.10
C SER A 23 -13.95 -6.79 -1.33
N ASP A 24 -14.01 -5.65 -2.04
CA ASP A 24 -13.61 -5.55 -3.45
C ASP A 24 -12.67 -4.33 -3.65
N PRO A 25 -11.31 -4.54 -3.65
CA PRO A 25 -10.33 -3.46 -3.95
C PRO A 25 -10.48 -2.89 -5.37
N MET A 26 -10.14 -1.61 -5.56
CA MET A 26 -10.17 -0.93 -6.87
C MET A 26 -8.76 -0.55 -7.33
N GLU A 27 -8.67 -0.24 -8.63
CA GLU A 27 -7.41 0.10 -9.31
C GLU A 27 -6.69 1.27 -8.63
N GLU A 28 -7.43 2.37 -8.40
CA GLU A 28 -6.84 3.66 -7.97
C GLU A 28 -6.24 3.58 -6.57
N ASP A 29 -6.91 2.86 -5.64
CA ASP A 29 -6.45 2.74 -4.23
C ASP A 29 -5.32 1.71 -4.06
N ILE A 30 -5.21 0.73 -4.98
CA ILE A 30 -4.06 -0.21 -5.01
C ILE A 30 -2.87 0.54 -5.63
N LEU A 31 -3.18 1.34 -6.65
CA LEU A 31 -2.20 2.21 -7.34
C LEU A 31 -1.75 3.34 -6.39
N GLN A 32 -2.62 3.69 -5.44
CA GLN A 32 -2.37 4.71 -4.43
C GLN A 32 -1.15 4.34 -3.58
N VAL A 33 -1.21 3.12 -3.04
CA VAL A 33 -0.16 2.56 -2.18
C VAL A 33 1.07 2.10 -3.02
N VAL A 34 0.84 1.54 -4.24
CA VAL A 34 1.92 1.09 -5.17
C VAL A 34 2.79 2.30 -5.58
N LYS A 35 2.12 3.41 -5.93
CA LYS A 35 2.79 4.62 -6.43
C LYS A 35 3.64 5.23 -5.32
N TYR A 36 3.04 5.36 -4.12
CA TYR A 36 3.75 5.88 -2.94
C TYR A 36 5.01 5.03 -2.64
N CYS A 37 4.87 3.70 -2.75
CA CYS A 37 5.98 2.76 -2.48
C CYS A 37 7.17 3.05 -3.42
N THR A 38 6.89 3.15 -4.73
CA THR A 38 7.92 3.37 -5.77
C THR A 38 8.56 4.77 -5.62
N ASP A 39 7.71 5.75 -5.25
CA ASP A 39 8.12 7.16 -5.10
C ASP A 39 9.06 7.30 -3.89
N LEU A 40 8.74 6.56 -2.82
CA LEU A 40 9.46 6.66 -1.53
C LEU A 40 10.85 5.99 -1.61
N ILE A 41 10.97 5.00 -2.52
CA ILE A 41 12.26 4.43 -2.93
C ILE A 41 13.13 5.55 -3.55
N GLU A 42 12.50 6.33 -4.44
CA GLU A 42 13.14 7.44 -5.16
C GLU A 42 13.38 8.65 -4.22
N GLU A 43 12.65 8.70 -3.09
CA GLU A 43 12.81 9.76 -2.07
C GLU A 43 13.79 9.35 -0.95
N LYS A 44 14.38 8.14 -1.06
CA LYS A 44 15.42 7.61 -0.13
C LYS A 44 14.87 7.52 1.33
N ASP A 45 13.55 7.43 1.44
CA ASP A 45 12.82 7.50 2.72
C ASP A 45 12.05 6.17 2.93
N LEU A 46 12.62 5.11 2.33
CA LEU A 46 12.01 3.76 2.28
C LEU A 46 12.12 2.98 3.60
N GLU A 47 12.61 3.65 4.67
CA GLU A 47 12.72 3.07 6.02
C GLU A 47 11.31 2.92 6.65
N LYS A 48 10.47 3.96 6.50
CA LYS A 48 9.07 3.92 6.95
C LYS A 48 8.21 3.07 6.00
N LEU A 49 8.68 2.95 4.73
CA LEU A 49 8.05 2.09 3.71
C LEU A 49 8.05 0.63 4.17
N ASP A 50 9.13 0.22 4.85
CA ASP A 50 9.25 -1.11 5.49
C ASP A 50 8.02 -1.42 6.37
N LEU A 51 7.64 -0.44 7.20
CA LEU A 51 6.50 -0.53 8.13
C LEU A 51 5.16 -0.58 7.35
N VAL A 52 5.06 0.25 6.29
CA VAL A 52 3.87 0.33 5.42
C VAL A 52 3.62 -1.01 4.67
N ILE A 53 4.73 -1.63 4.21
CA ILE A 53 4.71 -2.92 3.50
C ILE A 53 4.31 -4.04 4.48
N LYS A 54 4.82 -3.96 5.72
CA LYS A 54 4.61 -5.00 6.76
C LYS A 54 3.21 -4.92 7.37
N TYR A 55 2.60 -3.72 7.33
CA TYR A 55 1.26 -3.48 7.89
C TYR A 55 0.24 -4.05 6.90
N MET A 56 0.42 -3.65 5.64
CA MET A 56 -0.32 -4.15 4.49
C MET A 56 -0.20 -5.70 4.39
N LYS A 57 1.05 -6.21 4.45
CA LYS A 57 1.37 -7.65 4.49
C LYS A 57 0.58 -8.39 5.58
N ARG A 58 0.71 -7.89 6.82
CA ARG A 58 0.21 -8.58 8.03
C ARG A 58 -1.30 -8.86 7.91
N LEU A 59 -2.00 -7.84 7.43
CA LEU A 59 -3.46 -7.89 7.32
C LEU A 59 -3.89 -8.73 6.09
N MET A 60 -3.18 -8.56 4.95
CA MET A 60 -3.49 -9.22 3.67
C MET A 60 -3.28 -10.74 3.72
N GLN A 61 -2.24 -11.17 4.46
CA GLN A 61 -1.84 -12.58 4.53
C GLN A 61 -2.48 -13.29 5.74
N GLN A 62 -2.91 -12.52 6.79
CA GLN A 62 -3.72 -13.11 7.89
C GLN A 62 -5.16 -13.36 7.40
N SER A 63 -5.54 -12.66 6.31
CA SER A 63 -6.71 -13.04 5.50
C SER A 63 -6.42 -14.41 4.86
N VAL A 64 -7.36 -15.36 5.04
CA VAL A 64 -7.14 -16.79 4.71
C VAL A 64 -6.91 -16.99 3.19
N GLU A 65 -7.95 -16.73 2.36
CA GLU A 65 -7.88 -16.92 0.89
C GLU A 65 -8.51 -15.73 0.14
N SER A 66 -8.54 -14.56 0.80
CA SER A 66 -9.08 -13.30 0.22
C SER A 66 -8.23 -12.85 -0.99
N VAL A 67 -8.83 -12.03 -1.89
CA VAL A 67 -8.14 -11.47 -3.08
C VAL A 67 -6.94 -10.60 -2.65
N TRP A 68 -7.02 -10.07 -1.42
CA TRP A 68 -5.98 -9.21 -0.80
C TRP A 68 -4.61 -9.92 -0.66
N ASN A 69 -4.61 -11.27 -0.53
CA ASN A 69 -3.36 -12.08 -0.57
C ASN A 69 -2.65 -11.88 -1.93
N MET A 70 -3.44 -12.06 -3.00
CA MET A 70 -2.97 -11.96 -4.40
C MET A 70 -2.72 -10.49 -4.80
N ALA A 71 -3.42 -9.56 -4.12
CA ALA A 71 -3.29 -8.12 -4.34
C ALA A 71 -1.97 -7.64 -3.74
N PHE A 72 -1.57 -8.28 -2.62
CA PHE A 72 -0.28 -8.05 -1.98
C PHE A 72 0.86 -8.57 -2.87
N ASP A 73 0.64 -9.71 -3.54
CA ASP A 73 1.61 -10.27 -4.50
C ASP A 73 1.89 -9.26 -5.63
N PHE A 74 0.85 -8.50 -6.04
CA PHE A 74 0.98 -7.41 -7.03
C PHE A 74 1.78 -6.23 -6.46
N ILE A 75 1.37 -5.71 -5.29
CA ILE A 75 1.95 -4.48 -4.69
C ILE A 75 3.42 -4.71 -4.31
N LEU A 76 3.68 -5.83 -3.60
CA LEU A 76 5.02 -6.21 -3.17
C LEU A 76 5.92 -6.49 -4.38
N ASP A 77 5.35 -7.06 -5.47
CA ASP A 77 6.08 -7.21 -6.76
C ASP A 77 6.62 -5.84 -7.22
N ASN A 78 5.70 -4.88 -7.35
CA ASN A 78 5.97 -3.56 -7.95
C ASN A 78 7.05 -2.75 -7.18
N VAL A 79 6.90 -2.68 -5.83
CA VAL A 79 7.88 -1.98 -4.97
C VAL A 79 9.26 -2.67 -5.03
N GLN A 80 9.26 -4.01 -5.01
CA GLN A 80 10.48 -4.83 -4.95
C GLN A 80 11.28 -4.72 -6.26
N VAL A 81 10.54 -4.70 -7.39
CA VAL A 81 11.10 -4.61 -8.75
C VAL A 81 11.81 -3.25 -8.95
N VAL A 82 11.14 -2.16 -8.58
CA VAL A 82 11.70 -0.80 -8.67
C VAL A 82 12.95 -0.66 -7.79
N LEU A 83 12.88 -1.23 -6.57
CA LEU A 83 13.96 -1.20 -5.57
C LEU A 83 15.23 -1.93 -6.10
N GLN A 84 15.03 -3.10 -6.72
CA GLN A 84 16.14 -3.97 -7.19
C GLN A 84 16.72 -3.46 -8.53
N GLN A 85 15.92 -2.71 -9.29
CA GLN A 85 16.38 -2.03 -10.52
C GLN A 85 17.17 -0.75 -10.20
N THR A 86 16.65 0.04 -9.24
CA THR A 86 17.15 1.39 -8.94
C THR A 86 18.37 1.32 -8.00
N TYR A 87 18.29 0.47 -6.97
CA TYR A 87 19.34 0.36 -5.92
C TYR A 87 20.03 -1.02 -5.95
N GLY A 88 19.33 -2.06 -6.44
CA GLY A 88 19.81 -3.43 -6.37
C GLY A 88 19.47 -4.09 -5.02
N SER A 89 18.52 -3.46 -4.29
CA SER A 89 18.10 -3.91 -2.96
C SER A 89 16.68 -4.46 -3.01
N THR A 90 16.43 -5.51 -2.23
CA THR A 90 15.12 -6.17 -2.13
C THR A 90 14.69 -6.26 -0.64
N LEU A 91 13.61 -5.55 -0.25
CA LEU A 91 13.08 -5.61 1.13
C LEU A 91 12.32 -6.94 1.34
N LYS A 92 12.88 -7.82 2.18
CA LYS A 92 12.28 -9.12 2.47
C LYS A 92 11.59 -9.06 3.84
N VAL A 93 10.25 -9.17 3.84
CA VAL A 93 9.40 -9.12 5.05
C VAL A 93 9.68 -10.36 5.94
N THR A 94 9.75 -11.53 5.27
CA THR A 94 10.15 -12.83 5.87
C THR A 94 9.20 -13.27 6.99
N LYS B 1 -27.76 1.21 -3.26
CA LYS B 1 -26.60 0.53 -3.85
C LYS B 1 -25.66 1.56 -4.51
N GLY B 2 -24.42 1.12 -4.77
CA GLY B 2 -23.39 1.98 -5.39
C GLY B 2 -22.01 1.33 -5.40
N ASN B 3 -20.97 2.15 -5.66
CA ASN B 3 -19.58 1.69 -5.80
C ASN B 3 -18.84 1.91 -4.47
N MET B 4 -19.16 1.03 -3.49
CA MET B 4 -18.66 1.07 -2.10
C MET B 4 -18.87 2.47 -1.46
N MET B 5 -17.82 3.32 -1.44
CA MET B 5 -17.83 4.69 -0.86
C MET B 5 -16.74 5.49 -1.60
N SER B 6 -16.71 5.34 -2.95
CA SER B 6 -15.63 5.85 -3.84
C SER B 6 -14.28 5.18 -3.50
N ASN B 7 -13.17 5.67 -4.11
CA ASN B 7 -11.79 5.26 -3.73
C ASN B 7 -11.53 5.61 -2.26
N PHE B 8 -11.85 4.62 -1.41
CA PHE B 8 -11.87 4.70 0.04
C PHE B 8 -10.49 5.08 0.61
N PHE B 9 -9.39 4.65 -0.05
CA PHE B 9 -8.06 5.10 0.34
C PHE B 9 -7.90 6.54 -0.18
N GLY B 10 -7.43 6.66 -1.44
CA GLY B 10 -6.90 7.92 -1.99
C GLY B 10 -7.84 9.12 -1.90
N LYS B 11 -8.99 9.04 -2.59
CA LYS B 11 -9.87 10.20 -2.81
C LYS B 11 -10.74 10.51 -1.57
N ALA B 12 -10.96 9.49 -0.71
CA ALA B 12 -11.82 9.64 0.48
C ALA B 12 -11.18 10.55 1.54
N ALA B 13 -9.98 10.17 2.00
CA ALA B 13 -9.26 10.89 3.07
C ALA B 13 -8.39 12.04 2.52
N MET B 14 -8.63 12.43 1.25
CA MET B 14 -7.98 13.59 0.61
C MET B 14 -8.31 14.89 1.39
N ASN B 15 -9.57 15.02 1.84
CA ASN B 15 -10.05 16.18 2.63
C ASN B 15 -10.04 15.84 4.14
N LYS B 16 -9.36 16.71 4.92
CA LYS B 16 -9.32 16.61 6.39
C LYS B 16 -10.40 17.55 6.98
N ASN A 1 3.10 10.28 -1.47
CA ASN A 1 1.87 10.14 -0.64
C ASN A 1 0.88 9.14 -1.27
N LEU A 2 -0.02 8.63 -0.43
CA LEU A 2 -1.23 7.89 -0.87
C LEU A 2 -2.44 8.62 -0.27
N ALA A 3 -3.43 8.94 -1.12
CA ALA A 3 -4.64 9.72 -0.71
C ALA A 3 -4.26 11.14 -0.26
N GLY A 4 -3.09 11.63 -0.74
CA GLY A 4 -2.57 12.94 -0.36
C GLY A 4 -1.97 12.96 1.05
N ALA A 5 -1.90 11.79 1.71
CA ALA A 5 -1.40 11.64 3.08
C ALA A 5 -0.03 10.96 3.08
N VAL A 6 0.98 11.66 3.62
CA VAL A 6 2.34 11.12 3.78
C VAL A 6 2.49 10.50 5.19
N GLU A 7 1.69 11.03 6.12
CA GLU A 7 1.78 10.76 7.57
C GLU A 7 1.52 9.27 7.85
N PHE A 8 2.49 8.59 8.50
CA PHE A 8 2.46 7.12 8.69
C PHE A 8 1.15 6.64 9.34
N ASN A 9 0.62 7.44 10.30
CA ASN A 9 -0.58 7.07 11.06
C ASN A 9 -1.81 7.10 10.15
N ASP A 10 -1.81 8.03 9.18
CA ASP A 10 -2.88 8.18 8.18
C ASP A 10 -2.82 7.07 7.12
N VAL A 11 -1.59 6.75 6.66
CA VAL A 11 -1.29 5.57 5.79
C VAL A 11 -1.90 4.30 6.43
N LYS A 12 -1.57 4.14 7.71
CA LYS A 12 -1.91 2.98 8.53
C LYS A 12 -3.43 2.90 8.80
N THR A 13 -4.05 4.09 9.01
CA THR A 13 -5.51 4.23 9.19
C THR A 13 -6.24 3.72 7.94
N LEU A 14 -5.74 4.17 6.78
CA LEU A 14 -6.27 3.78 5.47
C LEU A 14 -6.21 2.24 5.31
N LEU A 15 -4.98 1.70 5.36
CA LEU A 15 -4.67 0.26 5.15
C LEU A 15 -5.53 -0.68 6.01
N ARG A 16 -5.76 -0.32 7.29
CA ARG A 16 -6.35 -1.26 8.28
C ARG A 16 -7.76 -1.71 7.87
N GLU A 17 -8.68 -0.73 7.74
CA GLU A 17 -10.07 -1.03 7.38
C GLU A 17 -10.12 -1.54 5.94
N TRP A 18 -9.41 -0.88 5.01
CA TRP A 18 -9.43 -1.21 3.57
C TRP A 18 -9.23 -2.69 3.29
N ILE A 19 -8.14 -3.23 3.81
CA ILE A 19 -7.79 -4.63 3.65
C ILE A 19 -8.85 -5.56 4.30
N THR A 20 -9.25 -5.25 5.55
CA THR A 20 -10.13 -6.15 6.33
C THR A 20 -11.64 -6.00 5.98
N THR A 21 -12.03 -4.86 5.37
CA THR A 21 -13.46 -4.46 5.21
C THR A 21 -13.95 -4.54 3.75
N ILE A 22 -13.20 -3.90 2.81
CA ILE A 22 -13.72 -3.59 1.46
C ILE A 22 -13.84 -4.90 0.65
N SER A 23 -15.03 -5.16 0.10
CA SER A 23 -15.34 -6.39 -0.66
C SER A 23 -14.94 -6.26 -2.14
N ASP A 24 -14.43 -5.08 -2.52
CA ASP A 24 -14.10 -4.73 -3.91
C ASP A 24 -12.86 -3.81 -3.96
N PRO A 25 -11.61 -4.40 -3.91
CA PRO A 25 -10.36 -3.63 -4.09
C PRO A 25 -10.13 -3.27 -5.57
N MET A 26 -10.75 -2.15 -5.98
CA MET A 26 -10.55 -1.57 -7.32
C MET A 26 -9.13 -1.00 -7.45
N GLU A 27 -8.68 -0.77 -8.69
CA GLU A 27 -7.30 -0.34 -9.01
C GLU A 27 -6.96 1.03 -8.38
N GLU A 28 -7.98 1.82 -8.01
CA GLU A 28 -7.81 3.20 -7.50
C GLU A 28 -6.84 3.28 -6.30
N ASP A 29 -7.16 2.58 -5.19
CA ASP A 29 -6.32 2.63 -3.95
C ASP A 29 -5.10 1.73 -4.09
N ILE A 30 -5.17 0.75 -5.00
CA ILE A 30 -4.01 -0.06 -5.40
C ILE A 30 -2.94 0.87 -6.02
N LEU A 31 -3.40 1.86 -6.82
CA LEU A 31 -2.52 2.87 -7.42
C LEU A 31 -1.97 3.79 -6.34
N GLN A 32 -2.81 4.11 -5.32
CA GLN A 32 -2.38 4.92 -4.15
C GLN A 32 -1.17 4.27 -3.47
N VAL A 33 -1.34 3.01 -3.06
CA VAL A 33 -0.37 2.30 -2.22
C VAL A 33 0.92 1.97 -2.99
N VAL A 34 0.78 1.63 -4.28
CA VAL A 34 1.94 1.24 -5.12
C VAL A 34 2.78 2.49 -5.45
N LYS A 35 2.08 3.59 -5.78
CA LYS A 35 2.68 4.91 -6.03
C LYS A 35 3.51 5.34 -4.81
N TYR A 36 2.85 5.36 -3.64
CA TYR A 36 3.46 5.77 -2.36
C TYR A 36 4.73 4.96 -2.04
N CYS A 37 4.66 3.63 -2.23
CA CYS A 37 5.75 2.71 -1.91
C CYS A 37 6.98 2.91 -2.84
N THR A 38 6.71 3.05 -4.15
CA THR A 38 7.76 3.30 -5.16
C THR A 38 8.35 4.72 -5.02
N ASP A 39 7.53 5.63 -4.47
CA ASP A 39 7.93 7.00 -4.12
C ASP A 39 8.86 6.99 -2.89
N LEU A 40 8.57 6.12 -1.90
CA LEU A 40 9.43 5.97 -0.70
C LEU A 40 10.82 5.43 -1.10
N ILE A 41 10.87 4.67 -2.20
CA ILE A 41 12.12 4.21 -2.82
C ILE A 41 12.93 5.41 -3.40
N GLU A 42 12.27 6.20 -4.27
CA GLU A 42 12.95 7.26 -5.05
C GLU A 42 13.32 8.46 -4.16
N GLU A 43 12.57 8.65 -3.08
CA GLU A 43 12.79 9.73 -2.10
C GLU A 43 13.72 9.26 -0.96
N LYS A 44 14.07 7.94 -0.99
CA LYS A 44 15.02 7.28 -0.05
C LYS A 44 14.45 7.15 1.39
N ASP A 45 13.10 7.19 1.49
CA ASP A 45 12.36 6.90 2.74
C ASP A 45 12.01 5.39 2.82
N LEU A 46 13.02 4.53 2.51
CA LEU A 46 12.84 3.06 2.56
C LEU A 46 12.65 2.57 4.01
N GLU A 47 12.99 3.46 4.97
CA GLU A 47 12.71 3.25 6.39
C GLU A 47 11.19 3.14 6.61
N LYS A 48 10.45 4.14 6.10
CA LYS A 48 8.98 4.16 6.16
C LYS A 48 8.38 3.04 5.31
N LEU A 49 9.01 2.79 4.16
CA LEU A 49 8.62 1.72 3.20
C LEU A 49 8.51 0.37 3.91
N ASP A 50 9.51 0.10 4.76
CA ASP A 50 9.57 -1.11 5.59
C ASP A 50 8.29 -1.27 6.44
N LEU A 51 7.99 -0.25 7.27
CA LEU A 51 6.84 -0.28 8.22
C LEU A 51 5.46 -0.26 7.50
N VAL A 52 5.37 0.51 6.42
CA VAL A 52 4.13 0.67 5.60
C VAL A 52 3.76 -0.66 4.93
N ILE A 53 4.77 -1.28 4.28
CA ILE A 53 4.65 -2.59 3.64
C ILE A 53 4.39 -3.68 4.70
N LYS A 54 4.95 -3.51 5.92
CA LYS A 54 4.80 -4.49 7.01
C LYS A 54 3.39 -4.49 7.59
N TYR A 55 2.70 -3.34 7.52
CA TYR A 55 1.33 -3.22 8.03
C TYR A 55 0.37 -3.80 6.99
N MET A 56 0.63 -3.41 5.73
CA MET A 56 -0.13 -3.83 4.55
C MET A 56 -0.10 -5.36 4.41
N LYS A 57 1.12 -5.93 4.54
CA LYS A 57 1.35 -7.38 4.37
C LYS A 57 0.71 -8.16 5.54
N ARG A 58 0.80 -7.60 6.77
CA ARG A 58 0.32 -8.27 8.01
C ARG A 58 -1.19 -8.56 7.93
N LEU A 59 -1.92 -7.59 7.40
CA LEU A 59 -3.38 -7.67 7.25
C LEU A 59 -3.78 -8.57 6.06
N MET A 60 -2.96 -8.54 5.01
CA MET A 60 -3.12 -9.41 3.83
C MET A 60 -2.62 -10.85 4.13
N GLN A 61 -1.79 -11.00 5.19
CA GLN A 61 -1.23 -12.31 5.60
C GLN A 61 -2.21 -13.03 6.54
N GLN A 62 -2.85 -12.25 7.45
CA GLN A 62 -3.88 -12.77 8.37
C GLN A 62 -5.14 -13.13 7.56
N SER A 63 -5.33 -12.43 6.41
CA SER A 63 -6.23 -12.86 5.33
C SER A 63 -5.75 -14.24 4.82
N VAL A 64 -6.54 -15.28 5.10
CA VAL A 64 -6.13 -16.70 4.91
C VAL A 64 -6.17 -17.07 3.42
N GLU A 65 -7.27 -16.67 2.77
CA GLU A 65 -7.53 -16.92 1.35
C GLU A 65 -8.49 -15.84 0.83
N SER A 66 -8.00 -14.98 -0.09
CA SER A 66 -8.75 -13.83 -0.60
C SER A 66 -8.06 -13.19 -1.82
N VAL A 67 -8.77 -12.25 -2.46
CA VAL A 67 -8.23 -11.35 -3.50
C VAL A 67 -7.16 -10.40 -2.92
N TRP A 68 -7.17 -10.25 -1.58
CA TRP A 68 -6.19 -9.45 -0.84
C TRP A 68 -4.82 -10.14 -0.77
N ASN A 69 -4.80 -11.48 -0.95
CA ASN A 69 -3.54 -12.23 -1.11
C ASN A 69 -2.95 -11.99 -2.51
N MET A 70 -3.85 -11.80 -3.49
CA MET A 70 -3.48 -11.47 -4.89
C MET A 70 -2.96 -10.02 -4.98
N ALA A 71 -3.62 -9.12 -4.21
CA ALA A 71 -3.23 -7.70 -4.09
C ALA A 71 -1.87 -7.59 -3.39
N PHE A 72 -1.70 -8.40 -2.33
CA PHE A 72 -0.42 -8.58 -1.59
C PHE A 72 0.74 -8.89 -2.57
N ASP A 73 0.51 -9.88 -3.44
CA ASP A 73 1.52 -10.35 -4.42
C ASP A 73 1.83 -9.25 -5.46
N PHE A 74 0.79 -8.50 -5.86
CA PHE A 74 0.91 -7.46 -6.91
C PHE A 74 1.71 -6.24 -6.41
N ILE A 75 1.26 -5.67 -5.28
CA ILE A 75 1.85 -4.45 -4.68
C ILE A 75 3.33 -4.68 -4.32
N LEU A 76 3.61 -5.85 -3.71
CA LEU A 76 4.98 -6.29 -3.40
C LEU A 76 5.81 -6.39 -4.68
N ASP A 77 5.24 -6.98 -5.74
CA ASP A 77 5.98 -7.21 -7.02
C ASP A 77 6.54 -5.88 -7.57
N ASN A 78 5.65 -4.89 -7.76
CA ASN A 78 6.02 -3.57 -8.32
C ASN A 78 7.10 -2.87 -7.50
N VAL A 79 6.91 -2.82 -6.16
CA VAL A 79 7.82 -2.08 -5.25
C VAL A 79 9.20 -2.78 -5.16
N GLN A 80 9.21 -4.13 -5.22
CA GLN A 80 10.44 -4.93 -5.22
C GLN A 80 11.26 -4.68 -6.50
N VAL A 81 10.55 -4.58 -7.64
CA VAL A 81 11.14 -4.32 -8.97
C VAL A 81 11.80 -2.92 -9.03
N VAL A 82 11.14 -1.91 -8.45
CA VAL A 82 11.62 -0.50 -8.48
C VAL A 82 12.85 -0.30 -7.56
N LEU A 83 12.91 -1.02 -6.42
CA LEU A 83 14.09 -0.95 -5.50
C LEU A 83 15.26 -1.76 -6.11
N GLN A 84 14.91 -2.80 -6.89
CA GLN A 84 15.87 -3.62 -7.67
C GLN A 84 16.51 -2.78 -8.81
N GLN A 85 15.77 -1.75 -9.27
CA GLN A 85 16.26 -0.79 -10.29
C GLN A 85 17.14 0.32 -9.66
N THR A 86 16.71 0.87 -8.51
CA THR A 86 17.41 1.99 -7.84
C THR A 86 18.65 1.49 -7.06
N TYR A 87 18.39 0.67 -6.03
CA TYR A 87 19.43 0.14 -5.11
C TYR A 87 20.12 -1.09 -5.70
N GLY A 88 19.42 -1.81 -6.59
CA GLY A 88 19.88 -3.12 -7.06
C GLY A 88 19.57 -4.20 -6.04
N SER A 89 18.62 -3.91 -5.14
CA SER A 89 18.26 -4.76 -4.01
C SER A 89 16.73 -4.96 -3.99
N THR A 90 16.30 -6.22 -4.09
CA THR A 90 14.88 -6.59 -4.10
C THR A 90 14.40 -6.77 -2.64
N LEU A 91 13.44 -5.93 -2.18
CA LEU A 91 12.97 -5.94 -0.77
C LEU A 91 12.14 -7.20 -0.47
N LYS A 92 12.76 -8.17 0.20
CA LYS A 92 12.09 -9.42 0.59
C LYS A 92 11.49 -9.24 1.98
N VAL A 93 10.15 -9.17 2.04
CA VAL A 93 9.37 -8.92 3.27
C VAL A 93 8.31 -10.04 3.37
N THR A 94 8.78 -11.27 3.68
CA THR A 94 7.95 -12.49 3.71
C THR A 94 7.18 -12.63 5.04
N LYS B 1 -24.43 5.52 1.47
CA LYS B 1 -24.16 4.22 0.88
C LYS B 1 -23.09 4.37 -0.24
N GLY B 2 -21.89 3.84 0.02
CA GLY B 2 -20.78 3.86 -0.95
C GLY B 2 -19.43 3.71 -0.27
N ASN B 3 -18.38 3.51 -1.08
CA ASN B 3 -16.98 3.36 -0.61
C ASN B 3 -16.27 4.75 -0.56
N MET B 4 -17.10 5.82 -0.49
CA MET B 4 -16.67 7.23 -0.49
C MET B 4 -15.93 7.58 -1.79
N MET B 5 -16.75 7.81 -2.86
CA MET B 5 -16.27 8.12 -4.23
C MET B 5 -15.44 6.92 -4.80
N SER B 6 -15.84 5.70 -4.36
CA SER B 6 -15.10 4.44 -4.55
C SER B 6 -13.75 4.46 -3.79
N ASN B 7 -12.83 5.36 -4.21
CA ASN B 7 -11.56 5.68 -3.53
C ASN B 7 -11.72 5.81 -1.99
N PHE B 8 -11.57 4.66 -1.32
CA PHE B 8 -11.65 4.54 0.15
C PHE B 8 -10.37 5.14 0.79
N PHE B 9 -9.32 5.29 -0.03
CA PHE B 9 -8.16 6.12 0.29
C PHE B 9 -8.33 7.48 -0.39
N GLY B 10 -8.10 7.47 -1.73
CA GLY B 10 -7.92 8.69 -2.55
C GLY B 10 -8.74 9.92 -2.14
N LYS B 11 -10.08 9.78 -2.19
CA LYS B 11 -11.02 10.92 -2.00
C LYS B 11 -11.77 10.81 -0.65
N ALA B 12 -11.65 9.66 0.04
CA ALA B 12 -12.17 9.49 1.43
C ALA B 12 -11.29 10.25 2.43
N ALA B 13 -9.98 10.29 2.13
CA ALA B 13 -8.96 11.03 2.89
C ALA B 13 -8.47 12.23 2.05
N MET B 14 -9.43 12.89 1.35
CA MET B 14 -9.18 14.10 0.52
C MET B 14 -8.58 15.24 1.37
N ASN B 15 -9.04 15.32 2.63
CA ASN B 15 -8.51 16.22 3.65
C ASN B 15 -7.83 15.37 4.74
N LYS B 16 -8.67 14.57 5.43
CA LYS B 16 -8.27 13.63 6.48
C LYS B 16 -9.53 12.83 6.90
N ASN A 1 3.57 11.19 -0.99
CA ASN A 1 2.55 11.34 0.09
C ASN A 1 1.72 10.06 0.10
N LEU A 2 1.53 9.49 1.28
CA LEU A 2 0.82 8.22 1.42
C LEU A 2 -0.69 8.53 1.53
N ALA A 3 -1.32 8.63 0.34
CA ALA A 3 -2.78 8.79 0.12
C ALA A 3 -3.24 10.25 0.20
N GLY A 4 -2.35 11.12 0.69
CA GLY A 4 -2.58 12.56 0.71
C GLY A 4 -1.72 13.26 1.75
N ALA A 5 -1.36 12.51 2.79
CA ALA A 5 -0.53 13.01 3.91
C ALA A 5 0.61 12.01 4.18
N VAL A 6 1.55 12.41 5.05
CA VAL A 6 2.81 11.67 5.28
C VAL A 6 2.89 11.18 6.76
N GLU A 7 1.77 11.24 7.49
CA GLU A 7 1.71 10.87 8.92
C GLU A 7 1.37 9.38 9.02
N PHE A 8 2.25 8.56 9.61
CA PHE A 8 2.02 7.10 9.68
C PHE A 8 0.70 6.76 10.44
N ASN A 9 0.19 7.71 11.25
CA ASN A 9 -1.12 7.60 11.89
C ASN A 9 -2.23 7.56 10.82
N ASP A 10 -2.16 8.47 9.82
CA ASP A 10 -3.19 8.57 8.76
C ASP A 10 -3.09 7.33 7.85
N VAL A 11 -1.84 6.95 7.58
CA VAL A 11 -1.45 5.80 6.77
C VAL A 11 -2.00 4.48 7.34
N LYS A 12 -1.92 4.37 8.66
CA LYS A 12 -2.36 3.18 9.43
C LYS A 12 -3.90 3.11 9.44
N THR A 13 -4.52 4.30 9.56
CA THR A 13 -5.98 4.48 9.52
C THR A 13 -6.53 4.14 8.12
N LEU A 14 -5.66 4.16 7.10
CA LEU A 14 -6.01 3.57 5.80
C LEU A 14 -5.86 2.04 5.84
N LEU A 15 -4.61 1.59 6.04
CA LEU A 15 -4.12 0.20 5.84
C LEU A 15 -4.93 -0.87 6.59
N ARG A 16 -5.17 -0.62 7.88
CA ARG A 16 -5.80 -1.61 8.77
C ARG A 16 -7.24 -1.88 8.33
N GLU A 17 -8.07 -0.83 8.31
CA GLU A 17 -9.48 -0.94 7.91
C GLU A 17 -9.60 -1.24 6.40
N TRP A 18 -8.57 -0.92 5.61
CA TRP A 18 -8.54 -1.26 4.16
C TRP A 18 -8.75 -2.76 3.99
N ILE A 19 -7.86 -3.51 4.61
CA ILE A 19 -7.84 -4.97 4.50
C ILE A 19 -8.91 -5.63 5.40
N THR A 20 -9.42 -4.88 6.38
CA THR A 20 -10.37 -5.38 7.39
C THR A 20 -11.87 -5.01 7.08
N THR A 21 -12.13 -3.94 6.27
CA THR A 21 -13.52 -3.50 5.94
C THR A 21 -13.86 -3.85 4.48
N ILE A 22 -12.96 -3.46 3.54
CA ILE A 22 -13.26 -3.43 2.08
C ILE A 22 -13.31 -4.86 1.53
N SER A 23 -14.51 -5.32 1.11
CA SER A 23 -14.72 -6.69 0.58
C SER A 23 -14.06 -6.86 -0.80
N ASP A 24 -14.13 -5.79 -1.62
CA ASP A 24 -13.56 -5.76 -2.97
C ASP A 24 -12.74 -4.47 -3.11
N PRO A 25 -11.39 -4.52 -2.85
CA PRO A 25 -10.48 -3.34 -2.96
C PRO A 25 -10.60 -2.63 -4.32
N MET A 26 -10.89 -1.32 -4.27
CA MET A 26 -10.84 -0.45 -5.45
C MET A 26 -9.40 -0.39 -5.97
N GLU A 27 -9.21 -0.75 -7.26
CA GLU A 27 -7.89 -0.85 -7.89
C GLU A 27 -7.15 0.50 -7.86
N GLU A 28 -7.91 1.62 -7.78
CA GLU A 28 -7.36 2.97 -7.68
C GLU A 28 -6.51 3.07 -6.40
N ASP A 29 -7.05 2.49 -5.30
CA ASP A 29 -6.41 2.49 -3.97
C ASP A 29 -5.18 1.60 -3.91
N ILE A 30 -5.14 0.58 -4.78
CA ILE A 30 -4.02 -0.36 -4.84
C ILE A 30 -2.88 0.31 -5.63
N LEU A 31 -3.24 0.81 -6.81
CA LEU A 31 -2.37 1.50 -7.76
C LEU A 31 -1.65 2.70 -7.12
N GLN A 32 -2.40 3.55 -6.38
CA GLN A 32 -1.83 4.77 -5.77
C GLN A 32 -0.73 4.42 -4.74
N VAL A 33 -0.91 3.33 -3.94
CA VAL A 33 0.07 2.95 -2.91
C VAL A 33 1.27 2.18 -3.52
N VAL A 34 1.04 1.49 -4.66
CA VAL A 34 2.16 0.91 -5.47
C VAL A 34 3.10 2.05 -5.93
N LYS A 35 2.50 3.17 -6.36
CA LYS A 35 3.25 4.36 -6.82
C LYS A 35 4.01 5.03 -5.69
N TYR A 36 3.36 5.24 -4.53
CA TYR A 36 4.02 5.87 -3.36
C TYR A 36 5.23 5.04 -2.94
N CYS A 37 5.04 3.70 -2.94
CA CYS A 37 6.08 2.72 -2.60
C CYS A 37 7.36 2.93 -3.40
N THR A 38 7.22 2.98 -4.74
CA THR A 38 8.34 3.12 -5.67
C THR A 38 8.99 4.52 -5.55
N ASP A 39 8.14 5.55 -5.35
CA ASP A 39 8.56 6.94 -5.08
C ASP A 39 9.44 7.02 -3.83
N LEU A 40 9.00 6.38 -2.73
CA LEU A 40 9.68 6.44 -1.40
C LEU A 40 11.07 5.81 -1.45
N ILE A 41 11.22 4.77 -2.29
CA ILE A 41 12.53 4.14 -2.55
C ILE A 41 13.50 5.16 -3.19
N GLU A 42 13.02 5.82 -4.27
CA GLU A 42 13.82 6.77 -5.08
C GLU A 42 13.94 8.14 -4.37
N GLU A 43 13.09 8.36 -3.34
CA GLU A 43 13.08 9.58 -2.53
C GLU A 43 13.91 9.40 -1.24
N LYS A 44 14.44 8.16 -1.04
CA LYS A 44 15.24 7.76 0.14
C LYS A 44 14.38 7.81 1.43
N ASP A 45 13.05 7.84 1.25
CA ASP A 45 12.03 7.95 2.31
C ASP A 45 11.43 6.55 2.56
N LEU A 46 12.30 5.53 2.53
CA LEU A 46 11.90 4.10 2.55
C LEU A 46 11.57 3.59 3.97
N GLU A 47 11.56 4.51 4.98
CA GLU A 47 11.11 4.19 6.33
C GLU A 47 9.60 4.00 6.27
N LYS A 48 8.93 5.00 5.67
CA LYS A 48 7.47 5.01 5.52
C LYS A 48 7.03 3.78 4.73
N LEU A 49 7.80 3.50 3.65
CA LEU A 49 7.63 2.31 2.81
C LEU A 49 7.65 1.02 3.65
N ASP A 50 8.70 0.90 4.48
CA ASP A 50 8.92 -0.28 5.34
C ASP A 50 7.69 -0.56 6.22
N LEU A 51 7.14 0.50 6.84
CA LEU A 51 6.00 0.39 7.77
C LEU A 51 4.67 0.13 7.01
N VAL A 52 4.50 0.78 5.83
CA VAL A 52 3.29 0.60 4.97
C VAL A 52 3.17 -0.88 4.54
N ILE A 53 4.28 -1.40 3.98
CA ILE A 53 4.37 -2.77 3.46
C ILE A 53 4.16 -3.81 4.58
N LYS A 54 4.69 -3.53 5.79
CA LYS A 54 4.50 -4.44 6.95
C LYS A 54 3.01 -4.66 7.25
N TYR A 55 2.25 -3.55 7.32
CA TYR A 55 0.79 -3.58 7.61
C TYR A 55 0.04 -4.32 6.49
N MET A 56 0.39 -3.91 5.26
CA MET A 56 -0.16 -4.44 4.02
C MET A 56 -0.02 -5.97 3.98
N LYS A 57 1.21 -6.46 4.12
CA LYS A 57 1.56 -7.87 3.90
C LYS A 57 1.02 -8.76 5.03
N ARG A 58 0.94 -8.22 6.28
CA ARG A 58 0.49 -8.99 7.44
C ARG A 58 -0.97 -9.37 7.27
N LEU A 59 -1.82 -8.35 7.11
CA LEU A 59 -3.27 -8.53 7.12
C LEU A 59 -3.77 -9.18 5.80
N MET A 60 -3.08 -8.86 4.67
CA MET A 60 -3.41 -9.44 3.35
C MET A 60 -3.09 -10.95 3.30
N GLN A 61 -2.02 -11.37 4.01
CA GLN A 61 -1.62 -12.78 4.08
C GLN A 61 -2.50 -13.55 5.11
N GLN A 62 -3.01 -12.81 6.12
CA GLN A 62 -3.99 -13.35 7.11
C GLN A 62 -5.33 -13.66 6.43
N SER A 63 -5.64 -12.91 5.34
CA SER A 63 -6.80 -13.16 4.47
C SER A 63 -6.68 -14.57 3.85
N VAL A 64 -7.80 -15.31 3.81
CA VAL A 64 -7.82 -16.73 3.41
C VAL A 64 -7.54 -16.89 1.90
N GLU A 65 -8.45 -16.35 1.05
CA GLU A 65 -8.43 -16.57 -0.41
C GLU A 65 -8.80 -15.31 -1.20
N SER A 66 -9.05 -14.20 -0.49
CA SER A 66 -9.48 -12.94 -1.11
C SER A 66 -8.39 -12.37 -2.04
N VAL A 67 -8.79 -11.42 -2.91
CA VAL A 67 -7.87 -10.71 -3.82
C VAL A 67 -6.86 -9.82 -3.07
N TRP A 68 -7.08 -9.65 -1.74
CA TRP A 68 -6.07 -9.07 -0.82
C TRP A 68 -4.74 -9.86 -0.89
N ASN A 69 -4.84 -11.20 -0.98
CA ASN A 69 -3.66 -12.09 -1.14
C ASN A 69 -2.97 -11.85 -2.50
N MET A 70 -3.79 -11.59 -3.53
CA MET A 70 -3.31 -11.31 -4.90
C MET A 70 -2.65 -9.92 -4.96
N ALA A 71 -3.18 -8.98 -4.15
CA ALA A 71 -2.66 -7.60 -4.02
C ALA A 71 -1.34 -7.61 -3.23
N PHE A 72 -1.26 -8.50 -2.22
CA PHE A 72 -0.03 -8.76 -1.43
C PHE A 72 1.11 -9.18 -2.38
N ASP A 73 0.81 -10.16 -3.24
CA ASP A 73 1.77 -10.73 -4.20
C ASP A 73 2.21 -9.64 -5.23
N PHE A 74 1.23 -8.85 -5.70
CA PHE A 74 1.43 -7.84 -6.75
C PHE A 74 2.31 -6.68 -6.25
N ILE A 75 1.86 -6.02 -5.17
CA ILE A 75 2.49 -4.79 -4.64
C ILE A 75 3.91 -5.10 -4.15
N LEU A 76 4.05 -6.22 -3.41
CA LEU A 76 5.34 -6.66 -2.84
C LEU A 76 6.35 -6.98 -3.96
N ASP A 77 5.84 -7.56 -5.07
CA ASP A 77 6.68 -7.84 -6.25
C ASP A 77 7.26 -6.53 -6.83
N ASN A 78 6.35 -5.61 -7.21
CA ASN A 78 6.71 -4.35 -7.91
C ASN A 78 7.65 -3.47 -7.07
N VAL A 79 7.38 -3.38 -5.76
CA VAL A 79 8.19 -2.54 -4.85
C VAL A 79 9.61 -3.13 -4.69
N GLN A 80 9.70 -4.48 -4.59
CA GLN A 80 10.97 -5.20 -4.38
C GLN A 80 11.85 -5.11 -5.64
N VAL A 81 11.19 -5.09 -6.81
CA VAL A 81 11.83 -4.94 -8.13
C VAL A 81 12.50 -3.55 -8.24
N VAL A 82 11.73 -2.49 -7.96
CA VAL A 82 12.24 -1.11 -7.99
C VAL A 82 13.32 -0.88 -6.92
N LEU A 83 13.15 -1.54 -5.76
CA LEU A 83 14.10 -1.48 -4.62
C LEU A 83 15.45 -2.10 -5.00
N GLN A 84 15.37 -3.16 -5.81
CA GLN A 84 16.55 -3.88 -6.33
C GLN A 84 17.28 -3.02 -7.38
N GLN A 85 16.50 -2.33 -8.23
CA GLN A 85 17.04 -1.50 -9.34
C GLN A 85 17.62 -0.15 -8.82
N THR A 86 16.99 0.39 -7.77
CA THR A 86 17.33 1.71 -7.21
C THR A 86 18.44 1.57 -6.16
N TYR A 87 18.12 0.81 -5.10
CA TYR A 87 18.97 0.70 -3.90
C TYR A 87 20.09 -0.34 -4.10
N GLY A 88 19.85 -1.32 -5.01
CA GLY A 88 20.79 -2.41 -5.26
C GLY A 88 20.67 -3.53 -4.22
N SER A 89 19.65 -3.43 -3.36
CA SER A 89 19.40 -4.37 -2.27
C SER A 89 17.89 -4.45 -2.01
N THR A 90 17.43 -5.63 -1.55
CA THR A 90 16.03 -5.91 -1.23
C THR A 90 15.90 -6.16 0.29
N LEU A 91 15.12 -5.31 1.00
CA LEU A 91 14.91 -5.45 2.45
C LEU A 91 13.86 -6.53 2.74
N LYS A 92 14.19 -7.44 3.65
CA LYS A 92 13.28 -8.51 4.10
C LYS A 92 12.32 -7.89 5.12
N VAL A 93 11.04 -7.84 4.75
CA VAL A 93 10.00 -7.11 5.50
C VAL A 93 9.86 -7.67 6.96
N THR A 94 9.79 -9.02 7.04
CA THR A 94 9.85 -9.80 8.30
C THR A 94 8.76 -9.40 9.33
N LYS B 1 -24.98 6.05 -6.06
CA LYS B 1 -25.57 4.92 -6.77
C LYS B 1 -24.89 3.58 -6.38
N GLY B 2 -24.09 3.58 -5.31
CA GLY B 2 -23.47 2.36 -4.81
C GLY B 2 -22.25 2.65 -3.95
N ASN B 3 -21.23 3.27 -4.57
CA ASN B 3 -19.93 3.56 -3.90
C ASN B 3 -20.00 4.92 -3.15
N MET B 4 -19.62 6.04 -3.84
CA MET B 4 -19.42 7.39 -3.25
C MET B 4 -18.16 7.45 -2.33
N MET B 5 -17.98 6.40 -1.50
CA MET B 5 -16.75 6.17 -0.69
C MET B 5 -15.56 5.71 -1.59
N SER B 6 -15.73 5.82 -2.93
CA SER B 6 -14.68 5.61 -3.94
C SER B 6 -13.38 6.33 -3.53
N ASN B 7 -12.29 5.55 -3.51
CA ASN B 7 -11.00 5.95 -2.94
C ASN B 7 -11.10 6.09 -1.42
N PHE B 8 -11.13 4.92 -0.75
CA PHE B 8 -11.04 4.81 0.71
C PHE B 8 -9.57 4.99 1.15
N PHE B 9 -8.61 4.77 0.22
CA PHE B 9 -7.19 5.07 0.49
C PHE B 9 -6.88 6.50 0.04
N GLY B 10 -6.74 6.70 -1.28
CA GLY B 10 -6.30 7.97 -1.87
C GLY B 10 -7.40 9.01 -2.01
N LYS B 11 -7.97 9.43 -0.86
CA LYS B 11 -9.01 10.48 -0.76
C LYS B 11 -9.48 10.60 0.70
N ALA B 12 -9.67 9.45 1.36
CA ALA B 12 -10.19 9.38 2.74
C ALA B 12 -9.22 10.02 3.74
N ALA B 13 -7.92 9.62 3.66
CA ALA B 13 -6.84 10.29 4.41
C ALA B 13 -5.99 11.12 3.45
N MET B 14 -6.65 12.10 2.82
CA MET B 14 -5.96 13.14 2.04
C MET B 14 -5.36 14.19 3.00
N ASN B 15 -5.85 14.18 4.26
CA ASN B 15 -5.31 14.97 5.38
C ASN B 15 -5.70 14.30 6.71
N LYS B 16 -6.96 13.82 6.79
CA LYS B 16 -7.52 13.15 7.97
C LYS B 16 -8.83 12.44 7.54
N ASN A 1 3.44 11.09 -0.93
CA ASN A 1 2.21 10.91 -0.12
C ASN A 1 1.25 9.98 -0.87
N LEU A 2 0.39 9.23 -0.15
CA LEU A 2 -0.61 8.37 -0.80
C LEU A 2 -1.99 9.06 -0.88
N ALA A 3 -2.70 9.11 0.24
CA ALA A 3 -4.13 9.45 0.28
C ALA A 3 -4.35 10.84 0.87
N GLY A 4 -3.25 11.58 1.05
CA GLY A 4 -3.30 12.94 1.56
C GLY A 4 -1.99 13.32 2.22
N ALA A 5 -1.42 12.38 2.99
CA ALA A 5 -0.15 12.57 3.72
C ALA A 5 0.76 11.35 3.56
N VAL A 6 1.93 11.43 4.21
CA VAL A 6 2.95 10.37 4.24
C VAL A 6 2.91 9.63 5.59
N GLU A 7 2.26 10.28 6.59
CA GLU A 7 2.30 9.89 8.02
C GLU A 7 1.91 8.42 8.23
N PHE A 8 2.70 7.68 9.03
CA PHE A 8 2.42 6.25 9.32
C PHE A 8 1.04 6.10 9.99
N ASN A 9 0.57 7.19 10.65
CA ASN A 9 -0.76 7.28 11.24
C ASN A 9 -1.82 7.25 10.14
N ASP A 10 -1.65 8.14 9.13
CA ASP A 10 -2.65 8.36 8.06
C ASP A 10 -2.76 7.10 7.18
N VAL A 11 -1.59 6.61 6.74
CA VAL A 11 -1.42 5.35 5.98
C VAL A 11 -2.19 4.20 6.66
N LYS A 12 -1.95 4.06 7.97
CA LYS A 12 -2.49 2.98 8.81
C LYS A 12 -4.01 3.13 9.03
N THR A 13 -4.46 4.40 9.14
CA THR A 13 -5.87 4.76 9.38
C THR A 13 -6.75 4.38 8.17
N LEU A 14 -6.15 4.36 6.96
CA LEU A 14 -6.83 3.78 5.79
C LEU A 14 -6.65 2.25 5.82
N LEU A 15 -5.35 1.79 5.75
CA LEU A 15 -4.95 0.37 5.50
C LEU A 15 -5.74 -0.65 6.33
N ARG A 16 -5.93 -0.33 7.63
CA ARG A 16 -6.48 -1.29 8.60
C ARG A 16 -7.88 -1.77 8.19
N GLU A 17 -8.80 -0.80 8.02
CA GLU A 17 -10.19 -1.11 7.66
C GLU A 17 -10.28 -1.38 6.16
N TRP A 18 -9.44 -0.72 5.36
CA TRP A 18 -9.41 -0.86 3.90
C TRP A 18 -9.29 -2.33 3.50
N ILE A 19 -8.26 -2.96 4.04
CA ILE A 19 -8.01 -4.39 3.86
C ILE A 19 -9.18 -5.23 4.47
N THR A 20 -9.49 -5.02 5.76
CA THR A 20 -10.39 -5.94 6.52
C THR A 20 -11.91 -5.74 6.21
N THR A 21 -12.32 -4.60 5.63
CA THR A 21 -13.77 -4.28 5.41
C THR A 21 -14.14 -4.43 3.93
N ILE A 22 -13.31 -3.85 3.01
CA ILE A 22 -13.70 -3.74 1.59
C ILE A 22 -13.62 -5.12 0.93
N SER A 23 -14.76 -5.59 0.39
CA SER A 23 -14.90 -6.94 -0.17
C SER A 23 -14.06 -7.08 -1.47
N ASP A 24 -14.07 -6.01 -2.27
CA ASP A 24 -13.31 -5.94 -3.52
C ASP A 24 -12.28 -4.79 -3.43
N PRO A 25 -10.94 -5.11 -3.34
CA PRO A 25 -9.88 -4.07 -3.39
C PRO A 25 -9.97 -3.21 -4.67
N MET A 26 -10.37 -1.93 -4.51
CA MET A 26 -10.42 -0.96 -5.61
C MET A 26 -9.01 -0.78 -6.20
N GLU A 27 -8.86 -1.02 -7.51
CA GLU A 27 -7.55 -1.06 -8.19
C GLU A 27 -6.84 0.30 -8.08
N GLU A 28 -7.61 1.41 -8.06
CA GLU A 28 -7.07 2.78 -7.90
C GLU A 28 -6.35 2.92 -6.54
N ASP A 29 -6.92 2.30 -5.50
CA ASP A 29 -6.35 2.32 -4.13
C ASP A 29 -5.12 1.42 -4.01
N ILE A 30 -5.04 0.39 -4.87
CA ILE A 30 -3.87 -0.49 -4.98
C ILE A 30 -2.73 0.24 -5.74
N LEU A 31 -3.09 0.99 -6.80
CA LEU A 31 -2.15 1.84 -7.56
C LEU A 31 -1.62 2.96 -6.65
N GLN A 32 -2.50 3.37 -5.74
CA GLN A 32 -2.28 4.46 -4.79
C GLN A 32 -1.07 4.15 -3.89
N VAL A 33 -1.17 3.01 -3.22
CA VAL A 33 -0.16 2.51 -2.29
C VAL A 33 1.17 2.09 -3.00
N VAL A 34 1.08 1.51 -4.24
CA VAL A 34 2.29 1.10 -5.00
C VAL A 34 3.13 2.34 -5.40
N LYS A 35 2.45 3.32 -6.02
CA LYS A 35 3.07 4.56 -6.52
C LYS A 35 3.74 5.34 -5.37
N TYR A 36 3.05 5.38 -4.21
CA TYR A 36 3.59 5.93 -2.95
C TYR A 36 4.90 5.23 -2.56
N CYS A 37 4.86 3.89 -2.52
CA CYS A 37 5.98 3.06 -2.06
C CYS A 37 7.21 3.19 -2.98
N THR A 38 6.96 3.43 -4.28
CA THR A 38 8.03 3.63 -5.28
C THR A 38 8.64 5.05 -5.18
N ASP A 39 7.79 6.05 -4.83
CA ASP A 39 8.26 7.42 -4.47
C ASP A 39 9.27 7.32 -3.32
N LEU A 40 8.89 6.54 -2.29
CA LEU A 40 9.69 6.29 -1.07
C LEU A 40 11.09 5.73 -1.40
N ILE A 41 11.15 4.78 -2.35
CA ILE A 41 12.43 4.24 -2.87
C ILE A 41 13.34 5.38 -3.39
N GLU A 42 12.73 6.30 -4.14
CA GLU A 42 13.43 7.43 -4.78
C GLU A 42 13.71 8.57 -3.77
N GLU A 43 12.89 8.64 -2.71
CA GLU A 43 12.87 9.79 -1.76
C GLU A 43 13.64 9.45 -0.46
N LYS A 44 14.42 8.33 -0.49
CA LYS A 44 15.25 7.82 0.64
C LYS A 44 14.38 7.41 1.86
N ASP A 45 13.07 7.25 1.62
CA ASP A 45 12.07 6.87 2.65
C ASP A 45 11.77 5.37 2.57
N LEU A 46 12.82 4.56 2.40
CA LEU A 46 12.73 3.08 2.46
C LEU A 46 12.46 2.62 3.91
N GLU A 47 12.72 3.53 4.88
CA GLU A 47 12.32 3.35 6.28
C GLU A 47 10.78 3.31 6.39
N LYS A 48 10.12 4.30 5.74
CA LYS A 48 8.65 4.35 5.61
C LYS A 48 8.14 3.12 4.87
N LEU A 49 8.80 2.83 3.73
CA LEU A 49 8.48 1.70 2.83
C LEU A 49 8.37 0.38 3.60
N ASP A 50 9.35 0.14 4.48
CA ASP A 50 9.43 -1.12 5.24
C ASP A 50 8.21 -1.33 6.15
N LEU A 51 7.85 -0.29 6.94
CA LEU A 51 6.78 -0.38 7.95
C LEU A 51 5.38 -0.32 7.30
N VAL A 52 5.23 0.56 6.30
CA VAL A 52 3.98 0.70 5.50
C VAL A 52 3.64 -0.62 4.80
N ILE A 53 4.65 -1.22 4.16
CA ILE A 53 4.55 -2.54 3.52
C ILE A 53 4.24 -3.62 4.57
N LYS A 54 4.90 -3.61 5.74
CA LYS A 54 4.71 -4.66 6.78
C LYS A 54 3.26 -4.68 7.30
N TYR A 55 2.62 -3.50 7.29
CA TYR A 55 1.27 -3.32 7.82
C TYR A 55 0.25 -3.83 6.78
N MET A 56 0.41 -3.29 5.58
CA MET A 56 -0.34 -3.66 4.38
C MET A 56 -0.30 -5.18 4.16
N LYS A 57 0.88 -5.76 4.36
CA LYS A 57 1.17 -7.18 4.09
C LYS A 57 0.53 -8.07 5.14
N ARG A 58 0.77 -7.73 6.43
CA ARG A 58 0.37 -8.59 7.55
C ARG A 58 -1.15 -8.82 7.58
N LEU A 59 -1.89 -7.75 7.25
CA LEU A 59 -3.35 -7.80 7.17
C LEU A 59 -3.81 -8.60 5.91
N MET A 60 -3.22 -8.27 4.74
CA MET A 60 -3.58 -8.89 3.44
C MET A 60 -3.36 -10.41 3.44
N GLN A 61 -2.33 -10.88 4.17
CA GLN A 61 -1.93 -12.30 4.18
C GLN A 61 -2.66 -13.07 5.29
N GLN A 62 -3.05 -12.38 6.39
CA GLN A 62 -3.87 -12.99 7.46
C GLN A 62 -5.34 -13.12 6.99
N SER A 63 -5.68 -12.44 5.87
CA SER A 63 -7.00 -12.54 5.22
C SER A 63 -7.17 -13.88 4.44
N VAL A 64 -6.98 -15.01 5.15
CA VAL A 64 -7.11 -16.42 4.67
C VAL A 64 -6.48 -16.64 3.27
N GLU A 65 -7.25 -16.28 2.23
CA GLU A 65 -6.92 -16.50 0.80
C GLU A 65 -7.79 -15.60 -0.10
N SER A 66 -8.21 -14.45 0.46
CA SER A 66 -9.02 -13.42 -0.22
C SER A 66 -8.22 -12.72 -1.35
N VAL A 67 -8.89 -11.84 -2.13
CA VAL A 67 -8.26 -11.10 -3.26
C VAL A 67 -7.17 -10.12 -2.75
N TRP A 68 -7.18 -9.85 -1.44
CA TRP A 68 -6.13 -9.07 -0.75
C TRP A 68 -4.77 -9.81 -0.76
N ASN A 69 -4.79 -11.16 -0.87
CA ASN A 69 -3.58 -11.99 -1.02
C ASN A 69 -3.00 -11.88 -2.45
N MET A 70 -3.90 -11.66 -3.44
CA MET A 70 -3.49 -11.32 -4.82
C MET A 70 -2.80 -9.94 -4.83
N ALA A 71 -3.40 -9.00 -4.07
CA ALA A 71 -2.92 -7.62 -3.92
C ALA A 71 -1.62 -7.58 -3.10
N PHE A 72 -1.48 -8.58 -2.20
CA PHE A 72 -0.26 -8.80 -1.40
C PHE A 72 0.94 -8.99 -2.35
N ASP A 73 0.85 -10.01 -3.21
CA ASP A 73 1.91 -10.36 -4.19
C ASP A 73 2.05 -9.31 -5.30
N PHE A 74 0.95 -8.62 -5.65
CA PHE A 74 0.96 -7.59 -6.72
C PHE A 74 1.83 -6.39 -6.29
N ILE A 75 1.45 -5.78 -5.16
CA ILE A 75 2.10 -4.56 -4.64
C ILE A 75 3.59 -4.83 -4.34
N LEU A 76 3.86 -5.99 -3.71
CA LEU A 76 5.22 -6.44 -3.39
C LEU A 76 6.06 -6.57 -4.68
N ASP A 77 5.50 -7.23 -5.70
CA ASP A 77 6.22 -7.46 -6.98
C ASP A 77 6.65 -6.12 -7.61
N ASN A 78 5.66 -5.24 -7.83
CA ASN A 78 5.85 -3.94 -8.50
C ASN A 78 6.87 -3.03 -7.77
N VAL A 79 6.71 -2.88 -6.43
CA VAL A 79 7.57 -1.98 -5.64
C VAL A 79 9.02 -2.51 -5.57
N GLN A 80 9.16 -3.84 -5.40
CA GLN A 80 10.48 -4.49 -5.28
C GLN A 80 11.20 -4.56 -6.63
N VAL A 81 10.44 -4.55 -7.75
CA VAL A 81 11.00 -4.41 -9.12
C VAL A 81 11.73 -3.05 -9.24
N VAL A 82 11.05 -1.98 -8.79
CA VAL A 82 11.62 -0.62 -8.76
C VAL A 82 12.83 -0.56 -7.78
N LEU A 83 12.68 -1.18 -6.62
CA LEU A 83 13.70 -1.17 -5.52
C LEU A 83 14.98 -1.92 -5.95
N GLN A 84 14.79 -2.92 -6.82
CA GLN A 84 15.86 -3.77 -7.38
C GLN A 84 16.70 -2.97 -8.41
N GLN A 85 16.00 -2.23 -9.28
CA GLN A 85 16.63 -1.47 -10.39
C GLN A 85 17.18 -0.12 -9.93
N THR A 86 16.49 0.54 -9.00
CA THR A 86 16.81 1.91 -8.55
C THR A 86 17.90 1.87 -7.48
N TYR A 87 17.66 1.04 -6.44
CA TYR A 87 18.48 1.03 -5.24
C TYR A 87 19.47 -0.15 -5.25
N GLY A 88 19.11 -1.24 -5.96
CA GLY A 88 19.97 -2.42 -6.07
C GLY A 88 19.92 -3.32 -4.83
N SER A 89 18.97 -3.04 -3.92
CA SER A 89 18.81 -3.79 -2.66
C SER A 89 17.32 -3.81 -2.26
N THR A 90 16.69 -4.99 -2.33
CA THR A 90 15.28 -5.19 -1.95
C THR A 90 15.17 -5.71 -0.50
N LEU A 91 13.95 -5.64 0.05
CA LEU A 91 13.58 -6.24 1.34
C LEU A 91 12.51 -7.32 1.10
N LYS A 92 12.63 -8.49 1.76
CA LYS A 92 11.59 -9.55 1.69
C LYS A 92 10.84 -9.60 3.03
N VAL A 93 9.57 -9.17 2.99
CA VAL A 93 8.64 -9.35 4.12
C VAL A 93 8.06 -10.77 4.05
N THR A 94 7.33 -11.04 2.94
CA THR A 94 6.69 -12.35 2.65
C THR A 94 5.80 -12.86 3.80
N LYS B 1 -24.78 6.29 -8.89
CA LYS B 1 -24.24 5.96 -7.57
C LYS B 1 -23.80 4.48 -7.56
N GLY B 2 -22.57 4.20 -8.03
CA GLY B 2 -22.03 2.85 -8.07
C GLY B 2 -20.82 2.72 -8.98
N ASN B 3 -19.70 2.18 -8.42
CA ASN B 3 -18.43 1.88 -9.14
C ASN B 3 -17.75 3.15 -9.71
N MET B 4 -18.16 4.33 -9.20
CA MET B 4 -17.56 5.63 -9.53
C MET B 4 -16.37 5.86 -8.56
N MET B 5 -15.58 6.93 -8.77
CA MET B 5 -14.42 7.25 -7.91
C MET B 5 -14.87 7.65 -6.48
N SER B 6 -15.11 6.62 -5.67
CA SER B 6 -15.55 6.72 -4.26
C SER B 6 -14.56 5.96 -3.38
N ASN B 7 -13.29 6.04 -3.82
CA ASN B 7 -12.07 5.44 -3.20
C ASN B 7 -12.13 5.39 -1.67
N PHE B 8 -11.76 4.24 -1.09
CA PHE B 8 -11.71 4.09 0.38
C PHE B 8 -10.35 4.55 0.89
N PHE B 9 -9.30 4.42 0.05
CA PHE B 9 -7.96 4.94 0.36
C PHE B 9 -7.87 6.40 -0.16
N GLY B 10 -7.72 6.55 -1.50
CA GLY B 10 -7.40 7.86 -2.12
C GLY B 10 -8.60 8.75 -2.42
N LYS B 11 -9.39 9.07 -1.38
CA LYS B 11 -10.55 9.99 -1.47
C LYS B 11 -10.57 10.86 -0.22
N ALA B 12 -10.57 10.17 0.94
CA ALA B 12 -10.37 10.79 2.25
C ALA B 12 -8.93 11.32 2.32
N ALA B 13 -8.77 12.66 2.30
CA ALA B 13 -7.45 13.33 2.14
C ALA B 13 -6.68 13.40 3.47
N MET B 14 -6.30 12.20 3.99
CA MET B 14 -5.56 11.98 5.25
C MET B 14 -6.43 12.29 6.52
N ASN B 15 -6.91 13.54 6.64
CA ASN B 15 -7.43 14.12 7.89
C ASN B 15 -8.67 13.37 8.41
N LYS B 16 -8.52 12.70 9.57
CA LYS B 16 -9.60 11.99 10.29
C LYS B 16 -10.05 10.74 9.47
N ASN A 1 3.42 10.02 -1.61
CA ASN A 1 2.04 10.22 -1.09
C ASN A 1 1.10 9.17 -1.69
N LEU A 2 -0.04 8.89 -1.02
CA LEU A 2 -1.06 7.95 -1.54
C LEU A 2 -2.43 8.63 -1.65
N ALA A 3 -2.98 9.15 -0.53
CA ALA A 3 -4.31 9.81 -0.50
C ALA A 3 -4.13 11.33 -0.41
N GLY A 4 -3.08 11.82 -1.10
CA GLY A 4 -2.57 13.17 -0.89
C GLY A 4 -1.94 13.33 0.48
N ALA A 5 -1.41 12.21 0.99
CA ALA A 5 -0.94 12.07 2.37
C ALA A 5 0.38 11.29 2.41
N VAL A 6 1.37 11.79 3.16
CA VAL A 6 2.69 11.13 3.34
C VAL A 6 2.75 10.50 4.75
N GLU A 7 2.01 11.12 5.67
CA GLU A 7 2.07 10.84 7.12
C GLU A 7 1.69 9.37 7.41
N PHE A 8 2.51 8.71 8.23
CA PHE A 8 2.43 7.27 8.51
C PHE A 8 1.05 6.86 9.12
N ASN A 9 0.46 7.74 9.95
CA ASN A 9 -0.83 7.44 10.62
C ASN A 9 -1.99 7.53 9.63
N ASP A 10 -1.86 8.39 8.59
CA ASP A 10 -2.83 8.42 7.48
C ASP A 10 -2.81 7.07 6.74
N VAL A 11 -1.60 6.66 6.35
CA VAL A 11 -1.35 5.39 5.60
C VAL A 11 -1.92 4.19 6.40
N LYS A 12 -1.64 4.20 7.71
CA LYS A 12 -2.05 3.16 8.68
C LYS A 12 -3.59 3.03 8.74
N THR A 13 -4.24 4.21 8.91
CA THR A 13 -5.71 4.34 9.02
C THR A 13 -6.38 3.95 7.69
N LEU A 14 -5.65 4.08 6.59
CA LEU A 14 -6.14 3.65 5.29
C LEU A 14 -6.12 2.10 5.19
N LEU A 15 -4.91 1.53 5.27
CA LEU A 15 -4.64 0.07 5.04
C LEU A 15 -5.49 -0.86 5.95
N ARG A 16 -5.72 -0.45 7.21
CA ARG A 16 -6.33 -1.34 8.23
C ARG A 16 -7.80 -1.68 7.88
N GLU A 17 -8.63 -0.64 7.77
CA GLU A 17 -10.07 -0.80 7.44
C GLU A 17 -10.26 -1.15 5.95
N TRP A 18 -9.26 -0.86 5.12
CA TRP A 18 -9.26 -1.33 3.71
C TRP A 18 -9.47 -2.85 3.68
N ILE A 19 -8.53 -3.53 4.32
CA ILE A 19 -8.42 -4.98 4.23
C ILE A 19 -9.44 -5.74 5.11
N THR A 20 -9.99 -5.04 6.13
CA THR A 20 -11.03 -5.64 7.02
C THR A 20 -12.47 -5.14 6.66
N THR A 21 -12.64 -3.80 6.60
CA THR A 21 -13.96 -3.13 6.40
C THR A 21 -14.43 -3.24 4.92
N ILE A 22 -13.49 -3.14 3.95
CA ILE A 22 -13.78 -3.39 2.51
C ILE A 22 -13.56 -4.89 2.25
N SER A 23 -14.44 -5.48 1.45
CA SER A 23 -14.36 -6.88 1.07
C SER A 23 -13.49 -7.07 -0.18
N ASP A 24 -13.78 -6.28 -1.23
CA ASP A 24 -13.10 -6.39 -2.54
C ASP A 24 -12.69 -4.99 -3.03
N PRO A 25 -11.36 -4.69 -3.17
CA PRO A 25 -10.89 -3.35 -3.55
C PRO A 25 -10.95 -3.08 -5.06
N MET A 26 -11.21 -1.82 -5.43
CA MET A 26 -10.96 -1.30 -6.78
C MET A 26 -9.47 -0.93 -6.88
N GLU A 27 -8.95 -0.88 -8.12
CA GLU A 27 -7.50 -0.80 -8.36
C GLU A 27 -6.92 0.58 -7.97
N GLU A 28 -7.80 1.59 -7.82
CA GLU A 28 -7.39 2.99 -7.59
C GLU A 28 -6.59 3.17 -6.27
N ASP A 29 -7.02 2.51 -5.16
CA ASP A 29 -6.25 2.52 -3.89
C ASP A 29 -5.08 1.52 -3.90
N ILE A 30 -5.16 0.47 -4.73
CA ILE A 30 -4.02 -0.45 -4.96
C ILE A 30 -2.87 0.29 -5.69
N LEU A 31 -3.25 1.21 -6.61
CA LEU A 31 -2.28 1.97 -7.42
C LEU A 31 -1.62 3.07 -6.58
N GLN A 32 -2.41 3.78 -5.74
CA GLN A 32 -1.89 4.90 -4.93
C GLN A 32 -0.88 4.42 -3.88
N VAL A 33 -1.05 3.17 -3.37
CA VAL A 33 -0.11 2.58 -2.39
C VAL A 33 1.17 2.07 -3.08
N VAL A 34 1.04 1.56 -4.33
CA VAL A 34 2.22 1.23 -5.15
C VAL A 34 3.01 2.53 -5.43
N LYS A 35 2.29 3.61 -5.79
CA LYS A 35 2.87 4.95 -6.08
C LYS A 35 3.56 5.51 -4.83
N TYR A 36 2.89 5.42 -3.68
CA TYR A 36 3.41 5.85 -2.37
C TYR A 36 4.75 5.17 -2.08
N CYS A 37 4.71 3.84 -2.14
CA CYS A 37 5.84 2.97 -1.80
C CYS A 37 7.05 3.17 -2.73
N THR A 38 6.80 3.21 -4.05
CA THR A 38 7.86 3.36 -5.07
C THR A 38 8.47 4.78 -5.01
N ASP A 39 7.62 5.80 -4.80
CA ASP A 39 8.07 7.20 -4.61
C ASP A 39 8.91 7.35 -3.31
N LEU A 40 8.60 6.53 -2.26
CA LEU A 40 9.44 6.48 -1.03
C LEU A 40 10.85 5.98 -1.38
N ILE A 41 10.93 4.99 -2.29
CA ILE A 41 12.21 4.45 -2.77
C ILE A 41 13.00 5.55 -3.55
N GLU A 42 12.25 6.44 -4.24
CA GLU A 42 12.85 7.54 -5.05
C GLU A 42 13.37 8.67 -4.15
N GLU A 43 12.70 8.85 -2.99
CA GLU A 43 13.13 9.82 -1.96
C GLU A 43 14.16 9.22 -1.00
N LYS A 44 14.43 7.92 -1.19
CA LYS A 44 15.36 7.09 -0.39
C LYS A 44 14.85 6.95 1.07
N ASP A 45 13.55 7.26 1.23
CA ASP A 45 12.81 7.17 2.48
C ASP A 45 12.08 5.81 2.53
N LEU A 46 12.87 4.74 2.38
CA LEU A 46 12.38 3.36 2.49
C LEU A 46 12.24 2.95 3.99
N GLU A 47 12.49 3.93 4.89
CA GLU A 47 12.27 3.79 6.33
C GLU A 47 10.79 3.46 6.62
N LYS A 48 9.86 4.33 6.14
CA LYS A 48 8.41 4.09 6.29
C LYS A 48 7.93 2.98 5.35
N LEU A 49 8.57 2.83 4.17
CA LEU A 49 8.24 1.76 3.17
C LEU A 49 8.21 0.39 3.86
N ASP A 50 9.21 0.15 4.71
CA ASP A 50 9.31 -1.08 5.51
C ASP A 50 8.03 -1.32 6.34
N LEU A 51 7.71 -0.39 7.26
CA LEU A 51 6.57 -0.52 8.20
C LEU A 51 5.20 -0.58 7.45
N VAL A 52 5.08 0.20 6.38
CA VAL A 52 3.84 0.33 5.57
C VAL A 52 3.55 -0.98 4.81
N ILE A 53 4.58 -1.53 4.14
CA ILE A 53 4.49 -2.83 3.46
C ILE A 53 4.20 -3.94 4.49
N LYS A 54 4.84 -3.85 5.68
CA LYS A 54 4.66 -4.85 6.75
C LYS A 54 3.22 -4.83 7.29
N TYR A 55 2.58 -3.65 7.22
CA TYR A 55 1.25 -3.46 7.80
C TYR A 55 0.19 -4.09 6.90
N MET A 56 0.21 -3.64 5.62
CA MET A 56 -0.72 -4.14 4.59
C MET A 56 -0.53 -5.65 4.39
N LYS A 57 0.74 -6.13 4.42
CA LYS A 57 1.07 -7.53 4.11
C LYS A 57 0.55 -8.48 5.20
N ARG A 58 0.63 -8.06 6.50
CA ARG A 58 0.10 -8.88 7.61
C ARG A 58 -1.39 -9.09 7.42
N LEU A 59 -2.09 -7.99 7.16
CA LEU A 59 -3.53 -7.99 6.93
C LEU A 59 -3.94 -8.84 5.67
N MET A 60 -3.10 -8.80 4.61
CA MET A 60 -3.37 -9.47 3.31
C MET A 60 -3.03 -10.96 3.36
N GLN A 61 -2.04 -11.32 4.18
CA GLN A 61 -1.61 -12.71 4.41
C GLN A 61 -2.58 -13.38 5.41
N GLN A 62 -3.10 -12.52 6.30
CA GLN A 62 -4.15 -12.84 7.29
C GLN A 62 -5.51 -13.09 6.58
N SER A 63 -5.73 -12.37 5.47
CA SER A 63 -6.84 -12.64 4.54
C SER A 63 -6.34 -13.74 3.57
N VAL A 64 -6.43 -15.00 4.04
CA VAL A 64 -5.64 -16.16 3.56
C VAL A 64 -5.75 -16.41 2.03
N GLU A 65 -6.98 -16.55 1.52
CA GLU A 65 -7.25 -16.79 0.09
C GLU A 65 -8.28 -15.75 -0.41
N SER A 66 -7.78 -14.56 -0.77
CA SER A 66 -8.62 -13.40 -1.12
C SER A 66 -7.96 -12.53 -2.19
N VAL A 67 -8.71 -11.52 -2.68
CA VAL A 67 -8.18 -10.46 -3.59
C VAL A 67 -7.07 -9.66 -2.86
N TRP A 68 -7.16 -9.62 -1.52
CA TRP A 68 -6.15 -9.00 -0.64
C TRP A 68 -4.81 -9.74 -0.73
N ASN A 69 -4.89 -11.08 -0.72
CA ASN A 69 -3.71 -11.95 -0.78
C ASN A 69 -3.01 -11.84 -2.17
N MET A 70 -3.83 -11.56 -3.20
CA MET A 70 -3.38 -11.30 -4.57
C MET A 70 -2.75 -9.89 -4.68
N ALA A 71 -3.33 -8.95 -3.91
CA ALA A 71 -2.82 -7.56 -3.83
C ALA A 71 -1.47 -7.52 -3.09
N PHE A 72 -1.30 -8.45 -2.13
CA PHE A 72 -0.01 -8.71 -1.46
C PHE A 72 1.05 -9.05 -2.51
N ASP A 73 0.74 -10.08 -3.33
CA ASP A 73 1.64 -10.57 -4.39
C ASP A 73 2.01 -9.45 -5.40
N PHE A 74 0.99 -8.64 -5.76
CA PHE A 74 1.14 -7.54 -6.73
C PHE A 74 2.08 -6.44 -6.19
N ILE A 75 1.70 -5.86 -5.03
CA ILE A 75 2.38 -4.68 -4.45
C ILE A 75 3.82 -5.05 -4.06
N LEU A 76 4.00 -6.21 -3.40
CA LEU A 76 5.32 -6.74 -3.01
C LEU A 76 6.25 -6.88 -4.23
N ASP A 77 5.71 -7.34 -5.37
CA ASP A 77 6.48 -7.44 -6.63
C ASP A 77 6.95 -6.05 -7.08
N ASN A 78 5.97 -5.16 -7.32
CA ASN A 78 6.21 -3.81 -7.91
C ASN A 78 7.18 -2.96 -7.08
N VAL A 79 7.08 -3.06 -5.74
CA VAL A 79 7.95 -2.28 -4.84
C VAL A 79 9.39 -2.83 -4.87
N GLN A 80 9.56 -4.17 -4.92
CA GLN A 80 10.91 -4.81 -4.95
C GLN A 80 11.58 -4.66 -6.32
N VAL A 81 10.77 -4.52 -7.39
CA VAL A 81 11.26 -4.27 -8.77
C VAL A 81 11.88 -2.86 -8.87
N VAL A 82 11.16 -1.87 -8.34
CA VAL A 82 11.62 -0.48 -8.30
C VAL A 82 12.77 -0.32 -7.27
N LEU A 83 12.76 -1.17 -6.23
CA LEU A 83 13.78 -1.19 -5.16
C LEU A 83 15.12 -1.75 -5.69
N GLN A 84 15.08 -2.75 -6.60
CA GLN A 84 16.31 -3.32 -7.20
C GLN A 84 16.87 -2.41 -8.33
N GLN A 85 15.98 -1.61 -8.95
CA GLN A 85 16.38 -0.62 -9.98
C GLN A 85 16.97 0.66 -9.35
N THR A 86 16.30 1.17 -8.31
CA THR A 86 16.62 2.46 -7.69
C THR A 86 17.67 2.28 -6.60
N TYR A 87 17.32 1.46 -5.60
CA TYR A 87 18.15 1.27 -4.42
C TYR A 87 19.25 0.22 -4.69
N GLY A 88 18.99 -0.67 -5.68
CA GLY A 88 19.96 -1.70 -6.07
C GLY A 88 20.04 -2.84 -5.08
N SER A 89 19.08 -2.87 -4.14
CA SER A 89 19.05 -3.85 -3.06
C SER A 89 17.59 -4.14 -2.65
N THR A 90 17.11 -5.37 -2.94
CA THR A 90 15.79 -5.84 -2.50
C THR A 90 15.84 -6.22 -1.00
N LEU A 91 14.73 -5.96 -0.27
CA LEU A 91 14.56 -6.43 1.12
C LEU A 91 13.35 -7.37 1.17
N LYS A 92 13.45 -8.42 1.98
CA LYS A 92 12.33 -9.36 2.22
C LYS A 92 11.66 -9.01 3.55
N VAL A 93 10.35 -9.26 3.60
CA VAL A 93 9.51 -8.91 4.73
C VAL A 93 9.44 -10.10 5.69
N THR A 94 10.56 -10.28 6.41
CA THR A 94 10.78 -11.38 7.36
C THR A 94 11.75 -10.94 8.48
N LYS B 1 -21.04 8.32 -3.62
CA LYS B 1 -21.99 8.18 -4.72
C LYS B 1 -21.68 6.92 -5.57
N GLY B 2 -20.78 6.06 -5.04
CA GLY B 2 -20.38 4.82 -5.71
C GLY B 2 -18.86 4.69 -5.84
N ASN B 3 -18.41 3.61 -6.49
CA ASN B 3 -16.97 3.34 -6.71
C ASN B 3 -16.57 3.67 -8.18
N MET B 4 -17.30 4.63 -8.79
CA MET B 4 -17.09 5.07 -10.19
C MET B 4 -15.73 5.80 -10.31
N MET B 5 -14.67 5.00 -10.61
CA MET B 5 -13.24 5.39 -10.48
C MET B 5 -13.03 6.13 -9.16
N SER B 6 -13.19 5.37 -8.06
CA SER B 6 -13.07 5.87 -6.70
C SER B 6 -12.20 4.91 -5.90
N ASN B 7 -12.08 5.15 -4.59
CA ASN B 7 -11.10 4.52 -3.71
C ASN B 7 -11.29 5.07 -2.32
N PHE B 8 -11.60 4.22 -1.34
CA PHE B 8 -11.95 4.67 0.02
C PHE B 8 -10.74 5.40 0.69
N PHE B 9 -9.53 5.18 0.13
CA PHE B 9 -8.33 5.99 0.45
C PHE B 9 -8.41 7.40 -0.17
N GLY B 10 -8.12 7.49 -1.50
CA GLY B 10 -7.96 8.78 -2.20
C GLY B 10 -9.20 9.68 -2.19
N LYS B 11 -10.39 9.06 -2.14
CA LYS B 11 -11.68 9.79 -2.04
C LYS B 11 -11.77 10.50 -0.67
N ALA B 12 -11.22 9.86 0.36
CA ALA B 12 -11.01 10.48 1.68
C ALA B 12 -9.61 11.13 1.71
N ALA B 13 -9.49 12.28 1.02
CA ALA B 13 -8.22 13.02 0.86
C ALA B 13 -7.66 13.46 2.24
N MET B 14 -6.51 12.83 2.63
CA MET B 14 -5.87 13.00 3.96
C MET B 14 -6.85 12.61 5.09
N ASN B 15 -7.68 11.58 4.80
CA ASN B 15 -8.81 11.16 5.65
C ASN B 15 -9.88 12.29 5.72
N LYS B 16 -11.04 12.05 5.08
CA LYS B 16 -12.09 13.07 4.89
C LYS B 16 -13.46 12.35 4.83
N ASN A 1 4.27 11.07 -1.18
CA ASN A 1 3.60 11.05 0.15
C ASN A 1 2.97 9.67 0.39
N LEU A 2 2.11 9.61 1.39
CA LEU A 2 1.12 8.54 1.51
C LEU A 2 -0.25 9.17 1.14
N ALA A 3 -1.37 8.76 1.77
CA ALA A 3 -2.71 9.25 1.38
C ALA A 3 -2.94 10.68 1.90
N GLY A 4 -2.39 11.66 1.16
CA GLY A 4 -2.60 13.08 1.43
C GLY A 4 -1.77 13.61 2.59
N ALA A 5 -0.76 12.83 3.03
CA ALA A 5 0.05 13.14 4.22
C ALA A 5 1.20 12.14 4.37
N VAL A 6 2.06 12.38 5.37
CA VAL A 6 3.25 11.55 5.65
C VAL A 6 3.26 11.11 7.13
N GLU A 7 2.08 10.90 7.71
CA GLU A 7 1.95 10.59 9.14
C GLU A 7 1.55 9.12 9.30
N PHE A 8 2.41 8.30 9.94
CA PHE A 8 2.28 6.82 9.92
C PHE A 8 0.92 6.32 10.50
N ASN A 9 0.24 7.12 11.33
CA ASN A 9 -1.09 6.75 11.89
C ASN A 9 -2.16 6.87 10.81
N ASP A 10 -2.06 7.93 9.95
CA ASP A 10 -3.03 8.14 8.83
C ASP A 10 -2.90 6.97 7.84
N VAL A 11 -1.64 6.65 7.57
CA VAL A 11 -1.20 5.54 6.73
C VAL A 11 -1.88 4.21 7.15
N LYS A 12 -1.78 3.93 8.45
CA LYS A 12 -2.29 2.67 9.03
C LYS A 12 -3.82 2.68 9.14
N THR A 13 -4.42 3.88 9.28
CA THR A 13 -5.89 4.06 9.35
C THR A 13 -6.55 3.50 8.10
N LEU A 14 -5.98 3.84 6.92
CA LEU A 14 -6.49 3.35 5.64
C LEU A 14 -6.24 1.84 5.52
N LEU A 15 -4.95 1.44 5.60
CA LEU A 15 -4.48 0.03 5.40
C LEU A 15 -5.33 -0.99 6.21
N ARG A 16 -5.72 -0.60 7.44
CA ARG A 16 -6.51 -1.45 8.33
C ARG A 16 -7.95 -1.53 7.80
N GLU A 17 -8.54 -0.34 7.60
CA GLU A 17 -9.90 -0.15 7.06
C GLU A 17 -10.04 -0.79 5.65
N TRP A 18 -8.91 -0.88 4.96
CA TRP A 18 -8.82 -1.35 3.59
C TRP A 18 -9.05 -2.86 3.56
N ILE A 19 -8.18 -3.55 4.28
CA ILE A 19 -8.11 -5.01 4.27
C ILE A 19 -9.26 -5.65 5.12
N THR A 20 -9.98 -4.82 5.93
CA THR A 20 -11.13 -5.29 6.74
C THR A 20 -12.50 -4.81 6.18
N THR A 21 -12.64 -3.49 5.87
CA THR A 21 -13.94 -2.87 5.52
C THR A 21 -14.27 -3.01 4.02
N ILE A 22 -13.23 -2.97 3.14
CA ILE A 22 -13.45 -3.00 1.69
C ILE A 22 -13.80 -4.43 1.25
N SER A 23 -15.03 -4.61 0.77
CA SER A 23 -15.52 -5.91 0.29
C SER A 23 -15.04 -6.15 -1.15
N ASP A 24 -15.10 -5.09 -1.97
CA ASP A 24 -14.66 -5.09 -3.37
C ASP A 24 -13.48 -4.12 -3.53
N PRO A 25 -12.19 -4.62 -3.51
CA PRO A 25 -10.99 -3.75 -3.67
C PRO A 25 -10.95 -3.05 -5.05
N MET A 26 -11.20 -1.74 -5.03
CA MET A 26 -11.03 -0.87 -6.20
C MET A 26 -9.53 -0.83 -6.61
N GLU A 27 -9.26 -0.64 -7.90
CA GLU A 27 -7.87 -0.53 -8.41
C GLU A 27 -7.19 0.75 -7.86
N GLU A 28 -8.00 1.75 -7.47
CA GLU A 28 -7.52 3.09 -7.07
C GLU A 28 -6.50 3.05 -5.91
N ASP A 29 -6.89 2.43 -4.78
CA ASP A 29 -6.01 2.31 -3.59
C ASP A 29 -4.85 1.30 -3.83
N ILE A 30 -5.05 0.33 -4.73
CA ILE A 30 -4.00 -0.68 -5.08
C ILE A 30 -2.89 0.06 -5.87
N LEU A 31 -3.35 0.95 -6.74
CA LEU A 31 -2.52 1.76 -7.63
C LEU A 31 -1.67 2.73 -6.82
N GLN A 32 -2.33 3.52 -5.95
CA GLN A 32 -1.67 4.61 -5.22
C GLN A 32 -0.72 4.05 -4.15
N VAL A 33 -1.06 2.92 -3.50
CA VAL A 33 -0.12 2.28 -2.53
C VAL A 33 1.20 1.86 -3.22
N VAL A 34 1.11 1.25 -4.44
CA VAL A 34 2.32 0.90 -5.23
C VAL A 34 3.08 2.19 -5.66
N LYS A 35 2.32 3.24 -5.99
CA LYS A 35 2.86 4.53 -6.49
C LYS A 35 3.70 5.22 -5.40
N TYR A 36 3.18 5.21 -4.16
CA TYR A 36 3.86 5.79 -2.99
C TYR A 36 5.16 5.03 -2.73
N CYS A 37 5.01 3.70 -2.68
CA CYS A 37 6.09 2.76 -2.36
C CYS A 37 7.35 2.98 -3.24
N THR A 38 7.15 2.93 -4.56
CA THR A 38 8.21 3.09 -5.57
C THR A 38 8.85 4.51 -5.48
N ASP A 39 7.97 5.52 -5.27
CA ASP A 39 8.38 6.93 -5.11
C ASP A 39 9.32 7.10 -3.90
N LEU A 40 8.93 6.51 -2.75
CA LEU A 40 9.67 6.64 -1.47
C LEU A 40 11.05 5.98 -1.54
N ILE A 41 11.18 4.96 -2.41
CA ILE A 41 12.49 4.34 -2.72
C ILE A 41 13.42 5.38 -3.37
N GLU A 42 12.85 6.13 -4.34
CA GLU A 42 13.60 7.18 -5.08
C GLU A 42 13.82 8.44 -4.20
N GLU A 43 12.92 8.65 -3.23
CA GLU A 43 13.02 9.77 -2.27
C GLU A 43 13.96 9.44 -1.09
N LYS A 44 14.37 8.15 -1.00
CA LYS A 44 15.13 7.59 0.14
C LYS A 44 14.31 7.68 1.47
N ASP A 45 12.98 7.84 1.31
CA ASP A 45 12.00 7.84 2.43
C ASP A 45 11.40 6.42 2.54
N LEU A 46 12.22 5.42 2.14
CA LEU A 46 11.84 4.00 2.08
C LEU A 46 11.83 3.36 3.48
N GLU A 47 12.06 4.17 4.52
CA GLU A 47 11.91 3.75 5.91
C GLU A 47 10.41 3.66 6.24
N LYS A 48 9.63 4.66 5.78
CA LYS A 48 8.16 4.63 5.89
C LYS A 48 7.60 3.46 5.09
N LEU A 49 8.15 3.27 3.87
CA LEU A 49 7.80 2.16 2.96
C LEU A 49 7.83 0.81 3.70
N ASP A 50 8.95 0.55 4.39
CA ASP A 50 9.15 -0.69 5.15
C ASP A 50 7.99 -0.90 6.14
N LEU A 51 7.66 0.16 6.87
CA LEU A 51 6.59 0.18 7.88
C LEU A 51 5.18 -0.04 7.24
N VAL A 52 4.91 0.62 6.09
CA VAL A 52 3.64 0.50 5.32
C VAL A 52 3.43 -0.97 4.88
N ILE A 53 4.51 -1.54 4.30
CA ILE A 53 4.51 -2.90 3.75
C ILE A 53 4.35 -3.95 4.85
N LYS A 54 4.93 -3.72 6.04
CA LYS A 54 4.87 -4.70 7.14
C LYS A 54 3.47 -4.75 7.76
N TYR A 55 2.76 -3.61 7.69
CA TYR A 55 1.38 -3.49 8.20
C TYR A 55 0.39 -4.12 7.18
N MET A 56 0.61 -3.79 5.90
CA MET A 56 -0.16 -4.33 4.75
C MET A 56 -0.01 -5.87 4.66
N LYS A 57 1.27 -6.32 4.70
CA LYS A 57 1.65 -7.74 4.63
C LYS A 57 1.06 -8.51 5.80
N ARG A 58 1.10 -7.89 7.01
CA ARG A 58 0.54 -8.52 8.23
C ARG A 58 -0.92 -8.89 7.99
N LEU A 59 -1.71 -7.92 7.56
CA LEU A 59 -3.17 -8.06 7.41
C LEU A 59 -3.56 -8.95 6.21
N MET A 60 -2.76 -8.92 5.14
CA MET A 60 -3.00 -9.76 3.93
C MET A 60 -2.64 -11.23 4.19
N GLN A 61 -1.52 -11.47 4.85
CA GLN A 61 -1.05 -12.83 5.17
C GLN A 61 -1.96 -13.45 6.28
N GLN A 62 -2.43 -12.56 7.16
CA GLN A 62 -3.43 -12.85 8.21
C GLN A 62 -4.81 -13.15 7.59
N SER A 63 -5.09 -12.51 6.45
CA SER A 63 -6.24 -12.84 5.60
C SER A 63 -5.96 -14.19 4.91
N VAL A 64 -7.00 -15.03 4.76
CA VAL A 64 -6.85 -16.43 4.28
C VAL A 64 -6.26 -16.46 2.86
N GLU A 65 -6.97 -15.84 1.89
CA GLU A 65 -6.50 -15.71 0.50
C GLU A 65 -7.20 -14.50 -0.19
N SER A 66 -8.37 -14.73 -0.83
CA SER A 66 -9.11 -13.69 -1.60
C SER A 66 -8.24 -13.03 -2.71
N VAL A 67 -8.82 -12.02 -3.36
CA VAL A 67 -8.09 -11.12 -4.28
C VAL A 67 -7.11 -10.20 -3.51
N TRP A 68 -7.23 -10.15 -2.17
CA TRP A 68 -6.34 -9.36 -1.29
C TRP A 68 -4.88 -9.84 -1.36
N ASN A 69 -4.66 -11.17 -1.30
CA ASN A 69 -3.30 -11.75 -1.41
C ASN A 69 -2.80 -11.75 -2.88
N MET A 70 -3.73 -11.72 -3.85
CA MET A 70 -3.39 -11.62 -5.29
C MET A 70 -2.84 -10.21 -5.60
N ALA A 71 -3.55 -9.20 -5.04
CA ALA A 71 -3.19 -7.79 -5.17
C ALA A 71 -1.92 -7.49 -4.36
N PHE A 72 -1.78 -8.18 -3.22
CA PHE A 72 -0.57 -8.13 -2.37
C PHE A 72 0.64 -8.70 -3.11
N ASP A 73 0.43 -9.78 -3.88
CA ASP A 73 1.48 -10.39 -4.72
C ASP A 73 1.99 -9.35 -5.73
N PHE A 74 1.05 -8.57 -6.28
CA PHE A 74 1.35 -7.45 -7.20
C PHE A 74 2.16 -6.35 -6.49
N ILE A 75 1.59 -5.81 -5.38
CA ILE A 75 2.15 -4.65 -4.63
C ILE A 75 3.58 -4.94 -4.19
N LEU A 76 3.74 -6.05 -3.44
CA LEU A 76 5.02 -6.47 -2.85
C LEU A 76 6.07 -6.77 -3.94
N ASP A 77 5.66 -7.50 -5.00
CA ASP A 77 6.59 -7.85 -6.10
C ASP A 77 7.17 -6.59 -6.76
N ASN A 78 6.29 -5.73 -7.28
CA ASN A 78 6.69 -4.54 -8.09
C ASN A 78 7.53 -3.55 -7.28
N VAL A 79 7.24 -3.39 -5.96
CA VAL A 79 8.03 -2.48 -5.10
C VAL A 79 9.44 -3.08 -4.83
N GLN A 80 9.51 -4.40 -4.65
CA GLN A 80 10.79 -5.09 -4.40
C GLN A 80 11.64 -5.20 -5.69
N VAL A 81 10.98 -5.13 -6.86
CA VAL A 81 11.65 -5.09 -8.17
C VAL A 81 12.42 -3.77 -8.34
N VAL A 82 11.74 -2.63 -8.13
CA VAL A 82 12.38 -1.30 -8.23
C VAL A 82 13.38 -1.07 -7.06
N LEU A 83 13.11 -1.66 -5.88
CA LEU A 83 14.01 -1.61 -4.70
C LEU A 83 15.32 -2.37 -5.01
N GLN A 84 15.19 -3.47 -5.77
CA GLN A 84 16.33 -4.28 -6.24
C GLN A 84 17.22 -3.45 -7.18
N GLN A 85 16.57 -2.69 -8.06
CA GLN A 85 17.25 -1.86 -9.08
C GLN A 85 17.90 -0.60 -8.47
N THR A 86 17.19 0.04 -7.54
CA THR A 86 17.59 1.34 -6.97
C THR A 86 18.61 1.14 -5.83
N TYR A 87 18.22 0.32 -4.86
CA TYR A 87 19.02 0.10 -3.64
C TYR A 87 20.12 -0.94 -3.87
N GLY A 88 19.90 -1.86 -4.84
CA GLY A 88 20.85 -2.95 -5.13
C GLY A 88 20.71 -4.11 -4.15
N SER A 89 19.80 -3.94 -3.18
CA SER A 89 19.57 -4.88 -2.09
C SER A 89 18.08 -4.86 -1.72
N THR A 90 17.43 -6.02 -1.82
CA THR A 90 15.99 -6.19 -1.58
C THR A 90 15.75 -6.77 -0.17
N LEU A 91 15.00 -6.04 0.69
CA LEU A 91 14.54 -6.57 1.99
C LEU A 91 13.43 -7.61 1.77
N LYS A 92 13.33 -8.60 2.67
CA LYS A 92 12.29 -9.65 2.60
C LYS A 92 11.46 -9.61 3.89
N VAL A 93 10.15 -9.34 3.74
CA VAL A 93 9.20 -9.24 4.86
C VAL A 93 8.57 -10.64 5.07
N THR A 94 9.37 -11.52 5.68
CA THR A 94 8.99 -12.93 5.96
C THR A 94 8.06 -13.04 7.18
N LYS B 1 -24.26 -3.17 -3.85
CA LYS B 1 -24.23 -1.71 -3.82
C LYS B 1 -23.36 -1.21 -2.63
N GLY B 2 -22.79 -2.15 -1.86
CA GLY B 2 -21.89 -1.83 -0.75
C GLY B 2 -20.46 -1.56 -1.24
N ASN B 3 -20.27 -0.39 -1.88
CA ASN B 3 -18.95 0.02 -2.42
C ASN B 3 -18.72 1.52 -2.12
N MET B 4 -17.44 1.89 -1.94
CA MET B 4 -17.03 3.26 -1.58
C MET B 4 -17.06 4.17 -2.84
N MET B 5 -16.97 5.51 -2.63
CA MET B 5 -17.19 6.53 -3.70
C MET B 5 -15.93 6.75 -4.60
N SER B 6 -15.10 5.70 -4.75
CA SER B 6 -13.84 5.68 -5.53
C SER B 6 -12.70 6.44 -4.83
N ASN B 7 -11.50 5.82 -4.89
CA ASN B 7 -10.26 6.34 -4.26
C ASN B 7 -10.41 6.37 -2.74
N PHE B 8 -10.82 5.21 -2.18
CA PHE B 8 -10.99 5.01 -0.73
C PHE B 8 -9.79 5.55 0.07
N PHE B 9 -8.58 5.25 -0.41
CA PHE B 9 -7.34 5.74 0.19
C PHE B 9 -7.34 7.30 0.22
N GLY B 10 -7.17 7.90 -0.95
CA GLY B 10 -7.10 9.37 -1.08
C GLY B 10 -8.37 10.15 -0.68
N LYS B 11 -9.48 9.46 -0.29
CA LYS B 11 -10.75 10.10 0.13
C LYS B 11 -11.03 9.86 1.63
N ALA B 12 -10.47 8.79 2.22
CA ALA B 12 -10.58 8.52 3.67
C ALA B 12 -9.61 9.44 4.43
N ALA B 13 -8.30 9.25 4.19
CA ALA B 13 -7.26 10.12 4.75
C ALA B 13 -6.81 11.12 3.68
N MET B 14 -6.92 12.39 4.05
CA MET B 14 -6.42 13.54 3.28
C MET B 14 -5.53 14.39 4.20
N ASN B 15 -5.02 15.52 3.68
CA ASN B 15 -4.37 16.54 4.51
C ASN B 15 -5.41 17.14 5.47
N LYS B 16 -5.23 16.87 6.78
CA LYS B 16 -6.19 17.23 7.82
C LYS B 16 -5.49 18.13 8.87
N ASN A 1 3.77 9.41 0.60
CA ASN A 1 2.77 9.77 1.64
C ASN A 1 1.40 9.13 1.32
N LEU A 2 0.89 8.25 2.20
CA LEU A 2 -0.31 7.43 1.90
C LEU A 2 -1.59 8.32 1.96
N ALA A 3 -2.25 8.46 0.80
CA ALA A 3 -3.35 9.43 0.57
C ALA A 3 -2.86 10.86 0.83
N GLY A 4 -1.59 11.13 0.46
CA GLY A 4 -0.98 12.44 0.74
C GLY A 4 -0.84 12.74 2.24
N ALA A 5 -0.87 11.68 3.06
CA ALA A 5 -0.74 11.79 4.52
C ALA A 5 0.52 11.00 4.95
N VAL A 6 1.49 11.72 5.54
CA VAL A 6 2.77 11.15 5.96
C VAL A 6 2.57 10.21 7.17
N GLU A 7 1.63 10.59 8.06
CA GLU A 7 1.42 9.93 9.36
C GLU A 7 1.11 8.42 9.19
N PHE A 8 1.86 7.56 9.91
CA PHE A 8 1.60 6.10 9.92
C PHE A 8 0.27 5.81 10.65
N ASN A 9 -0.20 6.75 11.49
CA ASN A 9 -1.53 6.67 12.11
C ASN A 9 -2.60 6.64 11.00
N ASP A 10 -2.35 7.47 9.97
CA ASP A 10 -3.23 7.63 8.79
C ASP A 10 -3.05 6.47 7.79
N VAL A 11 -1.78 6.04 7.58
CA VAL A 11 -1.45 4.89 6.70
C VAL A 11 -2.15 3.62 7.22
N LYS A 12 -1.99 3.40 8.52
CA LYS A 12 -2.60 2.30 9.26
C LYS A 12 -4.13 2.34 9.15
N THR A 13 -4.72 3.53 9.38
CA THR A 13 -6.19 3.75 9.36
C THR A 13 -6.83 3.21 8.07
N LEU A 14 -6.27 3.63 6.92
CA LEU A 14 -6.83 3.29 5.61
C LEU A 14 -6.53 1.81 5.23
N LEU A 15 -5.28 1.33 5.44
CA LEU A 15 -4.87 -0.07 5.12
C LEU A 15 -5.66 -1.12 5.94
N ARG A 16 -5.95 -0.78 7.21
CA ARG A 16 -6.59 -1.71 8.16
C ARG A 16 -8.05 -1.89 7.77
N GLU A 17 -8.70 -0.74 7.55
CA GLU A 17 -10.09 -0.65 7.16
C GLU A 17 -10.29 -1.22 5.72
N TRP A 18 -9.24 -1.16 4.90
CA TRP A 18 -9.25 -1.69 3.52
C TRP A 18 -9.45 -3.21 3.56
N ILE A 19 -8.52 -3.86 4.24
CA ILE A 19 -8.37 -5.31 4.22
C ILE A 19 -9.45 -6.01 5.07
N THR A 20 -10.13 -5.28 5.98
CA THR A 20 -11.27 -5.82 6.76
C THR A 20 -12.65 -5.36 6.21
N THR A 21 -12.84 -4.03 6.04
CA THR A 21 -14.16 -3.43 5.70
C THR A 21 -14.48 -3.55 4.20
N ILE A 22 -13.46 -3.34 3.34
CA ILE A 22 -13.63 -3.37 1.88
C ILE A 22 -13.53 -4.85 1.40
N SER A 23 -14.38 -5.22 0.45
CA SER A 23 -14.33 -6.54 -0.20
C SER A 23 -13.97 -6.38 -1.71
N ASP A 24 -14.39 -5.25 -2.31
CA ASP A 24 -14.04 -4.88 -3.70
C ASP A 24 -12.98 -3.75 -3.69
N PRO A 25 -11.66 -4.08 -3.87
CA PRO A 25 -10.56 -3.10 -3.77
C PRO A 25 -10.55 -2.16 -4.99
N MET A 26 -10.78 -0.84 -4.76
CA MET A 26 -10.80 0.14 -5.86
C MET A 26 -9.38 0.36 -6.41
N GLU A 27 -9.26 0.27 -7.75
CA GLU A 27 -7.97 0.20 -8.45
C GLU A 27 -7.08 1.43 -8.16
N GLU A 28 -7.68 2.61 -7.94
CA GLU A 28 -6.92 3.84 -7.69
C GLU A 28 -6.31 3.92 -6.26
N ASP A 29 -6.90 3.18 -5.27
CA ASP A 29 -6.20 2.98 -3.95
C ASP A 29 -5.12 1.88 -4.03
N ILE A 30 -5.22 0.98 -5.02
CA ILE A 30 -4.15 -0.01 -5.29
C ILE A 30 -3.01 0.72 -6.05
N LEU A 31 -3.43 1.66 -6.90
CA LEU A 31 -2.54 2.48 -7.75
C LEU A 31 -1.73 3.44 -6.87
N GLN A 32 -2.42 4.14 -5.93
CA GLN A 32 -1.79 5.14 -5.07
C GLN A 32 -0.69 4.49 -4.21
N VAL A 33 -0.99 3.32 -3.59
CA VAL A 33 -0.04 2.65 -2.69
C VAL A 33 1.20 2.10 -3.41
N VAL A 34 1.02 1.51 -4.62
CA VAL A 34 2.15 1.02 -5.45
C VAL A 34 3.03 2.22 -5.89
N LYS A 35 2.35 3.33 -6.26
CA LYS A 35 3.01 4.57 -6.75
C LYS A 35 3.86 5.22 -5.63
N TYR A 36 3.31 5.24 -4.40
CA TYR A 36 4.00 5.85 -3.24
C TYR A 36 5.20 5.00 -2.86
N CYS A 37 4.99 3.68 -2.78
CA CYS A 37 6.03 2.72 -2.39
C CYS A 37 7.28 2.82 -3.28
N THR A 38 7.05 2.82 -4.61
CA THR A 38 8.12 2.94 -5.62
C THR A 38 8.80 4.32 -5.52
N ASP A 39 7.98 5.37 -5.29
CA ASP A 39 8.46 6.76 -5.09
C ASP A 39 9.40 6.85 -3.88
N LEU A 40 9.00 6.22 -2.75
CA LEU A 40 9.72 6.29 -1.46
C LEU A 40 11.11 5.64 -1.57
N ILE A 41 11.22 4.60 -2.42
CA ILE A 41 12.51 3.98 -2.75
C ILE A 41 13.45 5.02 -3.43
N GLU A 42 12.90 5.69 -4.44
CA GLU A 42 13.65 6.63 -5.30
C GLU A 42 13.88 7.97 -4.55
N GLU A 43 13.08 8.19 -3.49
CA GLU A 43 13.18 9.35 -2.60
C GLU A 43 14.15 9.05 -1.44
N LYS A 44 14.57 7.77 -1.33
CA LYS A 44 15.51 7.25 -0.31
C LYS A 44 14.86 7.23 1.09
N ASP A 45 13.53 7.33 1.10
CA ASP A 45 12.70 7.24 2.30
C ASP A 45 12.16 5.79 2.41
N LEU A 46 13.09 4.87 2.68
CA LEU A 46 12.77 3.46 2.96
C LEU A 46 12.18 3.28 4.37
N GLU A 47 12.06 4.38 5.14
CA GLU A 47 11.44 4.38 6.47
C GLU A 47 9.92 4.22 6.36
N LYS A 48 9.26 5.11 5.58
CA LYS A 48 7.81 5.01 5.35
C LYS A 48 7.51 3.75 4.57
N LEU A 49 8.40 3.45 3.60
CA LEU A 49 8.33 2.23 2.78
C LEU A 49 8.27 0.99 3.68
N ASP A 50 9.11 0.98 4.74
CA ASP A 50 9.16 -0.09 5.73
C ASP A 50 7.79 -0.33 6.39
N LEU A 51 7.23 0.73 7.02
CA LEU A 51 5.97 0.64 7.80
C LEU A 51 4.73 0.38 6.91
N VAL A 52 4.63 1.12 5.80
CA VAL A 52 3.55 0.99 4.78
C VAL A 52 3.44 -0.48 4.29
N ILE A 53 4.58 -1.00 3.80
CA ILE A 53 4.68 -2.37 3.24
C ILE A 53 4.44 -3.43 4.33
N LYS A 54 5.04 -3.26 5.52
CA LYS A 54 4.95 -4.26 6.61
C LYS A 54 3.51 -4.40 7.12
N TYR A 55 2.75 -3.31 7.06
CA TYR A 55 1.39 -3.28 7.60
C TYR A 55 0.44 -4.01 6.66
N MET A 56 0.44 -3.60 5.37
CA MET A 56 -0.39 -4.26 4.34
C MET A 56 0.03 -5.74 4.18
N LYS A 57 1.34 -6.02 4.40
CA LYS A 57 1.92 -7.38 4.33
C LYS A 57 1.20 -8.32 5.29
N ARG A 58 1.31 -7.99 6.59
CA ARG A 58 0.89 -8.87 7.70
C ARG A 58 -0.64 -9.08 7.72
N LEU A 59 -1.36 -8.03 7.29
CA LEU A 59 -2.83 -8.06 7.20
C LEU A 59 -3.30 -8.99 6.07
N MET A 60 -2.71 -8.81 4.88
CA MET A 60 -3.01 -9.62 3.68
C MET A 60 -2.48 -11.06 3.82
N GLN A 61 -1.46 -11.23 4.68
CA GLN A 61 -0.87 -12.54 5.01
C GLN A 61 -1.88 -13.39 5.82
N GLN A 62 -2.43 -12.81 6.91
CA GLN A 62 -3.44 -13.49 7.75
C GLN A 62 -4.80 -13.59 7.01
N SER A 63 -5.00 -12.69 6.02
CA SER A 63 -6.17 -12.71 5.13
C SER A 63 -5.88 -13.70 3.98
N VAL A 64 -5.87 -14.99 4.35
CA VAL A 64 -5.42 -16.09 3.49
C VAL A 64 -6.36 -16.25 2.27
N GLU A 65 -7.63 -16.62 2.53
CA GLU A 65 -8.62 -16.85 1.48
C GLU A 65 -9.31 -15.52 1.08
N SER A 66 -8.52 -14.61 0.47
CA SER A 66 -9.00 -13.27 0.06
C SER A 66 -8.22 -12.74 -1.16
N VAL A 67 -8.86 -11.82 -1.91
CA VAL A 67 -8.23 -11.08 -3.04
C VAL A 67 -7.08 -10.20 -2.53
N TRP A 68 -7.13 -9.87 -1.23
CA TRP A 68 -6.08 -9.11 -0.52
C TRP A 68 -4.72 -9.80 -0.62
N ASN A 69 -4.73 -11.14 -0.52
CA ASN A 69 -3.52 -11.97 -0.59
C ASN A 69 -2.90 -11.92 -2.00
N MET A 70 -3.78 -11.87 -3.02
CA MET A 70 -3.38 -11.78 -4.45
C MET A 70 -2.83 -10.38 -4.79
N ALA A 71 -3.51 -9.35 -4.24
CA ALA A 71 -3.14 -7.94 -4.43
C ALA A 71 -1.81 -7.65 -3.72
N PHE A 72 -1.59 -8.36 -2.61
CA PHE A 72 -0.34 -8.35 -1.84
C PHE A 72 0.83 -8.84 -2.69
N ASP A 73 0.63 -9.99 -3.38
CA ASP A 73 1.66 -10.55 -4.28
C ASP A 73 2.07 -9.52 -5.35
N PHE A 74 1.07 -8.78 -5.86
CA PHE A 74 1.28 -7.72 -6.86
C PHE A 74 2.11 -6.54 -6.28
N ILE A 75 1.61 -5.94 -5.19
CA ILE A 75 2.21 -4.71 -4.59
C ILE A 75 3.66 -4.98 -4.11
N LEU A 76 3.85 -6.09 -3.37
CA LEU A 76 5.14 -6.45 -2.77
C LEU A 76 6.17 -6.82 -3.86
N ASP A 77 5.71 -7.44 -4.96
CA ASP A 77 6.60 -7.73 -6.10
C ASP A 77 7.07 -6.41 -6.74
N ASN A 78 6.09 -5.58 -7.18
CA ASN A 78 6.33 -4.29 -7.88
C ASN A 78 7.31 -3.39 -7.12
N VAL A 79 7.11 -3.28 -5.79
CA VAL A 79 7.96 -2.44 -4.94
C VAL A 79 9.39 -2.99 -4.89
N GLN A 80 9.54 -4.32 -4.71
CA GLN A 80 10.86 -4.98 -4.60
C GLN A 80 11.63 -5.00 -5.95
N VAL A 81 10.88 -4.92 -7.07
CA VAL A 81 11.47 -4.85 -8.42
C VAL A 81 12.10 -3.45 -8.67
N VAL A 82 11.35 -2.39 -8.31
CA VAL A 82 11.85 -0.99 -8.41
C VAL A 82 12.98 -0.74 -7.37
N LEU A 83 12.90 -1.48 -6.26
CA LEU A 83 13.85 -1.44 -5.14
C LEU A 83 15.23 -2.00 -5.54
N GLN A 84 15.22 -3.16 -6.24
CA GLN A 84 16.47 -3.82 -6.68
C GLN A 84 17.14 -3.06 -7.84
N GLN A 85 16.33 -2.41 -8.70
CA GLN A 85 16.86 -1.65 -9.86
C GLN A 85 17.35 -0.24 -9.46
N THR A 86 16.57 0.46 -8.61
CA THR A 86 16.87 1.84 -8.20
C THR A 86 17.92 1.84 -7.06
N TYR A 87 17.55 1.19 -5.95
CA TYR A 87 18.33 1.26 -4.71
C TYR A 87 19.47 0.22 -4.71
N GLY A 88 19.27 -0.88 -5.48
CA GLY A 88 20.26 -1.95 -5.59
C GLY A 88 20.35 -2.77 -4.31
N SER A 89 19.29 -2.70 -3.48
CA SER A 89 19.22 -3.38 -2.20
C SER A 89 17.76 -3.74 -1.87
N THR A 90 17.40 -5.02 -2.02
CA THR A 90 16.04 -5.50 -1.79
C THR A 90 15.84 -5.90 -0.31
N LEU A 91 15.14 -5.06 0.45
CA LEU A 91 14.68 -5.39 1.82
C LEU A 91 13.50 -6.37 1.74
N LYS A 92 13.22 -7.03 2.87
CA LYS A 92 12.14 -8.04 2.96
C LYS A 92 11.62 -8.13 4.41
N VAL A 93 10.30 -8.36 4.56
CA VAL A 93 9.64 -8.47 5.87
C VAL A 93 9.90 -9.86 6.46
N THR A 94 9.30 -10.88 5.82
CA THR A 94 9.42 -12.32 6.21
C THR A 94 8.74 -13.21 5.17
N LYS B 1 -20.39 8.83 -2.69
CA LYS B 1 -21.71 8.24 -2.90
C LYS B 1 -21.70 7.23 -4.06
N GLY B 2 -20.53 7.06 -4.70
CA GLY B 2 -20.37 6.15 -5.83
C GLY B 2 -18.92 5.79 -6.05
N ASN B 3 -18.66 4.49 -6.28
CA ASN B 3 -17.30 3.95 -6.53
C ASN B 3 -16.80 4.29 -7.95
N MET B 4 -17.68 4.89 -8.78
CA MET B 4 -17.33 5.34 -10.15
C MET B 4 -16.26 6.44 -10.09
N MET B 5 -14.99 6.03 -10.27
CA MET B 5 -13.79 6.86 -10.04
C MET B 5 -13.79 7.43 -8.60
N SER B 6 -13.48 6.55 -7.63
CA SER B 6 -13.43 6.90 -6.21
C SER B 6 -12.29 6.15 -5.53
N ASN B 7 -11.90 6.66 -4.36
CA ASN B 7 -10.76 6.17 -3.58
C ASN B 7 -11.09 6.33 -2.10
N PHE B 8 -11.18 5.19 -1.42
CA PHE B 8 -11.53 5.12 0.01
C PHE B 8 -10.30 5.47 0.88
N PHE B 9 -9.10 5.45 0.28
CA PHE B 9 -7.84 5.86 0.96
C PHE B 9 -7.74 7.36 1.10
N GLY B 10 -7.86 8.06 -0.04
CA GLY B 10 -8.01 9.52 -0.05
C GLY B 10 -9.27 10.05 0.66
N LYS B 11 -10.13 9.13 1.19
CA LYS B 11 -11.32 9.50 1.95
C LYS B 11 -11.25 8.99 3.43
N ALA B 12 -10.41 7.96 3.71
CA ALA B 12 -10.17 7.46 5.11
C ALA B 12 -9.01 8.23 5.76
N ALA B 13 -8.18 8.80 4.89
CA ALA B 13 -7.18 9.83 5.21
C ALA B 13 -7.33 10.96 4.18
N MET B 14 -6.40 11.93 4.17
CA MET B 14 -6.41 13.09 3.24
C MET B 14 -7.62 14.01 3.52
N ASN B 15 -8.79 13.59 3.04
CA ASN B 15 -10.06 14.30 3.22
C ASN B 15 -10.84 13.65 4.37
N LYS B 16 -10.97 14.39 5.49
CA LYS B 16 -11.66 13.94 6.72
C LYS B 16 -10.84 12.80 7.40
N ASN A 1 4.05 10.42 0.07
CA ASN A 1 3.02 10.70 1.12
C ASN A 1 1.78 9.83 0.88
N LEU A 2 1.50 8.92 1.83
CA LEU A 2 0.41 7.93 1.72
C LEU A 2 -0.96 8.59 1.96
N ALA A 3 -1.68 8.80 0.83
CA ALA A 3 -2.93 9.54 0.75
C ALA A 3 -2.69 10.97 1.23
N GLY A 4 -1.58 11.54 0.71
CA GLY A 4 -1.14 12.89 1.02
C GLY A 4 -0.65 13.08 2.47
N ALA A 5 -0.57 11.96 3.23
CA ALA A 5 -0.21 11.97 4.64
C ALA A 5 1.05 11.12 4.87
N VAL A 6 2.10 11.76 5.38
CA VAL A 6 3.37 11.10 5.75
C VAL A 6 3.28 10.50 7.18
N GLU A 7 2.21 10.85 7.92
CA GLU A 7 2.00 10.38 9.28
C GLU A 7 1.53 8.93 9.24
N PHE A 8 2.33 8.00 9.80
CA PHE A 8 2.04 6.54 9.76
C PHE A 8 0.68 6.21 10.43
N ASN A 9 0.19 7.08 11.32
CA ASN A 9 -1.11 6.89 11.97
C ASN A 9 -2.19 6.99 10.90
N ASP A 10 -2.09 8.04 10.06
CA ASP A 10 -3.04 8.31 8.97
C ASP A 10 -2.97 7.22 7.91
N VAL A 11 -1.72 6.87 7.53
CA VAL A 11 -1.41 5.72 6.63
C VAL A 11 -2.15 4.44 7.07
N LYS A 12 -2.03 4.14 8.37
CA LYS A 12 -2.62 2.96 9.01
C LYS A 12 -4.14 3.10 9.13
N THR A 13 -4.61 4.35 9.34
CA THR A 13 -6.04 4.68 9.42
C THR A 13 -6.73 4.40 8.06
N LEU A 14 -5.97 4.40 6.96
CA LEU A 14 -6.47 3.82 5.72
C LEU A 14 -6.25 2.29 5.73
N LEU A 15 -4.95 1.88 5.75
CA LEU A 15 -4.47 0.49 5.43
C LEU A 15 -5.25 -0.62 6.15
N ARG A 16 -5.50 -0.42 7.46
CA ARG A 16 -5.97 -1.48 8.34
C ARG A 16 -7.40 -1.90 8.02
N GLU A 17 -8.31 -0.92 7.99
CA GLU A 17 -9.70 -1.17 7.60
C GLU A 17 -9.76 -1.49 6.12
N TRP A 18 -8.95 -0.78 5.33
CA TRP A 18 -8.88 -0.91 3.87
C TRP A 18 -8.82 -2.40 3.43
N ILE A 19 -7.88 -3.13 4.00
CA ILE A 19 -7.74 -4.57 3.71
C ILE A 19 -8.91 -5.41 4.29
N THR A 20 -9.24 -5.22 5.58
CA THR A 20 -10.17 -6.13 6.30
C THR A 20 -11.68 -5.74 6.15
N THR A 21 -11.96 -4.56 5.59
CA THR A 21 -13.31 -3.97 5.49
C THR A 21 -13.80 -3.95 4.03
N ILE A 22 -12.92 -3.53 3.08
CA ILE A 22 -13.33 -3.37 1.66
C ILE A 22 -13.25 -4.75 1.00
N SER A 23 -14.41 -5.28 0.55
CA SER A 23 -14.50 -6.64 0.00
C SER A 23 -13.84 -6.70 -1.38
N ASP A 24 -14.20 -5.71 -2.21
CA ASP A 24 -13.62 -5.49 -3.52
C ASP A 24 -12.91 -4.12 -3.52
N PRO A 25 -11.54 -4.09 -3.40
CA PRO A 25 -10.74 -2.85 -3.49
C PRO A 25 -10.93 -2.18 -4.85
N MET A 26 -11.08 -0.85 -4.82
CA MET A 26 -11.02 -0.04 -6.04
C MET A 26 -9.57 -0.05 -6.51
N GLU A 27 -9.31 -0.48 -7.75
CA GLU A 27 -7.93 -0.67 -8.25
C GLU A 27 -7.13 0.65 -8.16
N GLU A 28 -7.86 1.78 -8.16
CA GLU A 28 -7.33 3.13 -8.00
C GLU A 28 -6.50 3.28 -6.71
N ASP A 29 -7.01 2.74 -5.57
CA ASP A 29 -6.29 2.79 -4.26
C ASP A 29 -5.17 1.72 -4.17
N ILE A 30 -5.29 0.63 -4.94
CA ILE A 30 -4.20 -0.36 -5.07
C ILE A 30 -3.03 0.26 -5.89
N LEU A 31 -3.37 1.03 -6.92
CA LEU A 31 -2.41 1.75 -7.78
C LEU A 31 -1.78 2.89 -6.98
N GLN A 32 -2.62 3.45 -6.11
CA GLN A 32 -2.30 4.57 -5.25
C GLN A 32 -1.10 4.22 -4.36
N VAL A 33 -1.27 3.13 -3.59
CA VAL A 33 -0.27 2.64 -2.62
C VAL A 33 1.02 2.12 -3.31
N VAL A 34 0.90 1.44 -4.47
CA VAL A 34 2.08 0.95 -5.23
C VAL A 34 2.92 2.14 -5.74
N LYS A 35 2.20 3.17 -6.24
CA LYS A 35 2.82 4.41 -6.75
C LYS A 35 3.64 5.09 -5.63
N TYR A 36 3.01 5.26 -4.46
CA TYR A 36 3.67 5.87 -3.28
C TYR A 36 4.92 5.10 -2.88
N CYS A 37 4.77 3.77 -2.79
CA CYS A 37 5.84 2.87 -2.33
C CYS A 37 7.10 2.96 -3.22
N THR A 38 6.90 3.05 -4.55
CA THR A 38 8.02 3.24 -5.50
C THR A 38 8.65 4.63 -5.32
N ASP A 39 7.78 5.62 -5.01
CA ASP A 39 8.20 7.00 -4.72
C ASP A 39 8.92 7.09 -3.36
N LEU A 40 8.60 6.17 -2.43
CA LEU A 40 9.28 6.08 -1.12
C LEU A 40 10.72 5.63 -1.33
N ILE A 41 10.91 4.71 -2.27
CA ILE A 41 12.24 4.16 -2.62
C ILE A 41 13.17 5.27 -3.20
N GLU A 42 12.64 6.09 -4.14
CA GLU A 42 13.44 7.16 -4.79
C GLU A 42 13.62 8.37 -3.84
N GLU A 43 12.68 8.53 -2.89
CA GLU A 43 12.75 9.60 -1.85
C GLU A 43 13.54 9.14 -0.61
N LYS A 44 14.06 7.90 -0.65
CA LYS A 44 14.89 7.28 0.42
C LYS A 44 14.07 7.07 1.72
N ASP A 45 12.73 7.12 1.60
CA ASP A 45 11.81 6.77 2.69
C ASP A 45 11.61 5.24 2.71
N LEU A 46 12.72 4.48 2.80
CA LEU A 46 12.70 3.01 2.90
C LEU A 46 12.19 2.56 4.29
N GLU A 47 12.15 3.52 5.22
CA GLU A 47 11.55 3.33 6.55
C GLU A 47 10.05 3.22 6.36
N LYS A 48 9.48 4.24 5.70
CA LYS A 48 8.05 4.32 5.45
C LYS A 48 7.61 3.24 4.45
N LEU A 49 8.53 2.84 3.56
CA LEU A 49 8.36 1.69 2.65
C LEU A 49 8.15 0.43 3.51
N ASP A 50 9.05 0.21 4.48
CA ASP A 50 8.97 -0.93 5.42
C ASP A 50 7.65 -0.90 6.21
N LEU A 51 7.28 0.27 6.74
CA LEU A 51 6.06 0.44 7.58
C LEU A 51 4.75 0.20 6.78
N VAL A 52 4.65 0.78 5.57
CA VAL A 52 3.48 0.64 4.67
C VAL A 52 3.35 -0.82 4.18
N ILE A 53 4.44 -1.33 3.59
CA ILE A 53 4.47 -2.66 2.95
C ILE A 53 4.26 -3.78 3.97
N LYS A 54 4.86 -3.66 5.16
CA LYS A 54 4.81 -4.70 6.20
C LYS A 54 3.46 -4.72 6.92
N TYR A 55 2.81 -3.54 7.03
CA TYR A 55 1.48 -3.44 7.65
C TYR A 55 0.44 -4.06 6.70
N MET A 56 0.54 -3.66 5.42
CA MET A 56 -0.36 -4.14 4.36
C MET A 56 -0.13 -5.65 4.11
N LYS A 57 1.14 -6.08 4.21
CA LYS A 57 1.55 -7.50 4.09
C LYS A 57 0.88 -8.33 5.18
N ARG A 58 1.08 -7.86 6.44
CA ARG A 58 0.64 -8.58 7.64
C ARG A 58 -0.86 -8.90 7.61
N LEU A 59 -1.63 -7.90 7.16
CA LEU A 59 -3.10 -7.97 7.14
C LEU A 59 -3.63 -8.82 5.97
N MET A 60 -3.03 -8.67 4.78
CA MET A 60 -3.39 -9.45 3.57
C MET A 60 -3.02 -10.94 3.73
N GLN A 61 -1.96 -11.19 4.52
CA GLN A 61 -1.43 -12.54 4.75
C GLN A 61 -2.23 -13.25 5.87
N GLN A 62 -2.66 -12.50 6.91
CA GLN A 62 -3.52 -13.07 8.00
C GLN A 62 -4.97 -13.18 7.52
N SER A 63 -5.31 -12.42 6.44
CA SER A 63 -6.59 -12.60 5.71
C SER A 63 -6.58 -13.98 5.02
N VAL A 64 -5.36 -14.43 4.65
CA VAL A 64 -4.98 -15.82 4.29
C VAL A 64 -5.40 -16.23 2.87
N GLU A 65 -6.65 -15.97 2.51
CA GLU A 65 -7.20 -16.24 1.17
C GLU A 65 -8.26 -15.17 0.81
N SER A 66 -7.91 -14.27 -0.12
CA SER A 66 -8.77 -13.15 -0.57
C SER A 66 -8.24 -12.58 -1.91
N VAL A 67 -8.96 -11.58 -2.47
CA VAL A 67 -8.43 -10.75 -3.59
C VAL A 67 -7.22 -9.92 -3.09
N TRP A 68 -7.21 -9.66 -1.78
CA TRP A 68 -6.13 -8.96 -1.07
C TRP A 68 -4.85 -9.77 -1.04
N ASN A 69 -4.96 -11.11 -1.15
CA ASN A 69 -3.77 -11.98 -1.19
C ASN A 69 -3.13 -11.94 -2.60
N MET A 70 -3.97 -11.65 -3.62
CA MET A 70 -3.52 -11.38 -5.00
C MET A 70 -2.85 -10.00 -5.08
N ALA A 71 -3.49 -8.99 -4.44
CA ALA A 71 -2.97 -7.62 -4.33
C ALA A 71 -1.69 -7.59 -3.47
N PHE A 72 -1.61 -8.51 -2.50
CA PHE A 72 -0.42 -8.75 -1.66
C PHE A 72 0.79 -9.10 -2.53
N ASP A 73 0.61 -10.11 -3.40
CA ASP A 73 1.65 -10.56 -4.34
C ASP A 73 2.03 -9.43 -5.31
N PHE A 74 1.02 -8.67 -5.76
CA PHE A 74 1.16 -7.57 -6.74
C PHE A 74 2.05 -6.44 -6.19
N ILE A 75 1.65 -5.89 -5.02
CA ILE A 75 2.28 -4.71 -4.42
C ILE A 75 3.74 -5.04 -4.04
N LEU A 76 3.92 -6.08 -3.20
CA LEU A 76 5.24 -6.48 -2.66
C LEU A 76 6.24 -6.80 -3.79
N ASP A 77 5.77 -7.47 -4.85
CA ASP A 77 6.63 -7.82 -6.01
C ASP A 77 7.15 -6.55 -6.70
N ASN A 78 6.21 -5.71 -7.18
CA ASN A 78 6.52 -4.57 -8.06
C ASN A 78 7.36 -3.50 -7.35
N VAL A 79 7.14 -3.33 -6.03
CA VAL A 79 7.90 -2.35 -5.23
C VAL A 79 9.34 -2.85 -5.00
N GLN A 80 9.51 -4.18 -4.77
CA GLN A 80 10.83 -4.80 -4.57
C GLN A 80 11.61 -4.91 -5.89
N VAL A 81 10.88 -4.93 -7.02
CA VAL A 81 11.48 -4.82 -8.38
C VAL A 81 12.17 -3.45 -8.52
N VAL A 82 11.41 -2.37 -8.22
CA VAL A 82 11.92 -0.99 -8.23
C VAL A 82 13.04 -0.81 -7.19
N LEU A 83 12.89 -1.47 -6.03
CA LEU A 83 13.82 -1.36 -4.88
C LEU A 83 15.18 -2.00 -5.22
N GLN A 84 15.12 -3.08 -6.02
CA GLN A 84 16.30 -3.80 -6.51
C GLN A 84 17.08 -2.96 -7.54
N GLN A 85 16.33 -2.31 -8.46
CA GLN A 85 16.91 -1.52 -9.56
C GLN A 85 17.47 -0.17 -9.05
N THR A 86 16.73 0.44 -8.11
CA THR A 86 17.00 1.81 -7.64
C THR A 86 18.05 1.80 -6.53
N TYR A 87 17.80 1.01 -5.49
CA TYR A 87 18.65 1.00 -4.30
C TYR A 87 19.77 -0.05 -4.42
N GLY A 88 19.55 -1.10 -5.23
CA GLY A 88 20.50 -2.21 -5.37
C GLY A 88 20.43 -3.19 -4.20
N SER A 89 19.34 -3.08 -3.42
CA SER A 89 19.08 -3.91 -2.25
C SER A 89 17.56 -4.04 -2.07
N THR A 90 17.12 -5.19 -1.53
CA THR A 90 15.69 -5.48 -1.28
C THR A 90 15.50 -5.86 0.20
N LEU A 91 14.80 -5.01 0.97
CA LEU A 91 14.35 -5.36 2.33
C LEU A 91 13.21 -6.39 2.21
N LYS A 92 13.40 -7.57 2.82
CA LYS A 92 12.47 -8.70 2.70
C LYS A 92 11.49 -8.71 3.88
N VAL A 93 10.19 -8.65 3.56
CA VAL A 93 9.11 -8.61 4.56
C VAL A 93 8.62 -10.05 4.80
N THR A 94 9.50 -10.83 5.45
CA THR A 94 9.30 -12.26 5.75
C THR A 94 9.29 -12.51 7.27
N LYS B 1 -15.02 5.07 -14.73
CA LYS B 1 -16.12 4.34 -14.10
C LYS B 1 -15.71 2.89 -13.79
N GLY B 2 -16.61 2.16 -13.10
CA GLY B 2 -16.34 0.81 -12.60
C GLY B 2 -15.62 0.87 -11.26
N ASN B 3 -16.26 1.59 -10.32
CA ASN B 3 -15.72 1.92 -8.97
C ASN B 3 -14.47 2.84 -9.05
N MET B 4 -14.20 3.40 -10.24
CA MET B 4 -13.04 4.28 -10.50
C MET B 4 -13.26 5.66 -9.86
N MET B 5 -14.54 6.03 -9.71
CA MET B 5 -14.96 7.28 -9.06
C MET B 5 -14.76 7.20 -7.53
N SER B 6 -14.66 5.96 -7.01
CA SER B 6 -14.51 5.68 -5.58
C SER B 6 -13.05 5.30 -5.25
N ASN B 7 -12.72 5.40 -3.96
CA ASN B 7 -11.39 5.15 -3.38
C ASN B 7 -11.59 5.00 -1.88
N PHE B 8 -10.69 4.29 -1.21
CA PHE B 8 -10.67 4.19 0.26
C PHE B 8 -9.27 4.52 0.80
N PHE B 9 -8.28 4.63 -0.11
CA PHE B 9 -6.97 5.23 0.22
C PHE B 9 -6.93 6.65 -0.37
N GLY B 10 -7.08 6.73 -1.71
CA GLY B 10 -6.89 7.98 -2.45
C GLY B 10 -8.05 8.98 -2.36
N LYS B 11 -9.14 8.63 -1.66
CA LYS B 11 -10.34 9.49 -1.55
C LYS B 11 -10.09 10.63 -0.55
N ALA B 12 -9.82 10.24 0.71
CA ALA B 12 -9.41 11.19 1.76
C ALA B 12 -7.89 11.37 1.68
N ALA B 13 -7.46 12.18 0.70
CA ALA B 13 -6.04 12.47 0.47
C ALA B 13 -5.59 13.65 1.37
N MET B 14 -4.52 14.38 0.97
CA MET B 14 -3.89 15.44 1.82
C MET B 14 -4.89 16.50 2.33
N ASN B 15 -5.93 16.77 1.51
CA ASN B 15 -6.98 17.75 1.83
C ASN B 15 -8.34 17.06 1.65
N LYS B 16 -8.66 16.67 0.39
CA LYS B 16 -9.89 15.95 0.05
C LYS B 16 -9.67 15.14 -1.26
#